data_1XN9
#
_entry.id   1XN9
#
_entity_poly.entity_id   1
_entity_poly.type   'polypeptide(L)'
_entity_poly.pdbx_seq_one_letter_code
;MDIKIIKDKKNPLLNRRELDFIVKYEGSTPSRNDVRNKLAAMLNAPLELLVIQRIKTEYGMQESKGYAKLYEDADRMKQV
EQEYVLKRNAVPGSETEGEEA
;
_entity_poly.pdbx_strand_id   A
#
# COMPACT_ATOMS: atom_id res chain seq x y z
N MET A 1 5.95 18.24 -7.16
CA MET A 1 4.53 18.26 -7.47
C MET A 1 3.71 18.69 -6.25
N ASP A 2 2.40 18.68 -6.43
CA ASP A 2 1.50 19.07 -5.36
C ASP A 2 0.62 17.87 -4.97
N ILE A 3 0.41 17.72 -3.68
CA ILE A 3 -0.40 16.63 -3.17
C ILE A 3 -1.49 17.18 -2.25
N LYS A 4 -2.65 16.56 -2.32
CA LYS A 4 -3.77 16.99 -1.49
C LYS A 4 -4.39 15.77 -0.82
N ILE A 5 -4.30 15.76 0.51
CA ILE A 5 -4.84 14.67 1.29
C ILE A 5 -6.37 14.70 1.22
N ILE A 6 -6.92 13.78 0.44
CA ILE A 6 -8.37 13.70 0.28
C ILE A 6 -8.99 13.27 1.61
N LYS A 7 -8.74 12.02 1.97
CA LYS A 7 -9.27 11.46 3.21
C LYS A 7 -8.29 10.44 3.77
N ASP A 8 -8.44 10.17 5.06
CA ASP A 8 -7.57 9.22 5.73
C ASP A 8 -8.43 8.19 6.48
N LYS A 9 -8.45 6.98 5.95
CA LYS A 9 -9.22 5.91 6.56
C LYS A 9 -8.30 5.09 7.48
N LYS A 10 -8.90 4.56 8.54
CA LYS A 10 -8.16 3.76 9.50
C LYS A 10 -8.64 2.31 9.43
N ASN A 11 -7.71 1.40 9.66
CA ASN A 11 -8.04 -0.02 9.63
C ASN A 11 -7.13 -0.76 10.61
N PRO A 12 -7.64 -0.92 11.86
CA PRO A 12 -6.89 -1.61 12.89
C PRO A 12 -6.89 -3.13 12.66
N LEU A 13 -7.82 -3.56 11.82
CA LEU A 13 -7.94 -4.97 11.50
C LEU A 13 -6.68 -5.44 10.77
N LEU A 14 -6.47 -4.86 9.59
CA LEU A 14 -5.31 -5.22 8.79
C LEU A 14 -4.07 -4.53 9.36
N ASN A 15 -4.32 -3.46 10.11
CA ASN A 15 -3.24 -2.71 10.73
C ASN A 15 -2.62 -1.78 9.69
N ARG A 16 -3.47 -1.31 8.78
CA ARG A 16 -3.02 -0.41 7.73
C ARG A 16 -3.83 0.88 7.76
N ARG A 17 -3.63 1.69 6.73
CA ARG A 17 -4.34 2.96 6.63
C ARG A 17 -4.55 3.33 5.16
N GLU A 18 -5.81 3.48 4.79
CA GLU A 18 -6.17 3.83 3.43
C GLU A 18 -6.27 5.35 3.29
N LEU A 19 -5.23 5.94 2.72
CA LEU A 19 -5.19 7.37 2.52
C LEU A 19 -5.37 7.68 1.02
N ASP A 20 -6.22 8.65 0.75
CA ASP A 20 -6.49 9.05 -0.63
C ASP A 20 -6.05 10.51 -0.82
N PHE A 21 -5.50 10.78 -1.99
CA PHE A 21 -5.05 12.12 -2.32
C PHE A 21 -4.95 12.31 -3.83
N ILE A 22 -4.74 13.56 -4.22
CA ILE A 22 -4.62 13.89 -5.63
C ILE A 22 -3.25 14.53 -5.88
N VAL A 23 -2.59 14.06 -6.93
CA VAL A 23 -1.28 14.58 -7.29
C VAL A 23 -1.42 15.52 -8.49
N LYS A 24 -0.87 16.72 -8.33
CA LYS A 24 -0.93 17.72 -9.37
C LYS A 24 0.49 18.19 -9.70
N TYR A 25 0.69 18.55 -10.95
CA TYR A 25 2.00 19.02 -11.41
C TYR A 25 1.87 19.77 -12.73
N GLU A 26 2.99 20.35 -13.14
CA GLU A 26 3.02 21.11 -14.38
C GLU A 26 4.20 20.65 -15.25
N GLY A 27 4.08 19.46 -15.79
CA GLY A 27 5.11 18.89 -16.63
C GLY A 27 5.22 17.38 -16.44
N SER A 28 6.44 16.87 -16.61
CA SER A 28 6.68 15.45 -16.46
C SER A 28 5.96 14.92 -15.21
N THR A 29 5.31 13.80 -15.38
CA THR A 29 4.58 13.17 -14.28
C THR A 29 5.55 12.76 -13.17
N PRO A 30 5.06 12.85 -11.91
CA PRO A 30 5.86 12.50 -10.75
C PRO A 30 6.00 10.97 -10.63
N SER A 31 7.00 10.56 -9.87
CA SER A 31 7.25 9.15 -9.67
C SER A 31 6.62 8.69 -8.35
N ARG A 32 6.07 7.49 -8.37
CA ARG A 32 5.44 6.93 -7.19
C ARG A 32 6.34 7.11 -5.97
N ASN A 33 7.64 7.02 -6.21
CA ASN A 33 8.62 7.17 -5.14
C ASN A 33 8.61 8.63 -4.66
N ASP A 34 8.51 9.53 -5.62
CA ASP A 34 8.50 10.95 -5.32
C ASP A 34 7.26 11.27 -4.49
N VAL A 35 6.13 10.71 -4.91
CA VAL A 35 4.87 10.94 -4.22
C VAL A 35 4.93 10.29 -2.84
N ARG A 36 5.51 9.10 -2.80
CA ARG A 36 5.64 8.36 -1.55
C ARG A 36 6.44 9.18 -0.55
N ASN A 37 7.61 9.61 -0.98
CA ASN A 37 8.48 10.39 -0.12
C ASN A 37 7.75 11.66 0.33
N LYS A 38 6.95 12.20 -0.58
CA LYS A 38 6.18 13.40 -0.29
C LYS A 38 5.16 13.10 0.81
N LEU A 39 4.38 12.06 0.59
CA LEU A 39 3.37 11.66 1.55
C LEU A 39 4.04 11.31 2.88
N ALA A 40 5.01 10.42 2.80
CA ALA A 40 5.75 9.99 3.98
C ALA A 40 6.19 11.23 4.77
N ALA A 41 6.56 12.26 4.03
CA ALA A 41 7.00 13.50 4.64
C ALA A 41 5.79 14.26 5.19
N MET A 42 4.70 14.18 4.44
CA MET A 42 3.47 14.85 4.85
C MET A 42 2.89 14.22 6.12
N LEU A 43 2.84 12.90 6.11
CA LEU A 43 2.31 12.16 7.25
C LEU A 43 3.47 11.81 8.20
N ASN A 44 4.63 12.34 7.88
CA ASN A 44 5.81 12.10 8.69
C ASN A 44 5.87 10.62 9.07
N ALA A 45 5.50 9.78 8.11
CA ALA A 45 5.50 8.34 8.32
C ALA A 45 6.62 7.71 7.50
N PRO A 46 6.91 6.42 7.82
CA PRO A 46 7.96 5.70 7.12
C PRO A 46 7.49 5.27 5.72
N LEU A 47 8.44 5.25 4.80
CA LEU A 47 8.13 4.87 3.43
C LEU A 47 7.87 3.37 3.37
N GLU A 48 8.78 2.60 3.97
CA GLU A 48 8.64 1.16 3.99
C GLU A 48 7.21 0.76 4.38
N LEU A 49 6.66 1.51 5.32
CA LEU A 49 5.31 1.24 5.79
C LEU A 49 4.31 1.83 4.79
N LEU A 50 4.74 2.88 4.12
CA LEU A 50 3.90 3.54 3.13
C LEU A 50 3.98 2.77 1.81
N VAL A 51 2.81 2.46 1.27
CA VAL A 51 2.73 1.75 0.01
C VAL A 51 1.71 2.44 -0.91
N ILE A 52 1.87 2.20 -2.19
CA ILE A 52 0.98 2.79 -3.19
C ILE A 52 0.25 1.68 -3.94
N GLN A 53 -1.07 1.76 -3.93
CA GLN A 53 -1.90 0.78 -4.61
C GLN A 53 -1.68 0.86 -6.13
N ARG A 54 -1.93 2.05 -6.65
CA ARG A 54 -1.77 2.28 -8.08
C ARG A 54 -2.18 3.72 -8.44
N ILE A 55 -1.30 4.38 -9.18
CA ILE A 55 -1.56 5.75 -9.60
C ILE A 55 -2.26 5.74 -10.95
N LYS A 56 -3.20 6.67 -11.10
CA LYS A 56 -3.95 6.79 -12.33
C LYS A 56 -3.82 8.21 -12.88
N THR A 57 -3.23 8.31 -14.06
CA THR A 57 -3.04 9.61 -14.70
C THR A 57 -4.21 9.92 -15.62
N GLU A 58 -4.65 11.16 -15.57
CA GLU A 58 -5.76 11.61 -16.40
C GLU A 58 -5.26 12.01 -17.79
N TYR A 59 -6.21 12.37 -18.64
CA TYR A 59 -5.88 12.76 -20.00
C TYR A 59 -5.72 14.28 -20.10
N GLY A 60 -4.50 14.71 -20.42
CA GLY A 60 -4.22 16.12 -20.55
C GLY A 60 -4.91 16.92 -19.45
N MET A 61 -4.79 16.43 -18.21
CA MET A 61 -5.40 17.09 -17.08
C MET A 61 -4.35 17.42 -16.01
N GLN A 62 -3.09 17.14 -16.35
CA GLN A 62 -2.00 17.41 -15.44
C GLN A 62 -2.42 17.10 -13.99
N GLU A 63 -2.82 15.85 -13.79
CA GLU A 63 -3.25 15.42 -12.48
C GLU A 63 -3.30 13.88 -12.43
N SER A 64 -2.72 13.35 -11.36
CA SER A 64 -2.69 11.90 -11.17
C SER A 64 -3.07 11.55 -9.73
N LYS A 65 -3.90 10.53 -9.61
CA LYS A 65 -4.35 10.09 -8.30
C LYS A 65 -3.82 8.68 -8.04
N GLY A 66 -3.69 8.36 -6.76
CA GLY A 66 -3.20 7.05 -6.37
C GLY A 66 -3.40 6.81 -4.86
N TYR A 67 -4.01 5.68 -4.54
CA TYR A 67 -4.25 5.33 -3.16
C TYR A 67 -3.01 4.73 -2.51
N ALA A 68 -2.69 5.24 -1.32
CA ALA A 68 -1.54 4.77 -0.59
C ALA A 68 -2.00 4.01 0.66
N LYS A 69 -1.14 3.12 1.12
CA LYS A 69 -1.44 2.32 2.30
C LYS A 69 -0.39 2.58 3.38
N LEU A 70 -0.82 3.21 4.46
CA LEU A 70 0.06 3.52 5.56
C LEU A 70 -0.11 2.46 6.66
N TYR A 71 1.01 1.86 7.03
CA TYR A 71 1.01 0.84 8.06
C TYR A 71 1.75 1.31 9.31
N GLU A 72 1.42 0.70 10.43
CA GLU A 72 2.05 1.04 11.70
C GLU A 72 3.33 0.24 11.89
N ASP A 73 3.39 -0.89 11.22
CA ASP A 73 4.56 -1.76 11.30
C ASP A 73 4.67 -2.59 10.02
N ALA A 74 5.90 -2.98 9.71
CA ALA A 74 6.15 -3.78 8.52
C ALA A 74 5.77 -5.24 8.79
N ASP A 75 6.03 -5.67 10.01
CA ASP A 75 5.72 -7.03 10.41
C ASP A 75 4.28 -7.35 10.01
N ARG A 76 3.42 -6.35 10.13
CA ARG A 76 2.02 -6.52 9.80
C ARG A 76 1.84 -6.55 8.27
N MET A 77 2.48 -5.59 7.62
CA MET A 77 2.40 -5.50 6.17
C MET A 77 2.75 -6.84 5.51
N LYS A 78 3.69 -7.53 6.14
CA LYS A 78 4.12 -8.82 5.63
C LYS A 78 3.01 -9.86 5.83
N GLN A 79 2.62 -10.02 7.09
CA GLN A 79 1.58 -10.96 7.43
C GLN A 79 0.30 -10.65 6.65
N VAL A 80 0.02 -9.35 6.54
CA VAL A 80 -1.16 -8.90 5.82
C VAL A 80 -1.08 -9.37 4.37
N GLU A 81 0.08 -9.14 3.77
CA GLU A 81 0.30 -9.53 2.39
C GLU A 81 0.53 -11.04 2.29
N GLN A 82 0.63 -11.66 3.46
CA GLN A 82 0.86 -13.09 3.52
C GLN A 82 -0.48 -13.84 3.63
N GLU A 83 -1.55 -13.05 3.69
CA GLU A 83 -2.88 -13.62 3.79
C GLU A 83 -3.35 -14.12 2.42
N TYR A 84 -2.88 -13.44 1.39
CA TYR A 84 -3.25 -13.78 0.03
C TYR A 84 -2.23 -14.77 -0.57
N VAL A 85 -1.57 -15.50 0.31
CA VAL A 85 -0.58 -16.46 -0.13
C VAL A 85 -1.04 -17.87 0.26
N LEU A 86 -2.22 -17.93 0.88
CA LEU A 86 -2.78 -19.20 1.31
C LEU A 86 -4.20 -19.32 0.75
N LYS A 87 -4.28 -19.70 -0.52
CA LYS A 87 -5.56 -19.86 -1.17
C LYS A 87 -5.63 -21.25 -1.83
N ARG A 88 -6.84 -21.79 -1.85
CA ARG A 88 -7.05 -23.11 -2.44
C ARG A 88 -7.95 -23.00 -3.67
N ASN A 89 -8.07 -24.10 -4.38
CA ASN A 89 -8.89 -24.15 -5.57
C ASN A 89 -9.20 -25.60 -5.93
N ALA A 90 -9.45 -26.40 -4.90
CA ALA A 90 -9.75 -27.81 -5.09
C ALA A 90 -10.35 -28.38 -3.80
N VAL A 91 -11.12 -29.44 -3.97
CA VAL A 91 -11.76 -30.09 -2.84
C VAL A 91 -10.69 -30.50 -1.82
N PRO A 92 -11.06 -30.35 -0.51
CA PRO A 92 -10.15 -30.70 0.56
C PRO A 92 -10.05 -32.22 0.73
N GLY A 93 -9.55 -32.63 1.88
CA GLY A 93 -9.39 -34.04 2.17
C GLY A 93 -10.75 -34.70 2.45
N SER A 94 -10.82 -35.37 3.58
CA SER A 94 -12.06 -36.04 3.97
C SER A 94 -12.25 -35.95 5.49
N GLU A 95 -12.66 -37.06 6.08
CA GLU A 95 -12.88 -37.12 7.51
C GLU A 95 -13.09 -38.56 7.96
N THR A 96 -12.46 -38.90 9.08
CA THR A 96 -12.57 -40.24 9.62
C THR A 96 -11.73 -40.37 10.90
N GLU A 97 -12.35 -40.94 11.92
CA GLU A 97 -11.68 -41.12 13.19
C GLU A 97 -12.35 -42.25 13.99
N GLY A 98 -11.52 -42.99 14.71
CA GLY A 98 -12.02 -44.09 15.51
C GLY A 98 -10.92 -45.14 15.74
N GLU A 99 -11.04 -45.85 16.86
CA GLU A 99 -10.08 -46.87 17.19
C GLU A 99 -10.79 -48.10 17.77
N GLU A 100 -10.08 -48.81 18.63
CA GLU A 100 -10.64 -50.01 19.25
C GLU A 100 -9.58 -50.68 20.13
N ALA A 101 -10.06 -51.43 21.10
CA ALA A 101 -9.17 -52.13 22.01
C ALA A 101 -9.99 -52.70 23.18
N MET A 1 5.76 18.26 -7.46
CA MET A 1 4.32 18.14 -7.67
C MET A 1 3.55 18.63 -6.45
N ASP A 2 2.23 18.61 -6.57
CA ASP A 2 1.36 19.04 -5.48
C ASP A 2 0.46 17.88 -5.06
N ILE A 3 0.44 17.63 -3.76
CA ILE A 3 -0.37 16.56 -3.22
C ILE A 3 -1.45 17.15 -2.31
N LYS A 4 -2.64 16.59 -2.43
CA LYS A 4 -3.77 17.06 -1.62
C LYS A 4 -4.44 15.84 -0.95
N ILE A 5 -4.29 15.79 0.37
CA ILE A 5 -4.86 14.71 1.14
C ILE A 5 -6.39 14.74 0.99
N ILE A 6 -6.91 13.72 0.34
CA ILE A 6 -8.35 13.62 0.12
C ILE A 6 -9.03 13.22 1.44
N LYS A 7 -8.79 11.98 1.83
CA LYS A 7 -9.37 11.46 3.06
C LYS A 7 -8.41 10.45 3.69
N ASP A 8 -8.57 10.26 4.99
CA ASP A 8 -7.72 9.34 5.73
C ASP A 8 -8.61 8.32 6.45
N LYS A 9 -8.49 7.07 6.03
CA LYS A 9 -9.27 6.00 6.64
C LYS A 9 -8.36 5.17 7.55
N LYS A 10 -8.90 4.79 8.69
CA LYS A 10 -8.16 4.00 9.65
C LYS A 10 -8.65 2.55 9.60
N ASN A 11 -7.68 1.64 9.57
CA ASN A 11 -8.00 0.23 9.52
C ASN A 11 -7.01 -0.55 10.39
N PRO A 12 -7.33 -0.64 11.70
CA PRO A 12 -6.47 -1.34 12.64
C PRO A 12 -6.60 -2.86 12.47
N LEU A 13 -7.66 -3.25 11.78
CA LEU A 13 -7.91 -4.66 11.54
C LEU A 13 -6.74 -5.26 10.75
N LEU A 14 -6.48 -4.67 9.59
CA LEU A 14 -5.40 -5.12 8.74
C LEU A 14 -4.09 -4.46 9.17
N ASN A 15 -4.20 -3.67 10.24
CA ASN A 15 -3.03 -2.98 10.76
C ASN A 15 -2.44 -2.08 9.68
N ARG A 16 -3.33 -1.37 8.99
CA ARG A 16 -2.90 -0.48 7.92
C ARG A 16 -3.71 0.83 7.98
N ARG A 17 -3.56 1.61 6.91
CA ARG A 17 -4.27 2.88 6.83
C ARG A 17 -4.48 3.26 5.36
N GLU A 18 -5.75 3.50 5.03
CA GLU A 18 -6.10 3.87 3.66
C GLU A 18 -6.18 5.40 3.54
N LEU A 19 -5.22 5.95 2.82
CA LEU A 19 -5.19 7.39 2.62
C LEU A 19 -5.36 7.69 1.13
N ASP A 20 -6.22 8.68 0.86
CA ASP A 20 -6.49 9.07 -0.51
C ASP A 20 -6.00 10.51 -0.73
N PHE A 21 -5.44 10.73 -1.90
CA PHE A 21 -4.92 12.05 -2.25
C PHE A 21 -4.86 12.23 -3.76
N ILE A 22 -4.65 13.47 -4.17
CA ILE A 22 -4.57 13.80 -5.58
C ILE A 22 -3.20 14.43 -5.88
N VAL A 23 -2.58 13.95 -6.95
CA VAL A 23 -1.28 14.46 -7.35
C VAL A 23 -1.45 15.41 -8.53
N LYS A 24 -0.95 16.63 -8.35
CA LYS A 24 -1.05 17.63 -9.39
C LYS A 24 0.36 18.17 -9.71
N TYR A 25 0.54 18.56 -10.96
CA TYR A 25 1.81 19.09 -11.41
C TYR A 25 1.71 19.66 -12.82
N GLU A 26 2.78 20.31 -13.24
CA GLU A 26 2.83 20.91 -14.56
C GLU A 26 4.13 20.54 -15.27
N GLY A 27 4.08 19.44 -16.01
CA GLY A 27 5.24 18.98 -16.74
C GLY A 27 5.47 17.48 -16.51
N SER A 28 6.74 17.11 -16.46
CA SER A 28 7.10 15.72 -16.25
C SER A 28 6.24 15.11 -15.14
N THR A 29 5.82 13.88 -15.36
CA THR A 29 5.00 13.18 -14.39
C THR A 29 5.86 12.68 -13.23
N PRO A 30 5.28 12.82 -11.99
CA PRO A 30 5.99 12.39 -10.80
C PRO A 30 5.96 10.86 -10.67
N SER A 31 6.93 10.34 -9.93
CA SER A 31 7.03 8.91 -9.72
C SER A 31 6.42 8.53 -8.37
N ARG A 32 6.11 7.24 -8.24
CA ARG A 32 5.51 6.75 -7.01
C ARG A 32 6.44 7.02 -5.83
N ASN A 33 7.73 7.00 -6.11
CA ASN A 33 8.73 7.24 -5.07
C ASN A 33 8.62 8.69 -4.61
N ASP A 34 8.66 9.60 -5.57
CA ASP A 34 8.57 11.02 -5.27
C ASP A 34 7.28 11.29 -4.46
N VAL A 35 6.19 10.78 -4.98
CA VAL A 35 4.89 10.95 -4.33
C VAL A 35 4.93 10.25 -2.96
N ARG A 36 5.60 9.12 -2.93
CA ARG A 36 5.71 8.35 -1.69
C ARG A 36 6.42 9.19 -0.62
N ASN A 37 7.59 9.69 -0.98
CA ASN A 37 8.38 10.49 -0.07
C ASN A 37 7.57 11.72 0.34
N LYS A 38 6.81 12.24 -0.60
CA LYS A 38 5.99 13.41 -0.35
C LYS A 38 4.97 13.09 0.75
N LEU A 39 4.27 11.97 0.55
CA LEU A 39 3.28 11.54 1.53
C LEU A 39 3.96 11.20 2.84
N ALA A 40 4.96 10.33 2.74
CA ALA A 40 5.71 9.91 3.92
C ALA A 40 6.12 11.15 4.72
N ALA A 41 6.46 12.20 3.99
CA ALA A 41 6.88 13.44 4.61
C ALA A 41 5.65 14.15 5.21
N MET A 42 4.55 14.06 4.49
CA MET A 42 3.31 14.68 4.92
C MET A 42 2.78 14.00 6.19
N LEU A 43 2.76 12.68 6.14
CA LEU A 43 2.27 11.89 7.27
C LEU A 43 3.45 11.57 8.20
N ASN A 44 4.61 12.10 7.84
CA ASN A 44 5.81 11.87 8.63
C ASN A 44 5.90 10.39 8.99
N ALA A 45 5.56 9.56 8.01
CA ALA A 45 5.60 8.12 8.21
C ALA A 45 6.74 7.53 7.38
N PRO A 46 7.08 6.25 7.68
CA PRO A 46 8.14 5.56 6.97
C PRO A 46 7.68 5.13 5.58
N LEU A 47 8.51 5.43 4.59
CA LEU A 47 8.20 5.09 3.21
C LEU A 47 7.95 3.58 3.12
N GLU A 48 8.88 2.82 3.65
CA GLU A 48 8.78 1.37 3.63
C GLU A 48 7.36 0.94 4.02
N LEU A 49 6.90 1.47 5.14
CA LEU A 49 5.57 1.15 5.62
C LEU A 49 4.52 1.72 4.66
N LEU A 50 4.92 2.78 3.98
CA LEU A 50 4.03 3.42 3.02
C LEU A 50 4.08 2.67 1.69
N VAL A 51 2.91 2.47 1.10
CA VAL A 51 2.82 1.78 -0.17
C VAL A 51 1.79 2.48 -1.05
N ILE A 52 1.92 2.24 -2.35
CA ILE A 52 1.01 2.85 -3.31
C ILE A 52 0.26 1.74 -4.06
N GLN A 53 -1.06 1.86 -4.06
CA GLN A 53 -1.90 0.89 -4.73
C GLN A 53 -1.71 0.97 -6.24
N ARG A 54 -2.19 2.07 -6.81
CA ARG A 54 -2.08 2.29 -8.24
C ARG A 54 -2.41 3.74 -8.58
N ILE A 55 -1.46 4.39 -9.24
CA ILE A 55 -1.64 5.78 -9.63
C ILE A 55 -2.32 5.84 -11.00
N LYS A 56 -3.21 6.81 -11.14
CA LYS A 56 -3.93 6.98 -12.38
C LYS A 56 -3.74 8.42 -12.89
N THR A 57 -3.01 8.53 -13.99
CA THR A 57 -2.74 9.83 -14.58
C THR A 57 -3.80 10.17 -15.62
N GLU A 58 -4.25 11.42 -15.59
CA GLU A 58 -5.26 11.88 -16.52
C GLU A 58 -4.60 12.60 -17.71
N TYR A 59 -5.44 13.11 -18.59
CA TYR A 59 -4.95 13.82 -19.76
C TYR A 59 -5.79 15.07 -20.04
N GLY A 60 -5.21 16.21 -19.71
CA GLY A 60 -5.90 17.47 -19.91
C GLY A 60 -6.01 18.25 -18.61
N MET A 61 -5.74 17.56 -17.51
CA MET A 61 -5.81 18.16 -16.19
C MET A 61 -4.50 17.98 -15.43
N GLN A 62 -3.55 17.34 -16.11
CA GLN A 62 -2.25 17.11 -15.51
C GLN A 62 -2.39 16.78 -14.02
N GLU A 63 -3.11 15.70 -13.75
CA GLU A 63 -3.34 15.28 -12.38
C GLU A 63 -3.30 13.76 -12.28
N SER A 64 -2.67 13.27 -11.23
CA SER A 64 -2.56 11.84 -11.02
C SER A 64 -3.05 11.48 -9.61
N LYS A 65 -3.92 10.48 -9.56
CA LYS A 65 -4.47 10.04 -8.29
C LYS A 65 -4.02 8.60 -8.02
N GLY A 66 -3.84 8.30 -6.74
CA GLY A 66 -3.41 6.98 -6.34
C GLY A 66 -3.56 6.78 -4.82
N TYR A 67 -4.07 5.62 -4.46
CA TYR A 67 -4.27 5.31 -3.04
C TYR A 67 -3.00 4.74 -2.43
N ALA A 68 -2.76 5.12 -1.18
CA ALA A 68 -1.59 4.67 -0.47
C ALA A 68 -2.03 3.91 0.79
N LYS A 69 -1.16 3.01 1.23
CA LYS A 69 -1.44 2.21 2.42
C LYS A 69 -0.37 2.48 3.48
N LEU A 70 -0.81 3.10 4.56
CA LEU A 70 0.10 3.42 5.65
C LEU A 70 -0.05 2.38 6.76
N TYR A 71 1.06 1.75 7.09
CA TYR A 71 1.07 0.73 8.13
C TYR A 71 1.87 1.19 9.34
N GLU A 72 1.76 0.43 10.41
CA GLU A 72 2.46 0.74 11.65
C GLU A 72 3.77 -0.06 11.73
N ASP A 73 3.70 -1.29 11.25
CA ASP A 73 4.86 -2.16 11.27
C ASP A 73 5.05 -2.77 9.88
N ALA A 74 6.29 -3.19 9.61
CA ALA A 74 6.61 -3.79 8.33
C ALA A 74 6.19 -5.25 8.34
N ASP A 75 6.40 -5.89 9.49
CA ASP A 75 6.04 -7.29 9.65
C ASP A 75 4.57 -7.48 9.31
N ARG A 76 3.74 -6.61 9.88
CA ARG A 76 2.31 -6.67 9.66
C ARG A 76 2.01 -6.62 8.16
N MET A 77 2.59 -5.63 7.50
CA MET A 77 2.39 -5.47 6.07
C MET A 77 2.66 -6.78 5.33
N LYS A 78 3.63 -7.53 5.83
CA LYS A 78 3.99 -8.80 5.22
C LYS A 78 2.86 -9.80 5.45
N GLN A 79 2.57 -10.04 6.72
CA GLN A 79 1.52 -10.97 7.09
C GLN A 79 0.18 -10.55 6.46
N VAL A 80 0.01 -9.24 6.36
CA VAL A 80 -1.20 -8.68 5.79
C VAL A 80 -1.28 -9.05 4.31
N GLU A 81 -0.17 -8.83 3.62
CA GLU A 81 -0.08 -9.14 2.20
C GLU A 81 -0.11 -10.66 1.98
N GLN A 82 -0.05 -11.38 3.09
CA GLN A 82 -0.05 -12.83 3.03
C GLN A 82 -1.49 -13.35 2.88
N GLU A 83 -2.43 -12.41 2.86
CA GLU A 83 -3.82 -12.75 2.73
C GLU A 83 -4.23 -12.80 1.25
N TYR A 84 -3.55 -11.98 0.46
CA TYR A 84 -3.82 -11.92 -0.96
C TYR A 84 -2.91 -12.88 -1.74
N VAL A 85 -2.51 -13.94 -1.05
CA VAL A 85 -1.64 -14.93 -1.66
C VAL A 85 -2.41 -16.24 -1.81
N LEU A 86 -1.70 -17.33 -1.55
CA LEU A 86 -2.31 -18.66 -1.65
C LEU A 86 -3.70 -18.63 -1.03
N LYS A 87 -4.70 -18.47 -1.89
CA LYS A 87 -6.08 -18.42 -1.44
C LYS A 87 -6.89 -19.49 -2.18
N ARG A 88 -8.06 -19.78 -1.64
CA ARG A 88 -8.94 -20.77 -2.23
C ARG A 88 -10.06 -20.09 -3.01
N ASN A 89 -10.91 -20.91 -3.62
CA ASN A 89 -12.02 -20.41 -4.39
C ASN A 89 -13.17 -21.42 -4.35
N ALA A 90 -13.54 -21.77 -3.13
CA ALA A 90 -14.63 -22.73 -2.93
C ALA A 90 -15.08 -22.69 -1.47
N VAL A 91 -16.35 -22.38 -1.28
CA VAL A 91 -16.91 -22.31 0.06
C VAL A 91 -16.48 -23.53 0.86
N PRO A 92 -15.80 -23.27 2.01
CA PRO A 92 -15.34 -24.33 2.87
C PRO A 92 -16.49 -24.96 3.66
N GLY A 93 -16.24 -26.18 4.15
CA GLY A 93 -17.25 -26.89 4.91
C GLY A 93 -17.40 -26.30 6.31
N SER A 94 -17.32 -27.20 7.30
CA SER A 94 -17.44 -26.78 8.69
C SER A 94 -17.52 -28.00 9.59
N GLU A 95 -16.53 -28.12 10.47
CA GLU A 95 -16.47 -29.23 11.39
C GLU A 95 -15.93 -28.77 12.75
N THR A 96 -16.48 -29.35 13.80
CA THR A 96 -16.06 -29.01 15.15
C THR A 96 -15.51 -30.25 15.86
N GLU A 97 -15.78 -30.31 17.16
CA GLU A 97 -15.33 -31.44 17.97
C GLU A 97 -16.18 -31.56 19.24
N GLY A 98 -16.57 -32.78 19.55
CA GLY A 98 -17.37 -33.04 20.73
C GLY A 98 -18.68 -33.71 20.36
N GLU A 99 -18.74 -35.02 20.62
CA GLU A 99 -19.94 -35.78 20.32
C GLU A 99 -19.79 -37.21 20.84
N GLU A 100 -20.88 -37.72 21.39
CA GLU A 100 -20.90 -39.06 21.94
C GLU A 100 -22.27 -39.39 22.53
N ALA A 101 -22.58 -40.68 22.55
CA ALA A 101 -23.85 -41.14 23.09
C ALA A 101 -23.79 -42.65 23.31
N MET A 1 5.80 18.04 -7.28
CA MET A 1 4.38 18.13 -7.58
C MET A 1 3.58 18.60 -6.37
N ASP A 2 2.27 18.62 -6.53
CA ASP A 2 1.39 19.04 -5.46
C ASP A 2 0.51 17.86 -5.04
N ILE A 3 0.40 17.68 -3.73
CA ILE A 3 -0.41 16.60 -3.19
C ILE A 3 -1.47 17.18 -2.26
N LYS A 4 -2.69 16.70 -2.43
CA LYS A 4 -3.80 17.17 -1.62
C LYS A 4 -4.49 15.96 -0.97
N ILE A 5 -4.29 15.85 0.34
CA ILE A 5 -4.87 14.74 1.09
C ILE A 5 -6.40 14.78 0.92
N ILE A 6 -6.92 13.71 0.34
CA ILE A 6 -8.36 13.61 0.11
C ILE A 6 -9.03 13.14 1.40
N LYS A 7 -8.81 11.87 1.72
CA LYS A 7 -9.40 11.29 2.92
C LYS A 7 -8.43 10.28 3.52
N ASP A 8 -8.52 10.11 4.82
CA ASP A 8 -7.67 9.17 5.53
C ASP A 8 -8.52 8.17 6.29
N LYS A 9 -8.46 6.92 5.85
CA LYS A 9 -9.22 5.86 6.48
C LYS A 9 -8.31 5.06 7.40
N LYS A 10 -8.90 4.53 8.47
CA LYS A 10 -8.16 3.75 9.44
C LYS A 10 -8.61 2.30 9.37
N ASN A 11 -7.66 1.40 9.57
CA ASN A 11 -7.95 -0.03 9.53
C ASN A 11 -7.02 -0.76 10.49
N PRO A 12 -7.50 -0.89 11.77
CA PRO A 12 -6.73 -1.56 12.79
C PRO A 12 -6.75 -3.07 12.59
N LEU A 13 -7.70 -3.52 11.78
CA LEU A 13 -7.84 -4.93 11.50
C LEU A 13 -6.60 -5.44 10.77
N LEU A 14 -6.39 -4.92 9.57
CA LEU A 14 -5.25 -5.30 8.77
C LEU A 14 -3.99 -4.64 9.34
N ASN A 15 -4.21 -3.57 10.08
CA ASN A 15 -3.09 -2.85 10.69
C ASN A 15 -2.47 -1.91 9.64
N ARG A 16 -3.34 -1.29 8.86
CA ARG A 16 -2.89 -0.37 7.83
C ARG A 16 -3.69 0.91 7.86
N ARG A 17 -3.55 1.70 6.81
CA ARG A 17 -4.27 2.96 6.70
C ARG A 17 -4.45 3.35 5.24
N GLU A 18 -5.71 3.46 4.84
CA GLU A 18 -6.04 3.82 3.48
C GLU A 18 -6.17 5.34 3.34
N LEU A 19 -5.16 5.94 2.73
CA LEU A 19 -5.17 7.39 2.54
C LEU A 19 -5.32 7.69 1.06
N ASP A 20 -6.19 8.66 0.77
CA ASP A 20 -6.44 9.06 -0.61
C ASP A 20 -5.96 10.50 -0.81
N PHE A 21 -5.32 10.72 -1.95
CA PHE A 21 -4.82 12.05 -2.27
C PHE A 21 -4.74 12.25 -3.78
N ILE A 22 -4.61 13.51 -4.17
CA ILE A 22 -4.51 13.86 -5.58
C ILE A 22 -3.15 14.48 -5.86
N VAL A 23 -2.53 14.02 -6.93
CA VAL A 23 -1.23 14.52 -7.32
C VAL A 23 -1.39 15.46 -8.52
N LYS A 24 -0.91 16.69 -8.34
CA LYS A 24 -0.99 17.68 -9.39
C LYS A 24 0.41 18.20 -9.71
N TYR A 25 0.62 18.53 -10.97
CA TYR A 25 1.90 19.04 -11.41
C TYR A 25 1.79 19.71 -12.77
N GLU A 26 2.86 20.39 -13.17
CA GLU A 26 2.89 21.08 -14.44
C GLU A 26 4.10 20.62 -15.26
N GLY A 27 3.97 19.42 -15.82
CA GLY A 27 5.04 18.86 -16.63
C GLY A 27 5.09 17.34 -16.49
N SER A 28 6.30 16.81 -16.46
CA SER A 28 6.49 15.37 -16.34
C SER A 28 5.68 14.84 -15.16
N THR A 29 5.43 13.55 -15.20
CA THR A 29 4.66 12.90 -14.15
C THR A 29 5.59 12.47 -13.00
N PRO A 30 5.04 12.56 -11.76
CA PRO A 30 5.79 12.19 -10.58
C PRO A 30 5.91 10.67 -10.45
N SER A 31 7.00 10.23 -9.85
CA SER A 31 7.24 8.82 -9.66
C SER A 31 6.57 8.33 -8.36
N ARG A 32 6.30 7.04 -8.32
CA ARG A 32 5.66 6.45 -7.15
C ARG A 32 6.51 6.69 -5.90
N ASN A 33 7.82 6.73 -6.13
CA ASN A 33 8.75 6.95 -5.03
C ASN A 33 8.71 8.42 -4.62
N ASP A 34 8.38 9.27 -5.59
CA ASP A 34 8.30 10.70 -5.34
C ASP A 34 7.08 10.99 -4.47
N VAL A 35 5.93 10.51 -4.94
CA VAL A 35 4.68 10.73 -4.22
C VAL A 35 4.80 10.10 -2.83
N ARG A 36 5.42 8.93 -2.79
CA ARG A 36 5.60 8.22 -1.53
C ARG A 36 6.38 9.09 -0.55
N ASN A 37 7.51 9.60 -1.02
CA ASN A 37 8.36 10.44 -0.19
C ASN A 37 7.59 11.70 0.21
N LYS A 38 6.76 12.17 -0.71
CA LYS A 38 5.96 13.35 -0.46
C LYS A 38 4.96 13.07 0.66
N LEU A 39 4.22 11.98 0.49
CA LEU A 39 3.23 11.58 1.48
C LEU A 39 3.94 11.27 2.80
N ALA A 40 4.91 10.39 2.72
CA ALA A 40 5.68 9.99 3.89
C ALA A 40 6.12 11.24 4.65
N ALA A 41 6.47 12.26 3.89
CA ALA A 41 6.92 13.51 4.48
C ALA A 41 5.71 14.27 5.03
N MET A 42 4.61 14.18 4.29
CA MET A 42 3.39 14.85 4.69
C MET A 42 2.81 14.22 5.96
N LEU A 43 2.75 12.90 5.96
CA LEU A 43 2.22 12.17 7.09
C LEU A 43 3.36 11.86 8.07
N ASN A 44 4.52 12.43 7.77
CA ASN A 44 5.69 12.22 8.61
C ASN A 44 5.77 10.75 9.01
N ALA A 45 5.42 9.89 8.07
CA ALA A 45 5.45 8.46 8.30
C ALA A 45 6.59 7.83 7.48
N PRO A 46 6.91 6.56 7.83
CA PRO A 46 7.97 5.84 7.14
C PRO A 46 7.50 5.38 5.76
N LEU A 47 8.44 5.37 4.82
CA LEU A 47 8.14 4.95 3.46
C LEU A 47 7.91 3.44 3.43
N GLU A 48 8.83 2.73 4.06
CA GLU A 48 8.75 1.28 4.11
C GLU A 48 7.32 0.85 4.49
N LEU A 49 6.73 1.62 5.38
CA LEU A 49 5.37 1.33 5.84
C LEU A 49 4.37 1.90 4.84
N LEU A 50 4.80 2.95 4.16
CA LEU A 50 3.95 3.61 3.17
C LEU A 50 4.03 2.84 1.84
N VAL A 51 2.88 2.62 1.25
CA VAL A 51 2.80 1.90 -0.01
C VAL A 51 1.80 2.61 -0.94
N ILE A 52 1.91 2.30 -2.22
CA ILE A 52 1.03 2.89 -3.21
C ILE A 52 0.24 1.78 -3.91
N GLN A 53 -1.07 1.96 -3.94
CA GLN A 53 -1.94 1.00 -4.57
C GLN A 53 -1.79 1.05 -6.09
N ARG A 54 -2.13 2.20 -6.65
CA ARG A 54 -2.03 2.40 -8.09
C ARG A 54 -2.37 3.84 -8.45
N ILE A 55 -1.40 4.50 -9.08
CA ILE A 55 -1.58 5.88 -9.49
C ILE A 55 -2.24 5.92 -10.87
N LYS A 56 -3.16 6.87 -11.03
CA LYS A 56 -3.88 7.01 -12.28
C LYS A 56 -3.71 8.46 -12.78
N THR A 57 -3.03 8.58 -13.91
CA THR A 57 -2.79 9.89 -14.51
C THR A 57 -3.98 10.30 -15.38
N GLU A 58 -4.44 11.53 -15.16
CA GLU A 58 -5.56 12.05 -15.92
C GLU A 58 -5.06 12.91 -17.08
N TYR A 59 -5.95 13.11 -18.05
CA TYR A 59 -5.60 13.90 -19.22
C TYR A 59 -6.48 15.16 -19.29
N GLY A 60 -5.92 16.28 -18.87
CA GLY A 60 -6.63 17.53 -18.88
C GLY A 60 -6.03 18.52 -17.89
N MET A 61 -5.43 17.97 -16.84
CA MET A 61 -4.81 18.78 -15.81
C MET A 61 -3.60 18.08 -15.20
N GLN A 62 -3.02 17.17 -15.99
CA GLN A 62 -1.87 16.42 -15.53
C GLN A 62 -1.98 16.10 -14.05
N GLU A 63 -3.13 15.54 -13.69
CA GLU A 63 -3.37 15.18 -12.30
C GLU A 63 -3.40 13.65 -12.15
N SER A 64 -2.55 13.17 -11.25
CA SER A 64 -2.46 11.74 -11.01
C SER A 64 -2.96 11.42 -9.59
N LYS A 65 -3.85 10.45 -9.51
CA LYS A 65 -4.42 10.05 -8.24
C LYS A 65 -4.04 8.59 -7.96
N GLY A 66 -3.71 8.33 -6.70
CA GLY A 66 -3.34 6.99 -6.29
C GLY A 66 -3.54 6.79 -4.78
N TYR A 67 -4.06 5.62 -4.44
CA TYR A 67 -4.30 5.30 -3.05
C TYR A 67 -3.06 4.71 -2.38
N ALA A 68 -2.65 5.33 -1.29
CA ALA A 68 -1.48 4.88 -0.55
C ALA A 68 -1.93 4.09 0.67
N LYS A 69 -1.03 3.23 1.13
CA LYS A 69 -1.32 2.41 2.29
C LYS A 69 -0.27 2.67 3.37
N LEU A 70 -0.73 3.26 4.47
CA LEU A 70 0.14 3.57 5.58
C LEU A 70 0.00 2.50 6.67
N TYR A 71 1.12 1.89 7.01
CA TYR A 71 1.14 0.85 8.03
C TYR A 71 1.89 1.31 9.28
N GLU A 72 1.64 0.61 10.37
CA GLU A 72 2.29 0.93 11.63
C GLU A 72 3.60 0.14 11.77
N ASP A 73 3.56 -1.09 11.28
CA ASP A 73 4.73 -1.95 11.35
C ASP A 73 4.88 -2.69 10.03
N ALA A 74 6.14 -2.92 9.65
CA ALA A 74 6.43 -3.61 8.41
C ALA A 74 6.07 -5.09 8.57
N ASP A 75 6.41 -5.63 9.73
CA ASP A 75 6.13 -7.02 10.02
C ASP A 75 4.67 -7.33 9.69
N ARG A 76 3.82 -6.36 9.96
CA ARG A 76 2.40 -6.50 9.70
C ARG A 76 2.14 -6.50 8.19
N MET A 77 2.68 -5.50 7.52
CA MET A 77 2.51 -5.38 6.09
C MET A 77 2.87 -6.69 5.38
N LYS A 78 3.91 -7.32 5.88
CA LYS A 78 4.37 -8.58 5.31
C LYS A 78 3.28 -9.64 5.48
N GLN A 79 2.94 -9.90 6.74
CA GLN A 79 1.92 -10.89 7.05
C GLN A 79 0.60 -10.52 6.35
N VAL A 80 0.35 -9.22 6.28
CA VAL A 80 -0.86 -8.74 5.65
C VAL A 80 -0.84 -9.11 4.16
N GLU A 81 0.27 -8.78 3.52
CA GLU A 81 0.43 -9.06 2.11
C GLU A 81 0.69 -10.55 1.89
N GLN A 82 0.86 -11.25 3.00
CA GLN A 82 1.12 -12.68 2.95
C GLN A 82 -0.18 -13.45 2.71
N GLU A 83 -1.28 -12.71 2.68
CA GLU A 83 -2.59 -13.30 2.47
C GLU A 83 -2.85 -13.46 0.96
N TYR A 84 -2.26 -12.55 0.19
CA TYR A 84 -2.42 -12.58 -1.25
C TYR A 84 -1.34 -13.43 -1.91
N VAL A 85 -0.84 -14.40 -1.14
CA VAL A 85 0.19 -15.28 -1.64
C VAL A 85 -0.35 -16.71 -1.70
N LEU A 86 0.48 -17.66 -1.28
CA LEU A 86 0.09 -19.05 -1.28
C LEU A 86 -1.15 -19.24 -0.41
N LYS A 87 -2.31 -19.00 -1.00
CA LYS A 87 -3.56 -19.14 -0.29
C LYS A 87 -4.11 -20.54 -0.50
N ARG A 88 -4.88 -21.01 0.48
CA ARG A 88 -5.47 -22.33 0.41
C ARG A 88 -6.77 -22.37 1.21
N ASN A 89 -7.45 -23.50 1.11
CA ASN A 89 -8.72 -23.68 1.80
C ASN A 89 -9.05 -25.18 1.88
N ALA A 90 -8.06 -25.95 2.31
CA ALA A 90 -8.23 -27.38 2.43
C ALA A 90 -7.31 -27.91 3.53
N VAL A 91 -7.90 -28.65 4.45
CA VAL A 91 -7.15 -29.22 5.55
C VAL A 91 -6.46 -30.50 5.09
N PRO A 92 -5.10 -30.45 5.06
CA PRO A 92 -4.31 -31.60 4.64
C PRO A 92 -4.29 -32.68 5.73
N GLY A 93 -3.38 -33.62 5.56
CA GLY A 93 -3.24 -34.71 6.51
C GLY A 93 -2.43 -34.27 7.73
N SER A 94 -1.36 -35.01 7.97
CA SER A 94 -0.49 -34.70 9.10
C SER A 94 0.50 -35.85 9.32
N GLU A 95 1.78 -35.51 9.26
CA GLU A 95 2.83 -36.49 9.44
C GLU A 95 4.20 -35.80 9.53
N THR A 96 5.05 -36.36 10.38
CA THR A 96 6.39 -35.82 10.56
C THR A 96 7.42 -36.66 9.80
N GLU A 97 8.58 -36.80 10.42
CA GLU A 97 9.65 -37.58 9.82
C GLU A 97 10.57 -38.14 10.91
N GLY A 98 11.39 -39.11 10.50
CA GLY A 98 12.31 -39.74 11.43
C GLY A 98 12.10 -41.26 11.47
N GLU A 99 13.17 -41.97 11.19
CA GLU A 99 13.12 -43.43 11.19
C GLU A 99 14.53 -44.01 10.97
N GLU A 100 14.81 -45.07 11.70
CA GLU A 100 16.10 -45.73 11.59
C GLU A 100 16.00 -46.97 10.70
N ALA A 101 17.15 -47.55 10.41
CA ALA A 101 17.20 -48.72 9.57
C ALA A 101 18.65 -49.21 9.48
N MET A 1 5.88 18.02 -7.18
CA MET A 1 4.48 18.15 -7.54
C MET A 1 3.65 18.63 -6.34
N ASP A 2 2.34 18.63 -6.53
CA ASP A 2 1.43 19.07 -5.48
C ASP A 2 0.53 17.89 -5.08
N ILE A 3 0.41 17.70 -3.77
CA ILE A 3 -0.41 16.63 -3.24
C ILE A 3 -1.49 17.23 -2.32
N LYS A 4 -2.68 16.67 -2.43
CA LYS A 4 -3.79 17.12 -1.62
C LYS A 4 -4.47 15.93 -0.95
N ILE A 5 -4.23 15.80 0.34
CA ILE A 5 -4.80 14.71 1.11
C ILE A 5 -6.32 14.76 1.01
N ILE A 6 -6.87 13.74 0.36
CA ILE A 6 -8.31 13.65 0.18
C ILE A 6 -8.96 13.20 1.48
N LYS A 7 -8.79 11.93 1.78
CA LYS A 7 -9.35 11.36 3.00
C LYS A 7 -8.38 10.32 3.57
N ASP A 8 -8.47 10.13 4.88
CA ASP A 8 -7.61 9.17 5.56
C ASP A 8 -8.48 8.17 6.32
N LYS A 9 -8.41 6.93 5.87
CA LYS A 9 -9.18 5.86 6.48
C LYS A 9 -8.28 5.05 7.40
N LYS A 10 -8.86 4.56 8.48
CA LYS A 10 -8.11 3.76 9.44
C LYS A 10 -8.64 2.33 9.44
N ASN A 11 -7.74 1.40 9.71
CA ASN A 11 -8.10 -0.01 9.74
C ASN A 11 -7.14 -0.76 10.67
N PRO A 12 -7.58 -0.90 11.94
CA PRO A 12 -6.78 -1.60 12.94
C PRO A 12 -6.82 -3.11 12.71
N LEU A 13 -7.80 -3.54 11.93
CA LEU A 13 -7.96 -4.95 11.64
C LEU A 13 -6.71 -5.46 10.92
N LEU A 14 -6.48 -4.91 9.74
CA LEU A 14 -5.34 -5.30 8.94
C LEU A 14 -4.08 -4.60 9.47
N ASN A 15 -4.32 -3.55 10.24
CA ASN A 15 -3.23 -2.78 10.82
C ASN A 15 -2.60 -1.90 9.74
N ARG A 16 -3.47 -1.28 8.95
CA ARG A 16 -3.03 -0.40 7.87
C ARG A 16 -3.79 0.92 7.92
N ARG A 17 -3.63 1.69 6.85
CA ARG A 17 -4.30 2.97 6.75
C ARG A 17 -4.45 3.38 5.28
N GLU A 18 -5.69 3.47 4.86
CA GLU A 18 -5.99 3.85 3.48
C GLU A 18 -6.12 5.37 3.37
N LEU A 19 -5.15 5.96 2.70
CA LEU A 19 -5.15 7.41 2.51
C LEU A 19 -5.31 7.73 1.02
N ASP A 20 -6.20 8.69 0.75
CA ASP A 20 -6.46 9.08 -0.62
C ASP A 20 -5.99 10.53 -0.82
N PHE A 21 -5.42 10.77 -1.99
CA PHE A 21 -4.92 12.09 -2.32
C PHE A 21 -4.81 12.28 -3.83
N ILE A 22 -4.69 13.54 -4.24
CA ILE A 22 -4.58 13.86 -5.65
C ILE A 22 -3.21 14.49 -5.91
N VAL A 23 -2.57 14.02 -6.97
CA VAL A 23 -1.26 14.52 -7.34
C VAL A 23 -1.40 15.48 -8.53
N LYS A 24 -0.88 16.69 -8.33
CA LYS A 24 -0.95 17.70 -9.37
C LYS A 24 0.47 18.21 -9.68
N TYR A 25 0.70 18.52 -10.94
CA TYR A 25 1.99 19.01 -11.37
C TYR A 25 1.89 19.73 -12.71
N GLU A 26 3.01 20.28 -13.15
CA GLU A 26 3.06 20.99 -14.41
C GLU A 26 4.28 20.55 -15.23
N GLY A 27 4.11 19.42 -15.91
CA GLY A 27 5.18 18.88 -16.73
C GLY A 27 5.26 17.36 -16.60
N SER A 28 6.47 16.84 -16.69
CA SER A 28 6.69 15.41 -16.60
C SER A 28 5.98 14.86 -15.36
N THR A 29 5.46 13.65 -15.50
CA THR A 29 4.76 13.01 -14.41
C THR A 29 5.73 12.66 -13.28
N PRO A 30 5.21 12.73 -12.03
CA PRO A 30 6.02 12.43 -10.86
C PRO A 30 6.23 10.92 -10.71
N SER A 31 7.17 10.57 -9.85
CA SER A 31 7.48 9.17 -9.60
C SER A 31 6.83 8.71 -8.29
N ARG A 32 6.48 7.43 -8.26
CA ARG A 32 5.86 6.86 -7.07
C ARG A 32 6.72 7.12 -5.84
N ASN A 33 8.02 6.87 -6.00
CA ASN A 33 8.95 7.08 -4.91
C ASN A 33 8.95 8.56 -4.51
N ASP A 34 8.72 9.41 -5.51
CA ASP A 34 8.70 10.84 -5.28
C ASP A 34 7.40 11.21 -4.54
N VAL A 35 6.32 10.61 -5.00
CA VAL A 35 5.02 10.87 -4.40
C VAL A 35 4.99 10.27 -2.99
N ARG A 36 5.56 9.08 -2.87
CA ARG A 36 5.59 8.39 -1.59
C ARG A 36 6.39 9.22 -0.57
N ASN A 37 7.55 9.69 -1.02
CA ASN A 37 8.42 10.48 -0.17
C ASN A 37 7.68 11.77 0.24
N LYS A 38 6.80 12.21 -0.64
CA LYS A 38 6.02 13.41 -0.39
C LYS A 38 5.00 13.14 0.72
N LEU A 39 4.23 12.08 0.51
CA LEU A 39 3.21 11.70 1.49
C LEU A 39 3.89 11.32 2.80
N ALA A 40 4.84 10.41 2.70
CA ALA A 40 5.57 9.95 3.88
C ALA A 40 6.04 11.17 4.68
N ALA A 41 6.43 12.21 3.94
CA ALA A 41 6.90 13.43 4.57
C ALA A 41 5.71 14.19 5.15
N MET A 42 4.60 14.15 4.42
CA MET A 42 3.40 14.84 4.86
C MET A 42 2.82 14.18 6.12
N LEU A 43 2.73 12.86 6.08
CA LEU A 43 2.20 12.11 7.21
C LEU A 43 3.35 11.78 8.17
N ASN A 44 4.52 12.32 7.86
CA ASN A 44 5.69 12.09 8.69
C ASN A 44 5.77 10.60 9.04
N ALA A 45 5.41 9.77 8.08
CA ALA A 45 5.43 8.34 8.28
C ALA A 45 6.57 7.72 7.45
N PRO A 46 6.89 6.44 7.77
CA PRO A 46 7.94 5.73 7.06
C PRO A 46 7.47 5.30 5.67
N LEU A 47 8.40 5.32 4.74
CA LEU A 47 8.11 4.93 3.36
C LEU A 47 7.85 3.42 3.31
N GLU A 48 8.79 2.68 3.88
CA GLU A 48 8.68 1.23 3.91
C GLU A 48 7.27 0.81 4.30
N LEU A 49 6.70 1.55 5.23
CA LEU A 49 5.36 1.27 5.71
C LEU A 49 4.34 1.85 4.73
N LEU A 50 4.75 2.93 4.08
CA LEU A 50 3.88 3.59 3.12
C LEU A 50 3.98 2.88 1.77
N VAL A 51 2.83 2.47 1.27
CA VAL A 51 2.76 1.76 0.01
C VAL A 51 1.75 2.44 -0.90
N ILE A 52 1.88 2.19 -2.20
CA ILE A 52 0.97 2.77 -3.17
C ILE A 52 0.24 1.65 -3.92
N GLN A 53 -1.08 1.78 -3.97
CA GLN A 53 -1.89 0.80 -4.63
C GLN A 53 -1.72 0.89 -6.15
N ARG A 54 -2.16 2.02 -6.70
CA ARG A 54 -2.06 2.25 -8.12
C ARG A 54 -2.41 3.70 -8.46
N ILE A 55 -1.52 4.35 -9.17
CA ILE A 55 -1.74 5.74 -9.57
C ILE A 55 -2.41 5.78 -10.93
N LYS A 56 -3.31 6.74 -11.08
CA LYS A 56 -4.04 6.89 -12.34
C LYS A 56 -3.85 8.32 -12.85
N THR A 57 -3.18 8.43 -13.99
CA THR A 57 -2.93 9.73 -14.60
C THR A 57 -4.14 10.17 -15.42
N GLU A 58 -4.53 11.42 -15.21
CA GLU A 58 -5.67 11.97 -15.93
C GLU A 58 -5.18 12.84 -17.09
N TYR A 59 -6.14 13.22 -17.94
CA TYR A 59 -5.82 14.04 -19.09
C TYR A 59 -6.73 15.27 -19.15
N GLY A 60 -6.13 16.42 -18.92
CA GLY A 60 -6.87 17.68 -18.95
C GLY A 60 -6.29 18.68 -17.94
N MET A 61 -5.75 18.14 -16.87
CA MET A 61 -5.17 18.96 -15.82
C MET A 61 -3.91 18.31 -15.25
N GLN A 62 -3.31 17.45 -16.05
CA GLN A 62 -2.10 16.75 -15.63
C GLN A 62 -2.17 16.42 -14.14
N GLU A 63 -3.19 15.68 -13.77
CA GLU A 63 -3.38 15.29 -12.39
C GLU A 63 -3.42 13.77 -12.27
N SER A 64 -2.66 13.26 -11.30
CA SER A 64 -2.60 11.82 -11.07
C SER A 64 -3.08 11.50 -9.66
N LYS A 65 -3.93 10.48 -9.57
CA LYS A 65 -4.47 10.07 -8.29
C LYS A 65 -4.06 8.61 -8.02
N GLY A 66 -3.78 8.34 -6.75
CA GLY A 66 -3.38 6.99 -6.35
C GLY A 66 -3.56 6.80 -4.85
N TYR A 67 -4.05 5.62 -4.49
CA TYR A 67 -4.27 5.29 -3.10
C TYR A 67 -3.01 4.70 -2.46
N ALA A 68 -2.72 5.17 -1.25
CA ALA A 68 -1.55 4.68 -0.53
C ALA A 68 -2.00 3.92 0.70
N LYS A 69 -1.12 3.05 1.17
CA LYS A 69 -1.41 2.24 2.35
C LYS A 69 -0.35 2.52 3.43
N LEU A 70 -0.82 3.13 4.51
CA LEU A 70 0.08 3.46 5.61
C LEU A 70 -0.09 2.41 6.72
N TYR A 71 1.04 1.83 7.10
CA TYR A 71 1.04 0.81 8.13
C TYR A 71 1.79 1.29 9.38
N GLU A 72 1.43 0.69 10.51
CA GLU A 72 2.05 1.06 11.77
C GLU A 72 3.34 0.26 11.98
N ASP A 73 3.42 -0.86 11.29
CA ASP A 73 4.59 -1.72 11.38
C ASP A 73 4.83 -2.41 10.04
N ALA A 74 6.07 -2.82 9.83
CA ALA A 74 6.44 -3.50 8.60
C ALA A 74 6.07 -4.98 8.70
N ASP A 75 6.27 -5.52 9.90
CA ASP A 75 5.97 -6.91 10.15
C ASP A 75 4.52 -7.20 9.77
N ARG A 76 3.63 -6.33 10.24
CA ARG A 76 2.22 -6.48 9.96
C ARG A 76 1.98 -6.54 8.45
N MET A 77 2.56 -5.58 7.75
CA MET A 77 2.42 -5.53 6.31
C MET A 77 2.77 -6.87 5.67
N LYS A 78 3.77 -7.52 6.25
CA LYS A 78 4.21 -8.81 5.74
C LYS A 78 3.11 -9.85 5.99
N GLN A 79 2.76 -10.00 7.25
CA GLN A 79 1.73 -10.95 7.63
C GLN A 79 0.42 -10.63 6.91
N VAL A 80 0.21 -9.34 6.68
CA VAL A 80 -0.99 -8.89 6.00
C VAL A 80 -0.95 -9.33 4.54
N GLU A 81 0.12 -8.95 3.87
CA GLU A 81 0.29 -9.29 2.46
C GLU A 81 0.54 -10.80 2.32
N GLN A 82 0.71 -11.45 3.46
CA GLN A 82 0.95 -12.89 3.48
C GLN A 82 -0.37 -13.64 3.63
N GLU A 83 -1.44 -12.89 3.79
CA GLU A 83 -2.76 -13.48 3.95
C GLU A 83 -3.28 -13.97 2.60
N TYR A 84 -2.98 -13.20 1.56
CA TYR A 84 -3.42 -13.54 0.22
C TYR A 84 -2.36 -14.36 -0.51
N VAL A 85 -1.56 -15.07 0.29
CA VAL A 85 -0.50 -15.90 -0.27
C VAL A 85 -0.72 -17.35 0.16
N LEU A 86 0.37 -17.99 0.58
CA LEU A 86 0.31 -19.37 1.00
C LEU A 86 -0.55 -19.47 2.26
N LYS A 87 -1.86 -19.41 2.05
CA LYS A 87 -2.80 -19.48 3.16
C LYS A 87 -3.03 -20.95 3.51
N ARG A 88 -3.43 -21.16 4.76
CA ARG A 88 -3.69 -22.51 5.25
C ARG A 88 -4.78 -22.49 6.32
N ASN A 89 -5.05 -23.67 6.86
CA ASN A 89 -6.06 -23.79 7.90
C ASN A 89 -5.39 -24.10 9.23
N ALA A 90 -4.35 -23.33 9.53
CA ALA A 90 -3.61 -23.50 10.76
C ALA A 90 -2.71 -22.28 10.99
N VAL A 91 -2.02 -22.29 12.11
CA VAL A 91 -1.13 -21.20 12.47
C VAL A 91 0.12 -21.26 11.58
N PRO A 92 0.34 -20.16 10.82
CA PRO A 92 1.48 -20.08 9.94
C PRO A 92 2.78 -19.84 10.72
N GLY A 93 3.86 -19.71 9.99
CA GLY A 93 5.17 -19.48 10.60
C GLY A 93 5.46 -17.98 10.73
N SER A 94 5.78 -17.38 9.60
CA SER A 94 6.09 -15.95 9.58
C SER A 94 7.46 -15.70 10.18
N GLU A 95 8.35 -15.15 9.35
CA GLU A 95 9.70 -14.86 9.79
C GLU A 95 10.47 -14.16 8.69
N THR A 96 11.23 -13.15 9.09
CA THR A 96 12.03 -12.39 8.14
C THR A 96 13.45 -12.20 8.66
N GLU A 97 14.02 -11.04 8.36
CA GLU A 97 15.37 -10.72 8.79
C GLU A 97 15.71 -9.27 8.46
N GLY A 98 16.91 -8.86 8.87
CA GLY A 98 17.36 -7.51 8.61
C GLY A 98 18.81 -7.50 8.11
N GLU A 99 19.35 -6.30 7.97
CA GLU A 99 20.71 -6.15 7.51
C GLU A 99 21.14 -4.68 7.58
N GLU A 100 22.37 -4.47 8.00
CA GLU A 100 22.91 -3.13 8.12
C GLU A 100 23.78 -2.79 6.90
N ALA A 101 23.52 -1.62 6.34
CA ALA A 101 24.26 -1.17 5.18
C ALA A 101 23.55 0.04 4.56
N MET A 1 5.93 18.29 -7.38
CA MET A 1 4.50 18.29 -7.64
C MET A 1 3.72 18.72 -6.39
N ASP A 2 2.40 18.74 -6.55
CA ASP A 2 1.53 19.13 -5.45
C ASP A 2 0.67 17.94 -5.04
N ILE A 3 0.44 17.82 -3.73
CA ILE A 3 -0.36 16.74 -3.21
C ILE A 3 -1.46 17.32 -2.31
N LYS A 4 -2.61 16.66 -2.35
CA LYS A 4 -3.74 17.10 -1.54
C LYS A 4 -4.39 15.88 -0.87
N ILE A 5 -4.25 15.83 0.44
CA ILE A 5 -4.81 14.73 1.21
C ILE A 5 -6.33 14.74 1.08
N ILE A 6 -6.85 13.72 0.41
CA ILE A 6 -8.28 13.60 0.20
C ILE A 6 -8.95 13.18 1.50
N LYS A 7 -8.71 11.92 1.87
CA LYS A 7 -9.27 11.39 3.09
C LYS A 7 -8.31 10.35 3.68
N ASP A 8 -8.42 10.16 4.99
CA ASP A 8 -7.57 9.21 5.68
C ASP A 8 -8.44 8.21 6.44
N LYS A 9 -8.43 6.97 5.96
CA LYS A 9 -9.21 5.92 6.59
C LYS A 9 -8.30 5.05 7.44
N LYS A 10 -8.86 4.52 8.51
CA LYS A 10 -8.11 3.67 9.42
C LYS A 10 -8.70 2.25 9.39
N ASN A 11 -7.83 1.28 9.59
CA ASN A 11 -8.24 -0.12 9.59
C ASN A 11 -7.36 -0.91 10.57
N PRO A 12 -7.91 -1.08 11.80
CA PRO A 12 -7.19 -1.80 12.83
C PRO A 12 -7.23 -3.31 12.57
N LEU A 13 -8.16 -3.70 11.70
CA LEU A 13 -8.31 -5.10 11.36
C LEU A 13 -7.03 -5.60 10.69
N LEU A 14 -6.74 -5.03 9.53
CA LEU A 14 -5.56 -5.41 8.78
C LEU A 14 -4.33 -4.72 9.40
N ASN A 15 -4.60 -3.61 10.08
CA ASN A 15 -3.53 -2.85 10.72
C ASN A 15 -2.87 -1.95 9.68
N ARG A 16 -3.70 -1.37 8.83
CA ARG A 16 -3.20 -0.48 7.80
C ARG A 16 -3.96 0.86 7.84
N ARG A 17 -3.71 1.66 6.82
CA ARG A 17 -4.35 2.97 6.73
C ARG A 17 -4.55 3.37 5.27
N GLU A 18 -5.81 3.47 4.88
CA GLU A 18 -6.15 3.84 3.51
C GLU A 18 -6.22 5.36 3.38
N LEU A 19 -5.18 5.93 2.79
CA LEU A 19 -5.12 7.37 2.60
C LEU A 19 -5.31 7.68 1.11
N ASP A 20 -6.15 8.67 0.86
CA ASP A 20 -6.43 9.08 -0.51
C ASP A 20 -5.94 10.51 -0.72
N PHE A 21 -5.38 10.75 -1.89
CA PHE A 21 -4.87 12.07 -2.22
C PHE A 21 -4.78 12.26 -3.74
N ILE A 22 -4.63 13.52 -4.14
CA ILE A 22 -4.53 13.84 -5.56
C ILE A 22 -3.18 14.51 -5.82
N VAL A 23 -2.53 14.05 -6.89
CA VAL A 23 -1.24 14.59 -7.26
C VAL A 23 -1.42 15.54 -8.46
N LYS A 24 -0.92 16.75 -8.27
CA LYS A 24 -1.01 17.76 -9.32
C LYS A 24 0.39 18.24 -9.70
N TYR A 25 0.55 18.56 -10.97
CA TYR A 25 1.84 19.03 -11.46
C TYR A 25 1.67 19.78 -12.78
N GLU A 26 2.80 20.26 -13.31
CA GLU A 26 2.79 20.98 -14.56
C GLU A 26 3.89 20.46 -15.49
N GLY A 27 3.70 19.23 -15.95
CA GLY A 27 4.67 18.62 -16.83
C GLY A 27 4.65 17.08 -16.68
N SER A 28 5.81 16.48 -16.91
CA SER A 28 5.92 15.04 -16.81
C SER A 28 5.37 14.56 -15.47
N THR A 29 4.53 13.54 -15.55
CA THR A 29 3.92 12.99 -14.35
C THR A 29 5.00 12.57 -13.34
N PRO A 30 4.66 12.70 -12.04
CA PRO A 30 5.58 12.34 -10.98
C PRO A 30 5.69 10.82 -10.83
N SER A 31 6.61 10.40 -9.98
CA SER A 31 6.83 8.98 -9.75
C SER A 31 6.26 8.59 -8.39
N ARG A 32 5.84 7.33 -8.30
CA ARG A 32 5.27 6.82 -7.06
C ARG A 32 6.21 7.11 -5.88
N ASN A 33 7.51 6.98 -6.16
CA ASN A 33 8.50 7.23 -5.13
C ASN A 33 8.45 8.70 -4.70
N ASP A 34 8.45 9.57 -5.72
CA ASP A 34 8.41 11.00 -5.46
C ASP A 34 7.15 11.33 -4.65
N VAL A 35 6.03 10.80 -5.12
CA VAL A 35 4.77 11.03 -4.45
C VAL A 35 4.80 10.37 -3.07
N ARG A 36 5.46 9.22 -3.01
CA ARG A 36 5.58 8.48 -1.77
C ARG A 36 6.38 9.27 -0.74
N ASN A 37 7.57 9.69 -1.16
CA ASN A 37 8.43 10.46 -0.29
C ASN A 37 7.71 11.73 0.16
N LYS A 38 6.81 12.19 -0.69
CA LYS A 38 6.05 13.39 -0.39
C LYS A 38 5.06 13.09 0.74
N LEU A 39 4.28 12.03 0.54
CA LEU A 39 3.30 11.62 1.53
C LEU A 39 4.01 11.28 2.84
N ALA A 40 4.99 10.39 2.73
CA ALA A 40 5.75 9.98 3.89
C ALA A 40 6.21 11.21 4.67
N ALA A 41 6.54 12.25 3.92
CA ALA A 41 7.00 13.49 4.52
C ALA A 41 5.80 14.23 5.12
N MET A 42 4.69 14.16 4.39
CA MET A 42 3.46 14.82 4.83
C MET A 42 2.91 14.15 6.10
N LEU A 43 2.84 12.83 6.05
CA LEU A 43 2.33 12.07 7.18
C LEU A 43 3.49 11.72 8.11
N ASN A 44 4.65 12.27 7.81
CA ASN A 44 5.84 12.03 8.61
C ASN A 44 5.91 10.54 8.98
N ALA A 45 5.52 9.72 8.02
CA ALA A 45 5.53 8.28 8.23
C ALA A 45 6.64 7.65 7.39
N PRO A 46 6.95 6.37 7.71
CA PRO A 46 8.00 5.65 7.00
C PRO A 46 7.52 5.22 5.62
N LEU A 47 8.44 5.31 4.65
CA LEU A 47 8.11 4.93 3.29
C LEU A 47 7.84 3.42 3.23
N GLU A 48 8.76 2.66 3.81
CA GLU A 48 8.63 1.22 3.83
C GLU A 48 7.20 0.82 4.20
N LEU A 49 6.65 1.56 5.16
CA LEU A 49 5.29 1.28 5.62
C LEU A 49 4.30 1.93 4.64
N LEU A 50 4.73 3.02 4.03
CA LEU A 50 3.88 3.72 3.08
C LEU A 50 4.00 3.04 1.71
N VAL A 51 2.89 2.46 1.28
CA VAL A 51 2.84 1.78 -0.01
C VAL A 51 1.80 2.46 -0.90
N ILE A 52 1.87 2.13 -2.18
CA ILE A 52 0.95 2.70 -3.15
C ILE A 52 0.18 1.57 -3.83
N GLN A 53 -1.14 1.76 -3.89
CA GLN A 53 -2.00 0.76 -4.50
C GLN A 53 -1.87 0.81 -6.03
N ARG A 54 -2.05 2.01 -6.56
CA ARG A 54 -1.95 2.21 -8.00
C ARG A 54 -2.30 3.65 -8.36
N ILE A 55 -1.38 4.29 -9.07
CA ILE A 55 -1.58 5.67 -9.49
C ILE A 55 -2.24 5.69 -10.86
N LYS A 56 -3.13 6.66 -11.04
CA LYS A 56 -3.84 6.80 -12.30
C LYS A 56 -3.64 8.23 -12.83
N THR A 57 -2.95 8.31 -13.96
CA THR A 57 -2.70 9.60 -14.57
C THR A 57 -3.81 9.96 -15.55
N GLU A 58 -4.20 11.22 -15.53
CA GLU A 58 -5.25 11.70 -16.40
C GLU A 58 -4.68 12.69 -17.43
N TYR A 59 -5.51 13.01 -18.41
CA TYR A 59 -5.10 13.94 -19.46
C TYR A 59 -6.10 15.09 -19.59
N GLY A 60 -5.66 16.27 -19.18
CA GLY A 60 -6.50 17.45 -19.24
C GLY A 60 -6.08 18.49 -18.20
N MET A 61 -5.64 17.98 -17.06
CA MET A 61 -5.19 18.85 -15.98
C MET A 61 -3.94 18.30 -15.31
N GLN A 62 -3.20 17.51 -16.07
CA GLN A 62 -1.97 16.91 -15.56
C GLN A 62 -2.13 16.55 -14.09
N GLU A 63 -3.14 15.72 -13.82
CA GLU A 63 -3.41 15.29 -12.45
C GLU A 63 -3.30 13.77 -12.34
N SER A 64 -2.70 13.33 -11.25
CA SER A 64 -2.53 11.91 -11.02
C SER A 64 -2.98 11.55 -9.60
N LYS A 65 -3.80 10.51 -9.52
CA LYS A 65 -4.31 10.06 -8.24
C LYS A 65 -3.82 8.64 -7.97
N GLY A 66 -3.70 8.31 -6.69
CA GLY A 66 -3.25 7.00 -6.29
C GLY A 66 -3.40 6.80 -4.77
N TYR A 67 -4.05 5.70 -4.42
CA TYR A 67 -4.26 5.39 -3.02
C TYR A 67 -3.01 4.75 -2.40
N ALA A 68 -2.66 5.23 -1.21
CA ALA A 68 -1.50 4.71 -0.51
C ALA A 68 -1.96 3.95 0.74
N LYS A 69 -1.12 3.02 1.16
CA LYS A 69 -1.42 2.22 2.33
C LYS A 69 -0.36 2.46 3.40
N LEU A 70 -0.79 3.09 4.49
CA LEU A 70 0.11 3.38 5.59
C LEU A 70 -0.07 2.33 6.69
N TYR A 71 1.03 1.68 7.04
CA TYR A 71 1.00 0.66 8.07
C TYR A 71 1.63 1.18 9.37
N GLU A 72 1.17 0.61 10.47
CA GLU A 72 1.67 1.00 11.78
C GLU A 72 3.02 0.33 12.05
N ASP A 73 3.17 -0.86 11.49
CA ASP A 73 4.40 -1.63 11.67
C ASP A 73 4.72 -2.36 10.38
N ALA A 74 5.99 -2.72 10.24
CA ALA A 74 6.44 -3.44 9.06
C ALA A 74 6.06 -4.91 9.18
N ASP A 75 6.23 -5.43 10.38
CA ASP A 75 5.92 -6.83 10.64
C ASP A 75 4.49 -7.12 10.18
N ARG A 76 3.57 -6.27 10.61
CA ARG A 76 2.17 -6.43 10.25
C ARG A 76 2.03 -6.47 8.73
N MET A 77 2.59 -5.46 8.08
CA MET A 77 2.52 -5.36 6.63
C MET A 77 2.93 -6.69 5.99
N LYS A 78 4.11 -7.17 6.39
CA LYS A 78 4.62 -8.41 5.85
C LYS A 78 3.58 -9.52 6.04
N GLN A 79 3.09 -9.62 7.27
CA GLN A 79 2.09 -10.63 7.60
C GLN A 79 0.80 -10.36 6.82
N VAL A 80 0.52 -9.08 6.62
CA VAL A 80 -0.67 -8.69 5.90
C VAL A 80 -0.56 -9.14 4.44
N GLU A 81 0.61 -8.90 3.87
CA GLU A 81 0.87 -9.29 2.49
C GLU A 81 1.07 -10.79 2.39
N GLN A 82 1.12 -11.45 3.54
CA GLN A 82 1.31 -12.88 3.59
C GLN A 82 -0.03 -13.59 3.35
N GLU A 83 -1.07 -12.80 3.17
CA GLU A 83 -2.39 -13.34 2.95
C GLU A 83 -2.59 -13.65 1.45
N TYR A 84 -1.99 -12.81 0.63
CA TYR A 84 -2.08 -12.99 -0.82
C TYR A 84 -0.78 -13.52 -1.39
N VAL A 85 -0.02 -14.22 -0.54
CA VAL A 85 1.24 -14.78 -0.95
C VAL A 85 1.00 -16.14 -1.63
N LEU A 86 1.97 -17.02 -1.46
CA LEU A 86 1.87 -18.35 -2.05
C LEU A 86 0.43 -18.86 -1.92
N LYS A 87 -0.21 -19.04 -3.07
CA LYS A 87 -1.57 -19.53 -3.09
C LYS A 87 -1.73 -20.57 -4.20
N ARG A 88 -2.65 -21.50 -3.97
CA ARG A 88 -2.90 -22.55 -4.94
C ARG A 88 -4.38 -22.94 -4.93
N ASN A 89 -4.68 -23.99 -5.67
CA ASN A 89 -6.05 -24.48 -5.76
C ASN A 89 -6.05 -26.00 -5.95
N ALA A 90 -5.28 -26.66 -5.10
CA ALA A 90 -5.18 -28.11 -5.16
C ALA A 90 -4.41 -28.62 -3.93
N VAL A 91 -5.02 -29.58 -3.26
CA VAL A 91 -4.41 -30.16 -2.06
C VAL A 91 -3.25 -31.07 -2.48
N PRO A 92 -2.18 -31.04 -1.65
CA PRO A 92 -1.01 -31.86 -1.93
C PRO A 92 -1.27 -33.33 -1.60
N GLY A 93 -0.22 -34.13 -1.71
CA GLY A 93 -0.33 -35.55 -1.43
C GLY A 93 0.16 -35.86 -0.01
N SER A 94 1.48 -35.93 0.13
CA SER A 94 2.08 -36.22 1.42
C SER A 94 1.85 -37.69 1.79
N GLU A 95 2.95 -38.39 2.00
CA GLU A 95 2.88 -39.79 2.36
C GLU A 95 4.28 -40.35 2.63
N THR A 96 4.32 -41.49 3.28
CA THR A 96 5.58 -42.14 3.60
C THR A 96 5.61 -43.57 3.07
N GLU A 97 6.23 -44.44 3.85
CA GLU A 97 6.34 -45.84 3.46
C GLU A 97 7.18 -46.61 4.48
N GLY A 98 6.67 -47.77 4.87
CA GLY A 98 7.38 -48.60 5.83
C GLY A 98 6.81 -50.03 5.84
N GLU A 99 7.72 -50.99 5.94
CA GLU A 99 7.32 -52.38 5.95
C GLU A 99 8.22 -53.18 6.90
N GLU A 100 8.37 -54.46 6.59
CA GLU A 100 9.20 -55.34 7.40
C GLU A 100 9.24 -56.74 6.80
N ALA A 101 10.45 -57.23 6.60
CA ALA A 101 10.63 -58.56 6.04
C ALA A 101 12.11 -58.77 5.68
N MET A 1 5.89 18.10 -7.27
CA MET A 1 4.46 18.19 -7.55
C MET A 1 3.69 18.62 -6.31
N ASP A 2 2.37 18.66 -6.45
CA ASP A 2 1.50 19.06 -5.35
C ASP A 2 0.65 17.86 -4.92
N ILE A 3 0.52 17.70 -3.62
CA ILE A 3 -0.26 16.60 -3.07
C ILE A 3 -1.34 17.16 -2.15
N LYS A 4 -2.56 16.69 -2.36
CA LYS A 4 -3.69 17.14 -1.56
C LYS A 4 -4.37 15.92 -0.93
N ILE A 5 -4.27 15.84 0.39
CA ILE A 5 -4.88 14.74 1.11
C ILE A 5 -6.40 14.80 0.95
N ILE A 6 -6.94 13.75 0.34
CA ILE A 6 -8.37 13.68 0.11
C ILE A 6 -9.06 13.21 1.39
N LYS A 7 -8.82 11.96 1.75
CA LYS A 7 -9.41 11.40 2.94
C LYS A 7 -8.45 10.36 3.53
N ASP A 8 -8.57 10.18 4.85
CA ASP A 8 -7.72 9.22 5.54
C ASP A 8 -8.59 8.21 6.29
N LYS A 9 -8.53 6.97 5.83
CA LYS A 9 -9.31 5.91 6.45
C LYS A 9 -8.42 5.11 7.41
N LYS A 10 -9.04 4.62 8.47
CA LYS A 10 -8.31 3.85 9.46
C LYS A 10 -8.67 2.36 9.30
N ASN A 11 -7.68 1.52 9.53
CA ASN A 11 -7.88 0.08 9.40
C ASN A 11 -6.87 -0.64 10.32
N PRO A 12 -7.25 -0.73 11.62
CA PRO A 12 -6.40 -1.39 12.60
C PRO A 12 -6.47 -2.92 12.44
N LEU A 13 -7.51 -3.36 11.77
CA LEU A 13 -7.70 -4.78 11.53
C LEU A 13 -6.51 -5.33 10.74
N LEU A 14 -6.30 -4.74 9.58
CA LEU A 14 -5.20 -5.16 8.72
C LEU A 14 -3.92 -4.45 9.15
N ASN A 15 -4.05 -3.65 10.20
CA ASN A 15 -2.92 -2.90 10.72
C ASN A 15 -2.35 -2.01 9.62
N ARG A 16 -3.25 -1.32 8.94
CA ARG A 16 -2.85 -0.43 7.85
C ARG A 16 -3.69 0.84 7.88
N ARG A 17 -3.56 1.62 6.81
CA ARG A 17 -4.30 2.87 6.71
C ARG A 17 -4.48 3.25 5.24
N GLU A 18 -5.74 3.45 4.87
CA GLU A 18 -6.07 3.82 3.49
C GLU A 18 -6.22 5.34 3.37
N LEU A 19 -5.23 5.94 2.73
CA LEU A 19 -5.24 7.38 2.54
C LEU A 19 -5.38 7.70 1.05
N ASP A 20 -6.24 8.67 0.76
CA ASP A 20 -6.47 9.08 -0.62
C ASP A 20 -6.01 10.52 -0.81
N PHE A 21 -5.34 10.75 -1.93
CA PHE A 21 -4.83 12.07 -2.25
C PHE A 21 -4.77 12.29 -3.75
N ILE A 22 -4.61 13.55 -4.14
CA ILE A 22 -4.53 13.90 -5.54
C ILE A 22 -3.17 14.54 -5.82
N VAL A 23 -2.55 14.09 -6.91
CA VAL A 23 -1.25 14.60 -7.30
C VAL A 23 -1.41 15.57 -8.46
N LYS A 24 -0.93 16.79 -8.25
CA LYS A 24 -1.03 17.82 -9.28
C LYS A 24 0.38 18.32 -9.62
N TYR A 25 0.55 18.70 -10.88
CA TYR A 25 1.83 19.20 -11.34
C TYR A 25 1.67 19.99 -12.64
N GLU A 26 2.77 20.61 -13.06
CA GLU A 26 2.76 21.40 -14.28
C GLU A 26 3.92 20.99 -15.18
N GLY A 27 3.84 19.74 -15.64
CA GLY A 27 4.87 19.20 -16.51
C GLY A 27 4.93 17.68 -16.43
N SER A 28 6.15 17.16 -16.45
CA SER A 28 6.36 15.72 -16.37
C SER A 28 5.55 15.14 -15.21
N THR A 29 5.33 13.84 -15.27
CA THR A 29 4.59 13.15 -14.23
C THR A 29 5.51 12.74 -13.09
N PRO A 30 4.95 12.78 -11.85
CA PRO A 30 5.72 12.42 -10.67
C PRO A 30 5.87 10.90 -10.57
N SER A 31 6.89 10.50 -9.82
CA SER A 31 7.16 9.07 -9.64
C SER A 31 6.58 8.60 -8.31
N ARG A 32 6.21 7.32 -8.28
CA ARG A 32 5.64 6.74 -7.08
C ARG A 32 6.51 7.06 -5.86
N ASN A 33 7.81 6.96 -6.07
CA ASN A 33 8.76 7.23 -5.00
C ASN A 33 8.65 8.70 -4.60
N ASP A 34 8.55 9.56 -5.61
CA ASP A 34 8.44 10.98 -5.36
C ASP A 34 7.16 11.27 -4.57
N VAL A 35 6.08 10.65 -5.01
CA VAL A 35 4.79 10.82 -4.36
C VAL A 35 4.83 10.15 -2.99
N ARG A 36 5.51 9.01 -2.94
CA ARG A 36 5.63 8.26 -1.71
C ARG A 36 6.38 9.08 -0.65
N ASN A 37 7.56 9.55 -1.05
CA ASN A 37 8.38 10.35 -0.16
C ASN A 37 7.60 11.59 0.28
N LYS A 38 6.88 12.15 -0.68
CA LYS A 38 6.09 13.35 -0.41
C LYS A 38 5.08 13.05 0.70
N LEU A 39 4.33 11.97 0.50
CA LEU A 39 3.33 11.56 1.47
C LEU A 39 4.02 11.22 2.79
N ALA A 40 5.02 10.37 2.71
CA ALA A 40 5.76 9.96 3.88
C ALA A 40 6.16 11.20 4.68
N ALA A 41 6.48 12.27 3.95
CA ALA A 41 6.87 13.51 4.58
C ALA A 41 5.64 14.20 5.16
N MET A 42 4.55 14.13 4.40
CA MET A 42 3.30 14.74 4.83
C MET A 42 2.73 14.04 6.07
N LEU A 43 2.72 12.71 6.00
CA LEU A 43 2.21 11.92 7.10
C LEU A 43 3.37 11.57 8.05
N ASN A 44 4.52 12.17 7.76
CA ASN A 44 5.70 11.93 8.59
C ASN A 44 5.79 10.45 8.93
N ALA A 45 5.43 9.62 7.95
CA ALA A 45 5.47 8.18 8.14
C ALA A 45 6.61 7.59 7.31
N PRO A 46 7.00 6.34 7.66
CA PRO A 46 8.06 5.66 6.97
C PRO A 46 7.61 5.16 5.59
N LEU A 47 8.44 5.40 4.61
CA LEU A 47 8.14 4.99 3.24
C LEU A 47 7.94 3.48 3.20
N GLU A 48 8.89 2.77 3.80
CA GLU A 48 8.83 1.31 3.85
C GLU A 48 7.42 0.86 4.24
N LEU A 49 6.89 1.50 5.27
CA LEU A 49 5.56 1.17 5.76
C LEU A 49 4.51 1.73 4.79
N LEU A 50 4.91 2.78 4.08
CA LEU A 50 4.02 3.42 3.12
C LEU A 50 4.05 2.62 1.80
N VAL A 51 2.86 2.45 1.23
CA VAL A 51 2.74 1.73 -0.02
C VAL A 51 1.74 2.45 -0.92
N ILE A 52 1.88 2.21 -2.23
CA ILE A 52 1.00 2.82 -3.19
C ILE A 52 0.20 1.73 -3.92
N GLN A 53 -1.11 1.86 -3.86
CA GLN A 53 -2.00 0.89 -4.49
C GLN A 53 -1.82 0.95 -6.01
N ARG A 54 -2.08 2.12 -6.56
CA ARG A 54 -1.97 2.33 -8.00
C ARG A 54 -2.34 3.76 -8.37
N ILE A 55 -1.44 4.40 -9.09
CA ILE A 55 -1.66 5.77 -9.52
C ILE A 55 -2.36 5.77 -10.89
N LYS A 56 -3.28 6.72 -11.04
CA LYS A 56 -4.03 6.84 -12.28
C LYS A 56 -3.89 8.26 -12.81
N THR A 57 -3.24 8.36 -13.98
CA THR A 57 -3.04 9.64 -14.61
C THR A 57 -4.16 9.94 -15.60
N GLU A 58 -4.61 11.19 -15.59
CA GLU A 58 -5.67 11.61 -16.49
C GLU A 58 -5.10 11.95 -17.87
N TYR A 59 -5.98 12.45 -18.73
CA TYR A 59 -5.57 12.82 -20.07
C TYR A 59 -5.51 14.34 -20.22
N GLY A 60 -4.30 14.84 -20.35
CA GLY A 60 -4.09 16.27 -20.50
C GLY A 60 -4.75 17.05 -19.36
N MET A 61 -4.61 16.51 -18.16
CA MET A 61 -5.19 17.14 -16.99
C MET A 61 -4.13 17.38 -15.91
N GLN A 62 -2.90 17.03 -16.25
CA GLN A 62 -1.79 17.19 -15.33
C GLN A 62 -2.23 16.91 -13.90
N GLU A 63 -2.79 15.72 -13.71
CA GLU A 63 -3.27 15.31 -12.40
C GLU A 63 -3.24 13.79 -12.27
N SER A 64 -2.57 13.33 -11.23
CA SER A 64 -2.46 11.90 -10.99
C SER A 64 -2.98 11.56 -9.59
N LYS A 65 -3.84 10.56 -9.54
CA LYS A 65 -4.42 10.13 -8.27
C LYS A 65 -4.02 8.68 -8.01
N GLY A 66 -3.76 8.39 -6.74
CA GLY A 66 -3.37 7.05 -6.34
C GLY A 66 -3.50 6.87 -4.82
N TYR A 67 -4.05 5.73 -4.44
CA TYR A 67 -4.23 5.42 -3.03
C TYR A 67 -2.94 4.87 -2.41
N ALA A 68 -2.73 5.24 -1.16
CA ALA A 68 -1.54 4.80 -0.45
C ALA A 68 -1.97 4.00 0.79
N LYS A 69 -1.08 3.13 1.22
CA LYS A 69 -1.34 2.30 2.38
C LYS A 69 -0.30 2.60 3.48
N LEU A 70 -0.79 3.19 4.56
CA LEU A 70 0.08 3.53 5.67
C LEU A 70 -0.07 2.49 6.78
N TYR A 71 1.06 1.89 7.15
CA TYR A 71 1.06 0.88 8.19
C TYR A 71 1.73 1.41 9.47
N GLU A 72 1.47 0.71 10.56
CA GLU A 72 2.04 1.09 11.84
C GLU A 72 3.41 0.44 12.03
N ASP A 73 3.55 -0.76 11.47
CA ASP A 73 4.79 -1.49 11.57
C ASP A 73 5.00 -2.32 10.29
N ALA A 74 6.23 -2.76 10.11
CA ALA A 74 6.57 -3.56 8.94
C ALA A 74 6.14 -5.01 9.18
N ASP A 75 6.30 -5.44 10.43
CA ASP A 75 5.94 -6.79 10.80
C ASP A 75 4.49 -7.05 10.41
N ARG A 76 3.62 -6.15 10.83
CA ARG A 76 2.20 -6.28 10.54
C ARG A 76 1.99 -6.41 9.03
N MET A 77 2.63 -5.51 8.29
CA MET A 77 2.51 -5.52 6.84
C MET A 77 2.80 -6.91 6.29
N LYS A 78 3.74 -7.59 6.92
CA LYS A 78 4.11 -8.93 6.49
C LYS A 78 2.98 -9.90 6.80
N GLN A 79 2.65 -9.99 8.08
CA GLN A 79 1.58 -10.87 8.53
C GLN A 79 0.29 -10.56 7.77
N VAL A 80 0.15 -9.30 7.38
CA VAL A 80 -1.02 -8.85 6.66
C VAL A 80 -0.93 -9.35 5.21
N GLU A 81 0.16 -9.00 4.56
CA GLU A 81 0.38 -9.40 3.18
C GLU A 81 0.62 -10.91 3.09
N GLN A 82 0.74 -11.52 4.26
CA GLN A 82 0.97 -12.96 4.34
C GLN A 82 -0.35 -13.73 4.19
N GLU A 83 -1.42 -12.96 4.10
CA GLU A 83 -2.75 -13.55 3.98
C GLU A 83 -3.02 -13.92 2.52
N TYR A 84 -2.46 -13.13 1.62
CA TYR A 84 -2.62 -13.37 0.19
C TYR A 84 -1.30 -13.77 -0.45
N VAL A 85 -0.42 -14.34 0.36
CA VAL A 85 0.88 -14.77 -0.12
C VAL A 85 0.79 -16.22 -0.59
N LEU A 86 1.90 -16.93 -0.47
CA LEU A 86 1.97 -18.32 -0.87
C LEU A 86 0.87 -19.10 -0.15
N LYS A 87 -0.22 -19.33 -0.87
CA LYS A 87 -1.35 -20.08 -0.31
C LYS A 87 -1.43 -21.45 -0.98
N ARG A 88 -2.02 -22.39 -0.25
CA ARG A 88 -2.17 -23.74 -0.75
C ARG A 88 -3.64 -24.02 -1.07
N ASN A 89 -3.84 -25.06 -1.87
CA ASN A 89 -5.19 -25.45 -2.26
C ASN A 89 -5.16 -26.88 -2.82
N ALA A 90 -4.55 -27.76 -2.06
CA ALA A 90 -4.44 -29.16 -2.47
C ALA A 90 -3.94 -29.99 -1.30
N VAL A 91 -4.20 -31.29 -1.37
CA VAL A 91 -3.77 -32.20 -0.32
C VAL A 91 -2.29 -32.51 -0.50
N PRO A 92 -1.54 -32.41 0.64
CA PRO A 92 -0.11 -32.68 0.62
C PRO A 92 0.16 -34.18 0.52
N GLY A 93 1.42 -34.53 0.72
CA GLY A 93 1.83 -35.92 0.66
C GLY A 93 1.29 -36.71 1.86
N SER A 94 2.21 -37.32 2.59
CA SER A 94 1.85 -38.09 3.76
C SER A 94 3.04 -38.92 4.24
N GLU A 95 3.38 -38.75 5.51
CA GLU A 95 4.49 -39.47 6.09
C GLU A 95 3.99 -40.45 7.16
N THR A 96 4.23 -41.72 6.91
CA THR A 96 3.82 -42.77 7.83
C THR A 96 5.04 -43.40 8.51
N GLU A 97 4.93 -44.70 8.74
CA GLU A 97 6.01 -45.44 9.36
C GLU A 97 5.56 -46.87 9.68
N GLY A 98 5.95 -47.79 8.80
CA GLY A 98 5.61 -49.18 8.97
C GLY A 98 6.54 -50.08 8.16
N GLU A 99 7.82 -49.97 8.46
CA GLU A 99 8.83 -50.76 7.78
C GLU A 99 9.34 -51.88 8.68
N GLU A 100 8.85 -53.08 8.43
CA GLU A 100 9.24 -54.25 9.21
C GLU A 100 8.50 -55.49 8.72
N ALA A 101 9.28 -56.54 8.51
CA ALA A 101 8.72 -57.81 8.04
C ALA A 101 9.84 -58.78 7.73
N MET A 1 5.92 17.99 -7.21
CA MET A 1 4.51 18.08 -7.55
C MET A 1 3.68 18.52 -6.33
N ASP A 2 2.38 18.58 -6.54
CA ASP A 2 1.47 18.98 -5.47
C ASP A 2 0.65 17.77 -5.02
N ILE A 3 0.38 17.73 -3.73
CA ILE A 3 -0.40 16.63 -3.17
C ILE A 3 -1.49 17.20 -2.25
N LYS A 4 -2.69 16.66 -2.40
CA LYS A 4 -3.81 17.10 -1.59
C LYS A 4 -4.45 15.89 -0.91
N ILE A 5 -4.29 15.84 0.40
CA ILE A 5 -4.84 14.74 1.18
C ILE A 5 -6.37 14.75 1.06
N ILE A 6 -6.88 13.76 0.34
CA ILE A 6 -8.32 13.65 0.13
C ILE A 6 -8.98 13.21 1.44
N LYS A 7 -8.78 11.95 1.77
CA LYS A 7 -9.35 11.39 2.99
C LYS A 7 -8.38 10.36 3.59
N ASP A 8 -8.51 10.17 4.89
CA ASP A 8 -7.65 9.22 5.59
C ASP A 8 -8.52 8.20 6.33
N LYS A 9 -8.46 6.97 5.87
CA LYS A 9 -9.23 5.90 6.48
C LYS A 9 -8.31 5.03 7.34
N LYS A 10 -8.86 4.52 8.43
CA LYS A 10 -8.11 3.68 9.34
C LYS A 10 -8.66 2.25 9.27
N ASN A 11 -7.76 1.30 9.49
CA ASN A 11 -8.14 -0.11 9.46
C ASN A 11 -7.29 -0.87 10.48
N PRO A 12 -7.89 -1.07 11.69
CA PRO A 12 -7.20 -1.79 12.75
C PRO A 12 -7.18 -3.29 12.48
N LEU A 13 -8.06 -3.71 11.59
CA LEU A 13 -8.16 -5.11 11.22
C LEU A 13 -6.87 -5.55 10.53
N LEU A 14 -6.61 -4.93 9.39
CA LEU A 14 -5.42 -5.23 8.63
C LEU A 14 -4.21 -4.52 9.25
N ASN A 15 -4.52 -3.54 10.08
CA ASN A 15 -3.48 -2.79 10.76
C ASN A 15 -2.83 -1.82 9.76
N ARG A 16 -3.63 -1.41 8.78
CA ARG A 16 -3.14 -0.50 7.75
C ARG A 16 -3.95 0.80 7.79
N ARG A 17 -3.63 1.69 6.85
CA ARG A 17 -4.31 2.96 6.76
C ARG A 17 -4.48 3.37 5.29
N GLU A 18 -5.73 3.50 4.88
CA GLU A 18 -6.04 3.88 3.51
C GLU A 18 -6.15 5.40 3.40
N LEU A 19 -5.17 5.99 2.73
CA LEU A 19 -5.14 7.43 2.54
C LEU A 19 -5.32 7.75 1.06
N ASP A 20 -6.19 8.72 0.80
CA ASP A 20 -6.45 9.13 -0.58
C ASP A 20 -5.95 10.56 -0.79
N PHE A 21 -5.38 10.80 -1.95
CA PHE A 21 -4.87 12.11 -2.28
C PHE A 21 -4.74 12.28 -3.80
N ILE A 22 -4.67 13.54 -4.21
CA ILE A 22 -4.55 13.86 -5.62
C ILE A 22 -3.18 14.50 -5.89
N VAL A 23 -2.53 14.00 -6.93
CA VAL A 23 -1.21 14.52 -7.30
C VAL A 23 -1.35 15.44 -8.50
N LYS A 24 -0.83 16.65 -8.35
CA LYS A 24 -0.88 17.64 -9.41
C LYS A 24 0.53 18.15 -9.69
N TYR A 25 0.76 18.48 -10.96
CA TYR A 25 2.06 18.99 -11.38
C TYR A 25 1.95 19.72 -12.72
N GLU A 26 3.02 20.43 -13.05
CA GLU A 26 3.06 21.17 -14.29
C GLU A 26 4.32 20.81 -15.09
N GLY A 27 4.64 19.52 -15.08
CA GLY A 27 5.80 19.04 -15.79
C GLY A 27 5.68 17.53 -16.07
N SER A 28 6.83 16.86 -16.00
CA SER A 28 6.86 15.43 -16.24
C SER A 28 6.10 14.69 -15.15
N THR A 29 5.66 13.49 -15.48
CA THR A 29 4.91 12.67 -14.54
C THR A 29 5.82 12.21 -13.40
N PRO A 30 5.37 12.51 -12.15
CA PRO A 30 6.13 12.12 -10.97
C PRO A 30 6.01 10.62 -10.70
N SER A 31 7.09 10.07 -10.17
CA SER A 31 7.13 8.64 -9.86
C SER A 31 6.43 8.39 -8.53
N ARG A 32 6.20 7.11 -8.25
CA ARG A 32 5.54 6.72 -7.02
C ARG A 32 6.43 7.01 -5.82
N ASN A 33 7.73 6.87 -6.04
CA ASN A 33 8.70 7.11 -4.99
C ASN A 33 8.70 8.60 -4.63
N ASP A 34 8.62 9.43 -5.66
CA ASP A 34 8.61 10.87 -5.48
C ASP A 34 7.35 11.26 -4.70
N VAL A 35 6.22 10.77 -5.18
CA VAL A 35 4.95 11.06 -4.56
C VAL A 35 4.93 10.47 -3.14
N ARG A 36 5.58 9.31 -3.01
CA ARG A 36 5.65 8.63 -1.74
C ARG A 36 6.44 9.47 -0.74
N ASN A 37 7.64 9.84 -1.14
CA ASN A 37 8.50 10.65 -0.29
C ASN A 37 7.76 11.91 0.13
N LYS A 38 6.79 12.30 -0.68
CA LYS A 38 5.99 13.48 -0.41
C LYS A 38 4.99 13.17 0.70
N LEU A 39 4.26 12.09 0.51
CA LEU A 39 3.26 11.67 1.48
C LEU A 39 3.95 11.32 2.79
N ALA A 40 4.94 10.44 2.70
CA ALA A 40 5.69 10.01 3.86
C ALA A 40 6.12 11.24 4.66
N ALA A 41 6.45 12.29 3.94
CA ALA A 41 6.88 13.53 4.55
C ALA A 41 5.67 14.25 5.15
N MET A 42 4.56 14.16 4.43
CA MET A 42 3.33 14.80 4.86
C MET A 42 2.79 14.12 6.13
N LEU A 43 2.75 12.80 6.09
CA LEU A 43 2.27 12.03 7.22
C LEU A 43 3.43 11.69 8.14
N ASN A 44 4.60 12.19 7.78
CA ASN A 44 5.80 11.94 8.56
C ASN A 44 5.86 10.47 8.93
N ALA A 45 5.48 9.63 7.98
CA ALA A 45 5.49 8.19 8.19
C ALA A 45 6.64 7.57 7.38
N PRO A 46 6.98 6.31 7.75
CA PRO A 46 8.06 5.60 7.08
C PRO A 46 7.61 5.11 5.71
N LEU A 47 8.40 5.47 4.70
CA LEU A 47 8.10 5.07 3.34
C LEU A 47 7.89 3.56 3.28
N GLU A 48 8.84 2.84 3.89
CA GLU A 48 8.77 1.38 3.92
C GLU A 48 7.36 0.93 4.30
N LEU A 49 6.83 1.54 5.34
CA LEU A 49 5.50 1.21 5.81
C LEU A 49 4.46 1.77 4.84
N LEU A 50 4.86 2.81 4.13
CA LEU A 50 3.97 3.44 3.16
C LEU A 50 4.02 2.65 1.84
N VAL A 51 2.85 2.47 1.26
CA VAL A 51 2.75 1.74 0.01
C VAL A 51 1.75 2.46 -0.92
N ILE A 52 1.88 2.18 -2.20
CA ILE A 52 0.99 2.78 -3.19
C ILE A 52 0.22 1.69 -3.92
N GLN A 53 -1.10 1.84 -3.90
CA GLN A 53 -1.97 0.86 -4.55
C GLN A 53 -1.79 0.93 -6.07
N ARG A 54 -2.19 2.06 -6.63
CA ARG A 54 -2.08 2.26 -8.07
C ARG A 54 -2.43 3.71 -8.44
N ILE A 55 -1.47 4.38 -9.05
CA ILE A 55 -1.66 5.75 -9.46
C ILE A 55 -2.32 5.80 -10.84
N LYS A 56 -3.24 6.73 -11.00
CA LYS A 56 -3.94 6.89 -12.26
C LYS A 56 -3.78 8.32 -12.76
N THR A 57 -3.10 8.44 -13.90
CA THR A 57 -2.87 9.74 -14.50
C THR A 57 -4.05 10.14 -15.39
N GLU A 58 -4.53 11.36 -15.17
CA GLU A 58 -5.64 11.88 -15.94
C GLU A 58 -5.13 12.76 -17.08
N TYR A 59 -6.05 13.07 -18.00
CA TYR A 59 -5.71 13.90 -19.15
C TYR A 59 -6.59 15.15 -19.18
N GLY A 60 -5.96 16.27 -18.84
CA GLY A 60 -6.67 17.54 -18.83
C GLY A 60 -6.00 18.54 -17.86
N MET A 61 -5.43 17.98 -16.81
CA MET A 61 -4.75 18.80 -15.81
C MET A 61 -3.56 18.07 -15.21
N GLN A 62 -3.01 17.15 -16.00
CA GLN A 62 -1.87 16.37 -15.57
C GLN A 62 -1.98 16.06 -14.07
N GLU A 63 -3.13 15.53 -13.69
CA GLU A 63 -3.37 15.18 -12.31
C GLU A 63 -3.44 13.66 -12.14
N SER A 64 -2.55 13.15 -11.29
CA SER A 64 -2.50 11.72 -11.03
C SER A 64 -2.97 11.43 -9.61
N LYS A 65 -3.85 10.45 -9.51
CA LYS A 65 -4.39 10.06 -8.22
C LYS A 65 -4.03 8.60 -7.94
N GLY A 66 -3.74 8.33 -6.67
CA GLY A 66 -3.37 6.99 -6.26
C GLY A 66 -3.57 6.80 -4.76
N TYR A 67 -4.08 5.63 -4.39
CA TYR A 67 -4.32 5.32 -3.00
C TYR A 67 -3.08 4.69 -2.35
N ALA A 68 -2.66 5.28 -1.25
CA ALA A 68 -1.49 4.79 -0.53
C ALA A 68 -1.95 4.00 0.70
N LYS A 69 -1.08 3.10 1.13
CA LYS A 69 -1.39 2.27 2.29
C LYS A 69 -0.34 2.54 3.39
N LEU A 70 -0.81 3.14 4.47
CA LEU A 70 0.06 3.45 5.59
C LEU A 70 -0.08 2.37 6.66
N TYR A 71 1.03 1.75 7.00
CA TYR A 71 1.04 0.70 8.01
C TYR A 71 1.74 1.18 9.28
N GLU A 72 1.39 0.53 10.39
CA GLU A 72 1.97 0.87 11.67
C GLU A 72 3.28 0.10 11.89
N ASP A 73 3.40 -1.01 11.17
CA ASP A 73 4.58 -1.84 11.27
C ASP A 73 4.80 -2.58 9.95
N ALA A 74 6.02 -3.04 9.76
CA ALA A 74 6.37 -3.77 8.55
C ALA A 74 5.95 -5.23 8.69
N ASP A 75 5.96 -5.69 9.93
CA ASP A 75 5.58 -7.07 10.22
C ASP A 75 4.17 -7.32 9.70
N ARG A 76 3.28 -6.39 10.03
CA ARG A 76 1.89 -6.50 9.61
C ARG A 76 1.80 -6.49 8.08
N MET A 77 2.53 -5.56 7.48
CA MET A 77 2.53 -5.43 6.03
C MET A 77 2.80 -6.78 5.36
N LYS A 78 3.67 -7.55 5.99
CA LYS A 78 4.02 -8.87 5.48
C LYS A 78 2.83 -9.81 5.62
N GLN A 79 2.39 -9.96 6.86
CA GLN A 79 1.25 -10.83 7.16
C GLN A 79 0.03 -10.39 6.35
N VAL A 80 -0.04 -9.10 6.09
CA VAL A 80 -1.15 -8.54 5.33
C VAL A 80 -1.01 -8.95 3.86
N GLU A 81 0.19 -8.74 3.34
CA GLU A 81 0.47 -9.09 1.96
C GLU A 81 0.55 -10.61 1.79
N GLN A 82 0.50 -11.29 2.92
CA GLN A 82 0.58 -12.75 2.91
C GLN A 82 -0.77 -13.34 2.46
N GLU A 83 -1.71 -12.45 2.22
CA GLU A 83 -3.04 -12.87 1.78
C GLU A 83 -3.06 -13.02 0.25
N TYR A 84 -2.22 -12.24 -0.41
CA TYR A 84 -2.15 -12.27 -1.86
C TYR A 84 -1.14 -13.33 -2.33
N VAL A 85 -0.96 -14.34 -1.50
CA VAL A 85 -0.03 -15.41 -1.81
C VAL A 85 -0.80 -16.71 -2.00
N LEU A 86 -0.25 -17.78 -1.44
CA LEU A 86 -0.89 -19.09 -1.54
C LEU A 86 -2.28 -19.02 -0.91
N LYS A 87 -3.24 -18.59 -1.72
CA LYS A 87 -4.62 -18.48 -1.26
C LYS A 87 -5.34 -19.81 -1.51
N ARG A 88 -6.37 -20.03 -0.71
CA ARG A 88 -7.15 -21.25 -0.82
C ARG A 88 -8.60 -21.00 -0.41
N ASN A 89 -9.38 -22.07 -0.39
CA ASN A 89 -10.78 -21.98 0.00
C ASN A 89 -11.21 -23.28 0.68
N ALA A 90 -10.36 -23.74 1.60
CA ALA A 90 -10.64 -24.96 2.32
C ALA A 90 -9.63 -25.11 3.45
N VAL A 91 -10.16 -25.27 4.66
CA VAL A 91 -9.31 -25.43 5.84
C VAL A 91 -8.36 -26.60 5.62
N PRO A 92 -7.04 -26.28 5.70
CA PRO A 92 -6.02 -27.30 5.52
C PRO A 92 -5.91 -28.20 6.75
N GLY A 93 -4.89 -29.05 6.74
CA GLY A 93 -4.66 -29.96 7.85
C GLY A 93 -3.63 -29.39 8.83
N SER A 94 -2.69 -30.24 9.21
CA SER A 94 -1.65 -29.84 10.14
C SER A 94 -0.84 -31.06 10.58
N GLU A 95 0.46 -30.97 10.36
CA GLU A 95 1.36 -32.06 10.72
C GLU A 95 2.77 -31.53 10.94
N THR A 96 3.52 -32.26 11.75
CA THR A 96 4.90 -31.88 12.05
C THR A 96 5.84 -33.06 11.84
N GLU A 97 6.85 -33.13 12.70
CA GLU A 97 7.82 -34.21 12.61
C GLU A 97 8.96 -33.98 13.62
N GLY A 98 9.81 -34.98 13.74
CA GLY A 98 10.94 -34.90 14.66
C GLY A 98 10.89 -36.05 15.67
N GLU A 99 12.01 -36.76 15.75
CA GLU A 99 12.11 -37.88 16.67
C GLU A 99 13.39 -37.78 17.50
N GLU A 100 13.90 -38.93 17.89
CA GLU A 100 15.12 -38.98 18.68
C GLU A 100 16.25 -39.61 17.87
N ALA A 101 17.40 -38.93 17.87
CA ALA A 101 18.55 -39.41 17.14
C ALA A 101 19.71 -38.43 17.31
N MET A 1 5.86 18.25 -7.33
CA MET A 1 4.43 18.28 -7.56
C MET A 1 3.67 18.66 -6.28
N ASP A 2 2.36 18.76 -6.42
CA ASP A 2 1.52 19.11 -5.28
C ASP A 2 0.61 17.94 -4.94
N ILE A 3 0.38 17.75 -3.65
CA ILE A 3 -0.46 16.67 -3.18
C ILE A 3 -1.55 17.24 -2.27
N LYS A 4 -2.71 16.59 -2.30
CA LYS A 4 -3.84 17.01 -1.49
C LYS A 4 -4.46 15.80 -0.81
N ILE A 5 -4.36 15.78 0.52
CA ILE A 5 -4.91 14.68 1.30
C ILE A 5 -6.43 14.71 1.19
N ILE A 6 -6.95 13.73 0.46
CA ILE A 6 -8.39 13.62 0.28
C ILE A 6 -9.04 13.17 1.59
N LYS A 7 -8.78 11.92 1.94
CA LYS A 7 -9.34 11.36 3.17
C LYS A 7 -8.36 10.34 3.75
N ASP A 8 -8.48 10.13 5.05
CA ASP A 8 -7.60 9.18 5.73
C ASP A 8 -8.47 8.16 6.48
N LYS A 9 -8.43 6.93 6.00
CA LYS A 9 -9.20 5.87 6.62
C LYS A 9 -8.26 4.99 7.45
N LYS A 10 -8.80 4.52 8.58
CA LYS A 10 -8.03 3.68 9.47
C LYS A 10 -8.60 2.25 9.45
N ASN A 11 -7.72 1.29 9.66
CA ASN A 11 -8.13 -0.10 9.68
C ASN A 11 -7.16 -0.90 10.54
N PRO A 12 -7.58 -1.11 11.82
CA PRO A 12 -6.76 -1.86 12.77
C PRO A 12 -6.82 -3.35 12.48
N LEU A 13 -7.80 -3.73 11.68
CA LEU A 13 -7.98 -5.12 11.31
C LEU A 13 -6.77 -5.60 10.51
N LEU A 14 -6.58 -4.97 9.36
CA LEU A 14 -5.47 -5.32 8.48
C LEU A 14 -4.18 -4.71 9.05
N ASN A 15 -4.37 -3.73 9.92
CA ASN A 15 -3.24 -3.05 10.54
C ASN A 15 -2.61 -2.09 9.52
N ARG A 16 -3.47 -1.52 8.69
CA ARG A 16 -3.02 -0.58 7.67
C ARG A 16 -3.85 0.70 7.72
N ARG A 17 -3.59 1.58 6.75
CA ARG A 17 -4.30 2.83 6.69
C ARG A 17 -4.51 3.25 5.23
N GLU A 18 -5.78 3.42 4.88
CA GLU A 18 -6.13 3.80 3.52
C GLU A 18 -6.22 5.33 3.41
N LEU A 19 -5.22 5.90 2.75
CA LEU A 19 -5.17 7.34 2.57
C LEU A 19 -5.38 7.66 1.08
N ASP A 20 -6.23 8.65 0.85
CA ASP A 20 -6.52 9.07 -0.51
C ASP A 20 -6.06 10.51 -0.70
N PHE A 21 -5.48 10.76 -1.88
CA PHE A 21 -4.97 12.08 -2.20
C PHE A 21 -4.89 12.28 -3.72
N ILE A 22 -4.59 13.51 -4.11
CA ILE A 22 -4.47 13.84 -5.51
C ILE A 22 -3.12 14.53 -5.76
N VAL A 23 -2.45 14.08 -6.81
CA VAL A 23 -1.15 14.63 -7.17
C VAL A 23 -1.32 15.57 -8.36
N LYS A 24 -0.88 16.80 -8.17
CA LYS A 24 -0.97 17.81 -9.23
C LYS A 24 0.42 18.34 -9.54
N TYR A 25 0.61 18.73 -10.79
CA TYR A 25 1.88 19.28 -11.22
C TYR A 25 1.73 20.09 -12.51
N GLU A 26 2.78 20.82 -12.84
CA GLU A 26 2.78 21.64 -14.04
C GLU A 26 3.80 21.12 -15.05
N GLY A 27 3.67 19.85 -15.38
CA GLY A 27 4.57 19.22 -16.33
C GLY A 27 5.27 18.01 -15.71
N SER A 28 5.80 17.17 -16.57
CA SER A 28 6.51 15.98 -16.11
C SER A 28 5.56 15.08 -15.34
N THR A 29 5.96 13.81 -15.21
CA THR A 29 5.15 12.84 -14.50
C THR A 29 5.90 12.33 -13.27
N PRO A 30 5.29 12.57 -12.08
CA PRO A 30 5.89 12.14 -10.82
C PRO A 30 5.73 10.63 -10.63
N SER A 31 6.77 10.02 -10.10
CA SER A 31 6.77 8.59 -9.86
C SER A 31 6.14 8.28 -8.50
N ARG A 32 5.95 7.00 -8.24
CA ARG A 32 5.37 6.58 -6.98
C ARG A 32 6.31 6.90 -5.82
N ASN A 33 7.58 6.65 -6.05
CA ASN A 33 8.59 6.91 -5.02
C ASN A 33 8.68 8.43 -4.79
N ASP A 34 8.39 9.17 -5.84
CA ASP A 34 8.44 10.63 -5.76
C ASP A 34 7.24 11.12 -4.94
N VAL A 35 6.10 10.52 -5.20
CA VAL A 35 4.88 10.89 -4.51
C VAL A 35 4.95 10.39 -3.07
N ARG A 36 5.36 9.14 -2.92
CA ARG A 36 5.47 8.54 -1.61
C ARG A 36 6.30 9.44 -0.67
N ASN A 37 7.49 9.79 -1.16
CA ASN A 37 8.37 10.64 -0.39
C ASN A 37 7.62 11.91 0.04
N LYS A 38 6.69 12.32 -0.81
CA LYS A 38 5.90 13.51 -0.53
C LYS A 38 4.92 13.20 0.60
N LEU A 39 4.18 12.13 0.43
CA LEU A 39 3.20 11.72 1.43
C LEU A 39 3.93 11.39 2.74
N ALA A 40 4.92 10.52 2.62
CA ALA A 40 5.69 10.12 3.80
C ALA A 40 6.14 11.37 4.56
N ALA A 41 6.44 12.42 3.81
CA ALA A 41 6.86 13.66 4.40
C ALA A 41 5.66 14.37 5.02
N MET A 42 4.54 14.27 4.33
CA MET A 42 3.31 14.90 4.80
C MET A 42 2.79 14.21 6.06
N LEU A 43 2.75 12.88 5.99
CA LEU A 43 2.28 12.09 7.11
C LEU A 43 3.45 11.76 8.03
N ASN A 44 4.60 12.34 7.70
CA ASN A 44 5.80 12.11 8.49
C ASN A 44 5.90 10.63 8.83
N ALA A 45 5.50 9.80 7.89
CA ALA A 45 5.54 8.36 8.09
C ALA A 45 6.66 7.77 7.24
N PRO A 46 7.00 6.49 7.54
CA PRO A 46 8.05 5.79 6.81
C PRO A 46 7.56 5.36 5.43
N LEU A 47 8.46 5.45 4.47
CA LEU A 47 8.14 5.07 3.10
C LEU A 47 7.91 3.55 3.03
N GLU A 48 8.87 2.82 3.58
CA GLU A 48 8.77 1.37 3.59
C GLU A 48 7.38 0.92 4.01
N LEU A 49 6.84 1.63 4.99
CA LEU A 49 5.51 1.32 5.50
C LEU A 49 4.47 1.89 4.54
N LEU A 50 4.84 2.99 3.89
CA LEU A 50 3.94 3.64 2.95
C LEU A 50 4.01 2.92 1.60
N VAL A 51 2.85 2.49 1.13
CA VAL A 51 2.76 1.80 -0.14
C VAL A 51 1.71 2.47 -1.03
N ILE A 52 1.91 2.34 -2.32
CA ILE A 52 0.99 2.94 -3.28
C ILE A 52 0.13 1.84 -3.90
N GLN A 53 -1.18 2.00 -3.76
CA GLN A 53 -2.12 1.03 -4.29
C GLN A 53 -2.05 1.02 -5.82
N ARG A 54 -2.24 2.19 -6.40
CA ARG A 54 -2.21 2.32 -7.84
C ARG A 54 -2.52 3.77 -8.26
N ILE A 55 -1.56 4.37 -8.94
CA ILE A 55 -1.72 5.74 -9.40
C ILE A 55 -2.37 5.74 -10.79
N LYS A 56 -3.26 6.70 -10.99
CA LYS A 56 -3.95 6.82 -12.26
C LYS A 56 -3.71 8.22 -12.83
N THR A 57 -3.02 8.25 -13.95
CA THR A 57 -2.71 9.51 -14.62
C THR A 57 -3.78 9.85 -15.65
N GLU A 58 -4.16 11.12 -15.68
CA GLU A 58 -5.18 11.57 -16.62
C GLU A 58 -4.55 11.81 -18.00
N TYR A 59 -5.36 12.36 -18.88
CA TYR A 59 -4.91 12.65 -20.24
C TYR A 59 -4.64 14.15 -20.41
N GLY A 60 -3.36 14.49 -20.40
CA GLY A 60 -2.95 15.89 -20.55
C GLY A 60 -3.66 16.78 -19.53
N MET A 61 -3.75 16.27 -18.31
CA MET A 61 -4.40 17.00 -17.24
C MET A 61 -3.43 17.26 -16.10
N GLN A 62 -2.18 16.88 -16.32
CA GLN A 62 -1.14 17.07 -15.32
C GLN A 62 -1.71 16.80 -13.92
N GLU A 63 -2.21 15.59 -13.74
CA GLU A 63 -2.78 15.21 -12.46
C GLU A 63 -2.75 13.68 -12.31
N SER A 64 -2.21 13.25 -11.18
CA SER A 64 -2.12 11.82 -10.90
C SER A 64 -2.69 11.52 -9.51
N LYS A 65 -3.61 10.57 -9.49
CA LYS A 65 -4.25 10.19 -8.24
C LYS A 65 -3.94 8.72 -7.95
N GLY A 66 -3.82 8.40 -6.66
CA GLY A 66 -3.52 7.04 -6.25
C GLY A 66 -3.67 6.90 -4.73
N TYR A 67 -4.19 5.74 -4.33
CA TYR A 67 -4.38 5.46 -2.92
C TYR A 67 -3.15 4.78 -2.32
N ALA A 68 -2.68 5.36 -1.22
CA ALA A 68 -1.51 4.82 -0.54
C ALA A 68 -1.96 4.05 0.70
N LYS A 69 -1.14 3.09 1.09
CA LYS A 69 -1.44 2.27 2.25
C LYS A 69 -0.37 2.52 3.33
N LEU A 70 -0.81 3.13 4.42
CA LEU A 70 0.09 3.42 5.52
C LEU A 70 -0.08 2.36 6.61
N TYR A 71 1.04 1.73 6.95
CA TYR A 71 1.04 0.70 7.97
C TYR A 71 1.83 1.13 9.21
N GLU A 72 1.50 0.51 10.33
CA GLU A 72 2.17 0.82 11.58
C GLU A 72 3.51 0.08 11.67
N ASP A 73 3.56 -1.07 11.00
CA ASP A 73 4.76 -1.88 11.01
C ASP A 73 4.86 -2.62 9.66
N ALA A 74 6.09 -2.95 9.31
CA ALA A 74 6.36 -3.65 8.07
C ALA A 74 5.98 -5.12 8.23
N ASP A 75 6.29 -5.64 9.41
CA ASP A 75 6.00 -7.04 9.71
C ASP A 75 4.55 -7.35 9.34
N ARG A 76 3.66 -6.48 9.79
CA ARG A 76 2.24 -6.64 9.52
C ARG A 76 1.99 -6.63 8.00
N MET A 77 2.55 -5.61 7.35
CA MET A 77 2.40 -5.47 5.92
C MET A 77 2.76 -6.77 5.20
N LYS A 78 3.79 -7.43 5.70
CA LYS A 78 4.24 -8.68 5.11
C LYS A 78 3.13 -9.73 5.25
N GLN A 79 2.77 -10.01 6.50
CA GLN A 79 1.72 -10.99 6.77
C GLN A 79 0.43 -10.59 6.07
N VAL A 80 0.19 -9.28 6.02
CA VAL A 80 -1.01 -8.76 5.39
C VAL A 80 -0.97 -9.11 3.90
N GLU A 81 0.16 -8.83 3.28
CA GLU A 81 0.33 -9.11 1.86
C GLU A 81 0.52 -10.61 1.64
N GLN A 82 0.64 -11.33 2.73
CA GLN A 82 0.83 -12.77 2.67
C GLN A 82 -0.52 -13.49 2.79
N GLU A 83 -1.57 -12.69 2.98
CA GLU A 83 -2.91 -13.23 3.11
C GLU A 83 -3.41 -13.70 1.75
N TYR A 84 -3.00 -12.99 0.71
CA TYR A 84 -3.40 -13.33 -0.64
C TYR A 84 -2.40 -14.26 -1.30
N VAL A 85 -1.68 -15.00 -0.46
CA VAL A 85 -0.69 -15.94 -0.96
C VAL A 85 -1.09 -17.36 -0.57
N LEU A 86 -2.22 -17.46 0.13
CA LEU A 86 -2.72 -18.75 0.56
C LEU A 86 -4.16 -18.92 0.06
N LYS A 87 -4.27 -19.30 -1.20
CA LYS A 87 -5.58 -19.50 -1.82
C LYS A 87 -5.59 -20.85 -2.54
N ARG A 88 -6.76 -21.47 -2.55
CA ARG A 88 -6.92 -22.76 -3.21
C ARG A 88 -8.25 -22.82 -3.95
N ASN A 89 -8.41 -23.88 -4.72
CA ASN A 89 -9.64 -24.07 -5.48
C ASN A 89 -9.73 -25.53 -5.95
N ALA A 90 -9.46 -26.42 -5.01
CA ALA A 90 -9.51 -27.85 -5.31
C ALA A 90 -9.78 -28.61 -4.02
N VAL A 91 -10.76 -29.51 -4.10
CA VAL A 91 -11.14 -30.33 -2.96
C VAL A 91 -10.28 -31.59 -2.93
N PRO A 92 -9.49 -31.73 -1.83
CA PRO A 92 -8.63 -32.89 -1.67
C PRO A 92 -9.44 -34.13 -1.30
N GLY A 93 -8.73 -35.13 -0.80
CA GLY A 93 -9.36 -36.37 -0.40
C GLY A 93 -9.79 -36.33 1.07
N SER A 94 -9.47 -37.40 1.78
CA SER A 94 -9.81 -37.49 3.19
C SER A 94 -9.54 -38.90 3.70
N GLU A 95 -8.75 -38.99 4.76
CA GLU A 95 -8.42 -40.27 5.35
C GLU A 95 -8.12 -40.10 6.84
N THR A 96 -8.31 -41.19 7.58
CA THR A 96 -8.05 -41.18 9.00
C THR A 96 -8.25 -42.58 9.60
N GLU A 97 -7.27 -43.01 10.36
CA GLU A 97 -7.33 -44.32 11.00
C GLU A 97 -6.03 -44.60 11.76
N GLY A 98 -6.16 -44.58 13.09
CA GLY A 98 -5.01 -44.83 13.94
C GLY A 98 -5.34 -45.87 15.01
N GLU A 99 -5.21 -47.13 14.62
CA GLU A 99 -5.49 -48.22 15.53
C GLU A 99 -4.42 -49.31 15.40
N GLU A 100 -4.84 -50.54 15.69
CA GLU A 100 -3.93 -51.67 15.61
C GLU A 100 -4.65 -52.96 16.03
N ALA A 101 -4.18 -54.06 15.45
CA ALA A 101 -4.78 -55.36 15.75
C ALA A 101 -4.18 -56.42 14.82
N MET A 1 5.75 18.39 -7.42
CA MET A 1 4.31 18.36 -7.64
C MET A 1 3.55 18.81 -6.40
N ASP A 2 2.23 18.87 -6.55
CA ASP A 2 1.38 19.30 -5.45
C ASP A 2 0.48 18.13 -5.04
N ILE A 3 0.48 17.85 -3.74
CA ILE A 3 -0.34 16.77 -3.21
C ILE A 3 -1.44 17.36 -2.33
N LYS A 4 -2.59 16.70 -2.37
CA LYS A 4 -3.73 17.14 -1.58
C LYS A 4 -4.39 15.93 -0.92
N ILE A 5 -4.21 15.83 0.38
CA ILE A 5 -4.78 14.73 1.15
C ILE A 5 -6.30 14.78 1.04
N ILE A 6 -6.85 13.77 0.39
CA ILE A 6 -8.30 13.70 0.21
C ILE A 6 -8.94 13.24 1.53
N LYS A 7 -8.72 11.98 1.84
CA LYS A 7 -9.27 11.42 3.06
C LYS A 7 -8.30 10.39 3.63
N ASP A 8 -8.47 10.09 4.91
CA ASP A 8 -7.61 9.13 5.59
C ASP A 8 -8.47 8.13 6.36
N LYS A 9 -8.48 6.90 5.87
CA LYS A 9 -9.25 5.84 6.51
C LYS A 9 -8.33 4.99 7.38
N LYS A 10 -8.89 4.52 8.49
CA LYS A 10 -8.13 3.69 9.41
C LYS A 10 -8.68 2.27 9.37
N ASN A 11 -7.78 1.31 9.62
CA ASN A 11 -8.16 -0.09 9.61
C ASN A 11 -7.25 -0.86 10.56
N PRO A 12 -7.76 -1.05 11.81
CA PRO A 12 -7.00 -1.77 12.83
C PRO A 12 -7.01 -3.28 12.55
N LEU A 13 -7.94 -3.69 11.70
CA LEU A 13 -8.06 -5.09 11.35
C LEU A 13 -6.79 -5.55 10.63
N LEU A 14 -6.57 -4.97 9.46
CA LEU A 14 -5.40 -5.30 8.66
C LEU A 14 -4.18 -4.57 9.22
N ASN A 15 -4.46 -3.60 10.09
CA ASN A 15 -3.39 -2.82 10.70
C ASN A 15 -2.77 -1.91 9.65
N ARG A 16 -3.62 -1.33 8.83
CA ARG A 16 -3.16 -0.43 7.78
C ARG A 16 -3.93 0.90 7.83
N ARG A 17 -3.72 1.70 6.80
CA ARG A 17 -4.39 2.99 6.72
C ARG A 17 -4.54 3.41 5.26
N GLU A 18 -5.80 3.46 4.83
CA GLU A 18 -6.10 3.85 3.46
C GLU A 18 -6.20 5.37 3.35
N LEU A 19 -5.18 5.95 2.72
CA LEU A 19 -5.14 7.39 2.54
C LEU A 19 -5.34 7.73 1.06
N ASP A 20 -6.19 8.70 0.81
CA ASP A 20 -6.47 9.13 -0.55
C ASP A 20 -5.98 10.56 -0.75
N PHE A 21 -5.41 10.80 -1.92
CA PHE A 21 -4.89 12.13 -2.24
C PHE A 21 -4.83 12.34 -3.76
N ILE A 22 -4.60 13.58 -4.15
CA ILE A 22 -4.52 13.93 -5.55
C ILE A 22 -3.19 14.62 -5.82
N VAL A 23 -2.51 14.15 -6.86
CA VAL A 23 -1.22 14.71 -7.23
C VAL A 23 -1.40 15.61 -8.45
N LYS A 24 -0.98 16.86 -8.29
CA LYS A 24 -1.09 17.83 -9.38
C LYS A 24 0.30 18.37 -9.71
N TYR A 25 0.49 18.70 -10.98
CA TYR A 25 1.75 19.22 -11.46
C TYR A 25 1.62 19.82 -12.85
N GLU A 26 2.66 20.54 -13.26
CA GLU A 26 2.67 21.17 -14.56
C GLU A 26 3.94 20.77 -15.33
N GLY A 27 4.01 19.49 -15.68
CA GLY A 27 5.15 18.98 -16.41
C GLY A 27 5.19 17.45 -16.36
N SER A 28 6.39 16.92 -16.25
CA SER A 28 6.57 15.48 -16.19
C SER A 28 5.68 14.88 -15.11
N THR A 29 5.32 13.61 -15.32
CA THR A 29 4.46 12.92 -14.38
C THR A 29 5.28 12.41 -13.19
N PRO A 30 4.70 12.57 -11.97
CA PRO A 30 5.36 12.13 -10.76
C PRO A 30 5.31 10.61 -10.63
N SER A 31 6.37 10.05 -10.05
CA SER A 31 6.45 8.62 -9.84
C SER A 31 5.93 8.24 -8.45
N ARG A 32 5.34 7.07 -8.37
CA ARG A 32 4.82 6.58 -7.10
C ARG A 32 5.83 6.80 -5.98
N ASN A 33 7.10 6.66 -6.35
CA ASN A 33 8.18 6.84 -5.38
C ASN A 33 8.17 8.29 -4.88
N ASP A 34 8.14 9.20 -5.83
CA ASP A 34 8.14 10.62 -5.51
C ASP A 34 6.94 10.93 -4.61
N VAL A 35 5.76 10.58 -5.11
CA VAL A 35 4.53 10.81 -4.37
C VAL A 35 4.65 10.17 -2.98
N ARG A 36 5.33 9.04 -2.95
CA ARG A 36 5.53 8.32 -1.70
C ARG A 36 6.33 9.16 -0.71
N ASN A 37 7.49 9.61 -1.18
CA ASN A 37 8.35 10.44 -0.35
C ASN A 37 7.58 11.65 0.15
N LYS A 38 6.80 12.23 -0.75
CA LYS A 38 6.01 13.40 -0.42
C LYS A 38 5.03 13.04 0.70
N LEU A 39 4.29 11.96 0.46
CA LEU A 39 3.31 11.50 1.44
C LEU A 39 4.01 11.21 2.76
N ALA A 40 5.04 10.38 2.69
CA ALA A 40 5.80 10.01 3.87
C ALA A 40 6.18 11.28 4.63
N ALA A 41 6.50 12.33 3.87
CA ALA A 41 6.88 13.59 4.46
C ALA A 41 5.63 14.30 5.01
N MET A 42 4.55 14.16 4.26
CA MET A 42 3.28 14.78 4.65
C MET A 42 2.73 14.12 5.92
N LEU A 43 2.72 12.79 5.90
CA LEU A 43 2.22 12.03 7.04
C LEU A 43 3.37 11.74 8.00
N ASN A 44 4.53 12.31 7.68
CA ASN A 44 5.72 12.12 8.50
C ASN A 44 5.80 10.65 8.92
N ALA A 45 5.43 9.77 8.00
CA ALA A 45 5.47 8.35 8.25
C ALA A 45 6.63 7.73 7.48
N PRO A 46 6.96 6.47 7.87
CA PRO A 46 8.05 5.74 7.23
C PRO A 46 7.64 5.26 5.83
N LEU A 47 8.39 5.72 4.84
CA LEU A 47 8.11 5.33 3.46
C LEU A 47 7.91 3.83 3.39
N GLU A 48 8.86 3.10 3.97
CA GLU A 48 8.78 1.64 3.98
C GLU A 48 7.36 1.19 4.32
N LEU A 49 6.87 1.67 5.44
CA LEU A 49 5.53 1.32 5.89
C LEU A 49 4.51 1.86 4.89
N LEU A 50 4.90 2.92 4.19
CA LEU A 50 4.03 3.54 3.21
C LEU A 50 4.13 2.77 1.90
N VAL A 51 2.97 2.53 1.30
CA VAL A 51 2.91 1.81 0.04
C VAL A 51 1.88 2.47 -0.88
N ILE A 52 2.02 2.22 -2.17
CA ILE A 52 1.12 2.78 -3.16
C ILE A 52 0.39 1.66 -3.88
N GLN A 53 -0.94 1.76 -3.89
CA GLN A 53 -1.75 0.75 -4.54
C GLN A 53 -1.58 0.82 -6.06
N ARG A 54 -1.90 1.99 -6.61
CA ARG A 54 -1.78 2.19 -8.04
C ARG A 54 -2.12 3.64 -8.39
N ILE A 55 -1.16 4.29 -9.05
CA ILE A 55 -1.35 5.68 -9.45
C ILE A 55 -2.10 5.72 -10.78
N LYS A 56 -2.96 6.72 -10.90
CA LYS A 56 -3.74 6.89 -12.11
C LYS A 56 -3.54 8.31 -12.66
N THR A 57 -2.86 8.39 -13.79
CA THR A 57 -2.60 9.66 -14.42
C THR A 57 -3.73 10.03 -15.38
N GLU A 58 -4.09 11.30 -15.35
CA GLU A 58 -5.15 11.80 -16.20
C GLU A 58 -4.57 12.43 -17.47
N TYR A 59 -5.46 13.02 -18.26
CA TYR A 59 -5.05 13.66 -19.49
C TYR A 59 -5.91 14.88 -19.80
N GLY A 60 -5.35 16.05 -19.52
CA GLY A 60 -6.06 17.29 -19.76
C GLY A 60 -6.20 18.09 -18.47
N MET A 61 -5.80 17.46 -17.37
CA MET A 61 -5.89 18.11 -16.07
C MET A 61 -4.56 17.98 -15.31
N GLN A 62 -3.58 17.41 -16.00
CA GLN A 62 -2.27 17.23 -15.41
C GLN A 62 -2.40 16.86 -13.92
N GLU A 63 -3.27 15.89 -13.67
CA GLU A 63 -3.49 15.43 -12.31
C GLU A 63 -3.34 13.91 -12.23
N SER A 64 -2.75 13.46 -11.14
CA SER A 64 -2.54 12.04 -10.93
C SER A 64 -2.93 11.65 -9.51
N LYS A 65 -3.73 10.60 -9.40
CA LYS A 65 -4.19 10.12 -8.11
C LYS A 65 -3.63 8.73 -7.86
N GLY A 66 -3.44 8.41 -6.58
CA GLY A 66 -2.92 7.11 -6.20
C GLY A 66 -3.20 6.82 -4.72
N TYR A 67 -3.81 5.68 -4.49
CA TYR A 67 -4.15 5.27 -3.13
C TYR A 67 -2.94 4.64 -2.44
N ALA A 68 -2.55 5.25 -1.32
CA ALA A 68 -1.42 4.76 -0.56
C ALA A 68 -1.93 4.00 0.67
N LYS A 69 -1.09 3.10 1.15
CA LYS A 69 -1.45 2.30 2.31
C LYS A 69 -0.40 2.53 3.42
N LEU A 70 -0.87 3.17 4.49
CA LEU A 70 0.00 3.46 5.61
C LEU A 70 -0.18 2.38 6.68
N TYR A 71 0.94 1.77 7.05
CA TYR A 71 0.92 0.72 8.05
C TYR A 71 1.60 1.19 9.35
N GLU A 72 1.27 0.52 10.43
CA GLU A 72 1.83 0.85 11.74
C GLU A 72 3.15 0.10 11.94
N ASP A 73 3.22 -1.08 11.34
CA ASP A 73 4.41 -1.91 11.45
C ASP A 73 4.65 -2.64 10.13
N ALA A 74 5.88 -3.09 9.96
CA ALA A 74 6.25 -3.80 8.74
C ALA A 74 5.83 -5.27 8.87
N ASP A 75 6.04 -5.81 10.05
CA ASP A 75 5.68 -7.19 10.32
C ASP A 75 4.24 -7.44 9.86
N ARG A 76 3.37 -6.52 10.22
CA ARG A 76 1.97 -6.62 9.85
C ARG A 76 1.82 -6.62 8.33
N MET A 77 2.44 -5.63 7.70
CA MET A 77 2.38 -5.50 6.26
C MET A 77 2.75 -6.82 5.58
N LYS A 78 3.69 -7.53 6.19
CA LYS A 78 4.14 -8.81 5.66
C LYS A 78 3.02 -9.85 5.84
N GLN A 79 2.67 -10.07 7.10
CA GLN A 79 1.63 -11.04 7.41
C GLN A 79 0.37 -10.74 6.59
N VAL A 80 0.09 -9.46 6.43
CA VAL A 80 -1.07 -9.03 5.67
C VAL A 80 -0.93 -9.47 4.22
N GLU A 81 0.22 -9.13 3.64
CA GLU A 81 0.49 -9.48 2.26
C GLU A 81 0.77 -10.98 2.14
N GLN A 82 0.86 -11.63 3.29
CA GLN A 82 1.13 -13.05 3.34
C GLN A 82 -0.19 -13.83 3.18
N GLU A 83 -1.28 -13.09 3.08
CA GLU A 83 -2.59 -13.70 2.93
C GLU A 83 -2.92 -13.90 1.46
N TYR A 84 -2.37 -13.02 0.63
CA TYR A 84 -2.59 -13.09 -0.80
C TYR A 84 -1.54 -13.97 -1.48
N VAL A 85 -0.97 -14.87 -0.70
CA VAL A 85 0.05 -15.78 -1.20
C VAL A 85 -0.57 -17.15 -1.45
N LEU A 86 0.14 -18.17 -1.01
CA LEU A 86 -0.32 -19.54 -1.18
C LEU A 86 -1.82 -19.60 -0.89
N LYS A 87 -2.60 -19.71 -1.95
CA LYS A 87 -4.04 -19.77 -1.82
C LYS A 87 -4.59 -20.87 -2.73
N ARG A 88 -5.74 -21.41 -2.35
CA ARG A 88 -6.36 -22.46 -3.12
C ARG A 88 -7.87 -22.20 -3.25
N ASN A 89 -8.53 -23.08 -4.00
CA ASN A 89 -9.96 -22.96 -4.22
C ASN A 89 -10.56 -24.35 -4.41
N ALA A 90 -10.21 -25.23 -3.49
CA ALA A 90 -10.71 -26.60 -3.55
C ALA A 90 -10.45 -27.29 -2.20
N VAL A 91 -11.52 -27.78 -1.61
CA VAL A 91 -11.41 -28.47 -0.33
C VAL A 91 -10.37 -29.57 -0.43
N PRO A 92 -9.58 -29.71 0.67
CA PRO A 92 -8.53 -30.72 0.72
C PRO A 92 -9.13 -32.12 0.92
N GLY A 93 -8.24 -33.09 1.07
CA GLY A 93 -8.66 -34.47 1.27
C GLY A 93 -8.54 -34.86 2.74
N SER A 94 -7.94 -36.02 2.97
CA SER A 94 -7.76 -36.52 4.32
C SER A 94 -7.24 -37.96 4.27
N GLU A 95 -6.10 -38.17 4.93
CA GLU A 95 -5.49 -39.49 4.97
C GLU A 95 -5.53 -40.05 6.39
N THR A 96 -4.80 -41.13 6.59
CA THR A 96 -4.74 -41.77 7.89
C THR A 96 -3.87 -43.02 7.84
N GLU A 97 -2.98 -43.13 8.81
CA GLU A 97 -2.08 -44.27 8.89
C GLU A 97 -1.46 -44.36 10.28
N GLY A 98 -1.04 -45.57 10.62
CA GLY A 98 -0.42 -45.81 11.92
C GLY A 98 -1.14 -46.93 12.67
N GLU A 99 -0.66 -48.15 12.47
CA GLU A 99 -1.26 -49.30 13.11
C GLU A 99 -0.15 -50.25 13.62
N GLU A 100 -0.50 -51.53 13.64
CA GLU A 100 0.45 -52.54 14.09
C GLU A 100 -0.19 -53.93 14.01
N ALA A 101 0.64 -54.90 13.61
CA ALA A 101 0.18 -56.27 13.48
C ALA A 101 1.20 -57.08 12.69
N MET A 1 5.79 18.11 -7.34
CA MET A 1 4.37 18.23 -7.56
C MET A 1 3.64 18.66 -6.29
N ASP A 2 2.32 18.75 -6.39
CA ASP A 2 1.50 19.15 -5.26
C ASP A 2 0.56 17.99 -4.89
N ILE A 3 0.48 17.73 -3.59
CA ILE A 3 -0.36 16.68 -3.09
C ILE A 3 -1.48 17.27 -2.24
N LYS A 4 -2.66 16.68 -2.36
CA LYS A 4 -3.82 17.16 -1.62
C LYS A 4 -4.51 15.95 -0.96
N ILE A 5 -4.32 15.85 0.34
CA ILE A 5 -4.93 14.76 1.10
C ILE A 5 -6.45 14.81 0.92
N ILE A 6 -6.97 13.75 0.32
CA ILE A 6 -8.40 13.66 0.09
C ILE A 6 -9.09 13.21 1.38
N LYS A 7 -8.84 11.96 1.74
CA LYS A 7 -9.44 11.40 2.95
C LYS A 7 -8.47 10.39 3.57
N ASP A 8 -8.63 10.19 4.86
CA ASP A 8 -7.78 9.25 5.58
C ASP A 8 -8.66 8.22 6.30
N LYS A 9 -8.52 6.98 5.87
CA LYS A 9 -9.29 5.89 6.46
C LYS A 9 -8.38 5.07 7.38
N LYS A 10 -8.96 4.64 8.50
CA LYS A 10 -8.22 3.85 9.46
C LYS A 10 -8.66 2.39 9.37
N ASN A 11 -7.68 1.50 9.40
CA ASN A 11 -7.97 0.08 9.32
C ASN A 11 -7.05 -0.67 10.29
N PRO A 12 -7.50 -0.77 11.57
CA PRO A 12 -6.73 -1.44 12.60
C PRO A 12 -6.81 -2.97 12.42
N LEU A 13 -7.78 -3.38 11.62
CA LEU A 13 -7.98 -4.79 11.37
C LEU A 13 -6.73 -5.37 10.69
N LEU A 14 -6.49 -4.89 9.47
CA LEU A 14 -5.34 -5.34 8.70
C LEU A 14 -4.07 -4.70 9.27
N ASN A 15 -4.27 -3.65 10.05
CA ASN A 15 -3.16 -2.94 10.66
C ASN A 15 -2.53 -2.00 9.62
N ARG A 16 -3.41 -1.40 8.81
CA ARG A 16 -2.95 -0.49 7.78
C ARG A 16 -3.76 0.81 7.83
N ARG A 17 -3.57 1.63 6.81
CA ARG A 17 -4.27 2.90 6.72
C ARG A 17 -4.47 3.30 5.26
N GLU A 18 -5.74 3.47 4.89
CA GLU A 18 -6.07 3.85 3.53
C GLU A 18 -6.19 5.37 3.42
N LEU A 19 -5.22 5.96 2.71
CA LEU A 19 -5.21 7.40 2.53
C LEU A 19 -5.37 7.71 1.04
N ASP A 20 -6.23 8.69 0.77
CA ASP A 20 -6.50 9.09 -0.60
C ASP A 20 -6.03 10.54 -0.79
N PHE A 21 -5.41 10.77 -1.95
CA PHE A 21 -4.92 12.10 -2.27
C PHE A 21 -4.78 12.29 -3.78
N ILE A 22 -4.66 13.54 -4.18
CA ILE A 22 -4.54 13.87 -5.60
C ILE A 22 -3.18 14.54 -5.84
N VAL A 23 -2.51 14.08 -6.89
CA VAL A 23 -1.22 14.63 -7.24
C VAL A 23 -1.36 15.58 -8.43
N LYS A 24 -0.90 16.80 -8.22
CA LYS A 24 -0.99 17.82 -9.26
C LYS A 24 0.42 18.29 -9.62
N TYR A 25 0.59 18.62 -10.89
CA TYR A 25 1.89 19.09 -11.37
C TYR A 25 1.74 19.89 -12.66
N GLU A 26 2.83 20.50 -13.09
CA GLU A 26 2.83 21.29 -14.30
C GLU A 26 4.01 20.90 -15.19
N GLY A 27 4.04 19.63 -15.55
CA GLY A 27 5.12 19.11 -16.39
C GLY A 27 5.23 17.59 -16.26
N SER A 28 6.48 17.13 -16.27
CA SER A 28 6.74 15.71 -16.15
C SER A 28 5.92 15.11 -15.01
N THR A 29 5.40 13.92 -15.25
CA THR A 29 4.60 13.24 -14.26
C THR A 29 5.47 12.75 -13.10
N PRO A 30 4.90 12.81 -11.87
CA PRO A 30 5.61 12.39 -10.69
C PRO A 30 5.68 10.86 -10.61
N SER A 31 6.68 10.39 -9.87
CA SER A 31 6.87 8.95 -9.71
C SER A 31 6.21 8.49 -8.41
N ARG A 32 6.10 7.18 -8.28
CA ARG A 32 5.50 6.58 -7.10
C ARG A 32 6.37 6.85 -5.87
N ASN A 33 7.67 6.89 -6.10
CA ASN A 33 8.62 7.12 -5.03
C ASN A 33 8.55 8.60 -4.62
N ASP A 34 8.35 9.45 -5.61
CA ASP A 34 8.26 10.88 -5.36
C ASP A 34 7.03 11.17 -4.51
N VAL A 35 5.92 10.53 -4.89
CA VAL A 35 4.68 10.71 -4.16
C VAL A 35 4.78 10.05 -2.78
N ARG A 36 5.46 8.92 -2.76
CA ARG A 36 5.64 8.17 -1.53
C ARG A 36 6.44 9.01 -0.53
N ASN A 37 7.56 9.54 -1.00
CA ASN A 37 8.42 10.36 -0.16
C ASN A 37 7.65 11.60 0.28
N LYS A 38 6.92 12.18 -0.66
CA LYS A 38 6.14 13.38 -0.39
C LYS A 38 5.12 13.07 0.72
N LEU A 39 4.39 11.99 0.52
CA LEU A 39 3.40 11.58 1.48
C LEU A 39 4.07 11.24 2.81
N ALA A 40 5.06 10.37 2.73
CA ALA A 40 5.80 9.96 3.92
C ALA A 40 6.22 11.20 4.70
N ALA A 41 6.59 12.24 3.96
CA ALA A 41 7.02 13.48 4.57
C ALA A 41 5.79 14.23 5.10
N MET A 42 4.70 14.14 4.34
CA MET A 42 3.48 14.80 4.72
C MET A 42 2.87 14.15 5.97
N LEU A 43 2.81 12.83 5.94
CA LEU A 43 2.26 12.08 7.06
C LEU A 43 3.38 11.76 8.05
N ASN A 44 4.54 12.35 7.80
CA ASN A 44 5.69 12.14 8.66
C ASN A 44 5.77 10.66 9.04
N ALA A 45 5.47 9.81 8.07
CA ALA A 45 5.50 8.38 8.29
C ALA A 45 6.64 7.77 7.48
N PRO A 46 6.97 6.49 7.80
CA PRO A 46 8.03 5.78 7.11
C PRO A 46 7.58 5.34 5.72
N LEU A 47 8.53 5.30 4.80
CA LEU A 47 8.26 4.91 3.44
C LEU A 47 8.00 3.40 3.39
N GLU A 48 8.92 2.66 4.00
CA GLU A 48 8.81 1.21 4.04
C GLU A 48 7.39 0.79 4.43
N LEU A 49 6.81 1.56 5.34
CA LEU A 49 5.46 1.28 5.80
C LEU A 49 4.45 1.86 4.80
N LEU A 50 4.89 2.92 4.12
CA LEU A 50 4.05 3.57 3.14
C LEU A 50 4.12 2.81 1.82
N VAL A 51 2.95 2.60 1.22
CA VAL A 51 2.88 1.88 -0.04
C VAL A 51 1.85 2.56 -0.95
N ILE A 52 1.99 2.30 -2.24
CA ILE A 52 1.09 2.90 -3.21
C ILE A 52 0.34 1.77 -3.95
N GLN A 53 -0.98 1.88 -3.93
CA GLN A 53 -1.81 0.89 -4.59
C GLN A 53 -1.63 0.96 -6.11
N ARG A 54 -2.01 2.11 -6.67
CA ARG A 54 -1.90 2.33 -8.10
C ARG A 54 -2.32 3.75 -8.45
N ILE A 55 -1.41 4.46 -9.12
CA ILE A 55 -1.68 5.82 -9.53
C ILE A 55 -2.37 5.82 -10.89
N LYS A 56 -3.34 6.71 -11.02
CA LYS A 56 -4.09 6.82 -12.26
C LYS A 56 -3.96 8.24 -12.81
N THR A 57 -3.29 8.33 -13.95
CA THR A 57 -3.09 9.63 -14.59
C THR A 57 -4.22 9.93 -15.57
N GLU A 58 -4.68 11.18 -15.54
CA GLU A 58 -5.75 11.60 -16.42
C GLU A 58 -5.21 11.94 -17.80
N TYR A 59 -6.10 12.42 -18.65
CA TYR A 59 -5.73 12.79 -20.00
C TYR A 59 -5.57 14.30 -20.13
N GLY A 60 -4.32 14.72 -20.30
CA GLY A 60 -4.01 16.13 -20.43
C GLY A 60 -4.70 16.95 -19.34
N MET A 61 -4.68 16.40 -18.14
CA MET A 61 -5.30 17.06 -17.00
C MET A 61 -4.25 17.37 -15.92
N GLN A 62 -3.01 17.05 -16.24
CA GLN A 62 -1.92 17.28 -15.30
C GLN A 62 -2.37 16.99 -13.86
N GLU A 63 -2.77 15.75 -13.66
CA GLU A 63 -3.23 15.31 -12.34
C GLU A 63 -3.18 13.79 -12.23
N SER A 64 -2.53 13.33 -11.18
CA SER A 64 -2.40 11.91 -10.94
C SER A 64 -2.88 11.56 -9.53
N LYS A 65 -3.78 10.57 -9.46
CA LYS A 65 -4.31 10.14 -8.19
C LYS A 65 -3.92 8.69 -7.94
N GLY A 66 -3.71 8.38 -6.67
CA GLY A 66 -3.32 7.03 -6.28
C GLY A 66 -3.55 6.81 -4.78
N TYR A 67 -4.00 5.59 -4.46
CA TYR A 67 -4.26 5.24 -3.08
C TYR A 67 -3.01 4.66 -2.42
N ALA A 68 -2.64 5.26 -1.29
CA ALA A 68 -1.47 4.82 -0.56
C ALA A 68 -1.92 4.02 0.66
N LYS A 69 -1.03 3.15 1.13
CA LYS A 69 -1.32 2.32 2.28
C LYS A 69 -0.28 2.60 3.37
N LEU A 70 -0.75 3.19 4.46
CA LEU A 70 0.12 3.51 5.57
C LEU A 70 -0.04 2.46 6.67
N TYR A 71 1.08 1.84 7.02
CA TYR A 71 1.07 0.81 8.05
C TYR A 71 1.79 1.29 9.30
N GLU A 72 1.58 0.55 10.39
CA GLU A 72 2.20 0.90 11.66
C GLU A 72 3.53 0.14 11.82
N ASP A 73 3.60 -1.00 11.15
CA ASP A 73 4.79 -1.83 11.22
C ASP A 73 5.00 -2.52 9.86
N ALA A 74 6.24 -2.96 9.64
CA ALA A 74 6.56 -3.64 8.40
C ALA A 74 6.18 -5.11 8.51
N ASP A 75 6.44 -5.67 9.68
CA ASP A 75 6.13 -7.07 9.93
C ASP A 75 4.66 -7.33 9.60
N ARG A 76 3.80 -6.46 10.13
CA ARG A 76 2.37 -6.59 9.90
C ARG A 76 2.08 -6.62 8.40
N MET A 77 2.62 -5.63 7.70
CA MET A 77 2.43 -5.52 6.27
C MET A 77 2.75 -6.85 5.58
N LYS A 78 3.81 -7.49 6.05
CA LYS A 78 4.23 -8.76 5.49
C LYS A 78 3.15 -9.81 5.77
N GLN A 79 2.87 -10.00 7.05
CA GLN A 79 1.87 -10.98 7.45
C GLN A 79 0.51 -10.65 6.80
N VAL A 80 0.31 -9.37 6.53
CA VAL A 80 -0.92 -8.93 5.90
C VAL A 80 -0.91 -9.32 4.43
N GLU A 81 0.16 -8.91 3.75
CA GLU A 81 0.30 -9.22 2.33
C GLU A 81 0.55 -10.71 2.14
N GLN A 82 0.72 -11.41 3.25
CA GLN A 82 0.97 -12.84 3.21
C GLN A 82 -0.34 -13.59 2.97
N GLU A 83 -1.42 -12.83 2.87
CA GLU A 83 -2.73 -13.41 2.64
C GLU A 83 -3.01 -13.51 1.14
N TYR A 84 -2.45 -12.57 0.40
CA TYR A 84 -2.62 -12.55 -1.04
C TYR A 84 -1.52 -13.35 -1.75
N VAL A 85 -0.98 -14.31 -1.03
CA VAL A 85 0.08 -15.15 -1.57
C VAL A 85 -0.49 -16.53 -1.89
N LEU A 86 0.29 -17.55 -1.51
CA LEU A 86 -0.12 -18.92 -1.76
C LEU A 86 -1.61 -19.06 -1.47
N LYS A 87 -2.38 -19.08 -2.54
CA LYS A 87 -3.83 -19.21 -2.42
C LYS A 87 -4.32 -20.28 -3.40
N ARG A 88 -5.39 -20.95 -3.00
CA ARG A 88 -5.97 -22.00 -3.83
C ARG A 88 -7.48 -22.12 -3.55
N ASN A 89 -8.11 -22.97 -4.33
CA ASN A 89 -9.55 -23.20 -4.18
C ASN A 89 -9.91 -24.55 -4.78
N ALA A 90 -9.12 -25.55 -4.42
CA ALA A 90 -9.34 -26.90 -4.91
C ALA A 90 -8.50 -27.89 -4.09
N VAL A 91 -9.18 -28.87 -3.53
CA VAL A 91 -8.50 -29.88 -2.74
C VAL A 91 -7.30 -30.42 -3.50
N PRO A 92 -6.15 -30.50 -2.79
CA PRO A 92 -4.91 -30.99 -3.39
C PRO A 92 -4.95 -32.51 -3.55
N GLY A 93 -3.80 -33.07 -3.82
CA GLY A 93 -3.68 -34.51 -4.01
C GLY A 93 -3.98 -35.25 -2.70
N SER A 94 -3.04 -36.09 -2.30
CA SER A 94 -3.19 -36.87 -1.07
C SER A 94 -1.82 -37.09 -0.43
N GLU A 95 -1.61 -38.32 0.03
CA GLU A 95 -0.36 -38.68 0.67
C GLU A 95 -0.26 -38.03 2.04
N THR A 96 0.29 -38.79 2.99
CA THR A 96 0.44 -38.29 4.35
C THR A 96 1.92 -38.35 4.77
N GLU A 97 2.12 -38.62 6.05
CA GLU A 97 3.46 -38.70 6.58
C GLU A 97 3.52 -39.72 7.73
N GLY A 98 4.64 -40.42 7.80
CA GLY A 98 4.83 -41.41 8.85
C GLY A 98 5.16 -42.78 8.24
N GLU A 99 6.34 -43.28 8.60
CA GLU A 99 6.78 -44.57 8.11
C GLU A 99 8.10 -44.97 8.77
N GLU A 100 8.20 -46.25 9.10
CA GLU A 100 9.39 -46.78 9.74
C GLU A 100 9.26 -48.29 9.96
N ALA A 101 10.19 -49.02 9.35
CA ALA A 101 10.19 -50.46 9.48
C ALA A 101 11.36 -51.04 8.68
N MET A 1 5.95 17.92 -7.28
CA MET A 1 4.52 17.95 -7.55
C MET A 1 3.74 18.38 -6.31
N ASP A 2 2.43 18.52 -6.50
CA ASP A 2 1.56 18.92 -5.40
C ASP A 2 0.74 17.72 -4.94
N ILE A 3 0.44 17.71 -3.65
CA ILE A 3 -0.32 16.63 -3.07
C ILE A 3 -1.44 17.20 -2.18
N LYS A 4 -2.60 16.57 -2.25
CA LYS A 4 -3.74 17.01 -1.46
C LYS A 4 -4.38 15.80 -0.79
N ILE A 5 -4.32 15.79 0.54
CA ILE A 5 -4.89 14.70 1.31
C ILE A 5 -6.42 14.74 1.17
N ILE A 6 -6.94 13.78 0.41
CA ILE A 6 -8.37 13.69 0.21
C ILE A 6 -9.05 13.28 1.52
N LYS A 7 -8.89 12.01 1.86
CA LYS A 7 -9.49 11.49 3.08
C LYS A 7 -8.50 10.54 3.76
N ASP A 8 -8.74 10.30 5.04
CA ASP A 8 -7.88 9.42 5.80
C ASP A 8 -8.72 8.33 6.45
N LYS A 9 -8.52 7.10 5.98
CA LYS A 9 -9.25 5.97 6.50
C LYS A 9 -8.29 5.04 7.25
N LYS A 10 -8.78 4.46 8.34
CA LYS A 10 -7.98 3.55 9.14
C LYS A 10 -8.59 2.15 9.07
N ASN A 11 -7.71 1.16 9.17
CA ASN A 11 -8.14 -0.23 9.12
C ASN A 11 -7.29 -1.06 10.08
N PRO A 12 -7.84 -1.26 11.30
CA PRO A 12 -7.14 -2.04 12.32
C PRO A 12 -7.19 -3.53 12.00
N LEU A 13 -8.09 -3.88 11.10
CA LEU A 13 -8.26 -5.27 10.71
C LEU A 13 -6.96 -5.76 10.04
N LEU A 14 -6.66 -5.14 8.90
CA LEU A 14 -5.46 -5.50 8.16
C LEU A 14 -4.25 -4.85 8.82
N ASN A 15 -4.52 -3.91 9.71
CA ASN A 15 -3.45 -3.22 10.41
C ASN A 15 -2.77 -2.24 9.45
N ARG A 16 -3.59 -1.58 8.65
CA ARG A 16 -3.07 -0.61 7.69
C ARG A 16 -3.88 0.68 7.74
N ARG A 17 -3.59 1.57 6.80
CA ARG A 17 -4.27 2.84 6.73
C ARG A 17 -4.53 3.22 5.27
N GLU A 18 -5.79 3.53 4.99
CA GLU A 18 -6.19 3.92 3.65
C GLU A 18 -6.26 5.44 3.53
N LEU A 19 -5.32 5.99 2.78
CA LEU A 19 -5.26 7.44 2.58
C LEU A 19 -5.43 7.74 1.09
N ASP A 20 -6.25 8.74 0.83
CA ASP A 20 -6.51 9.15 -0.56
C ASP A 20 -6.03 10.59 -0.75
N PHE A 21 -5.49 10.85 -1.93
CA PHE A 21 -5.00 12.18 -2.26
C PHE A 21 -4.89 12.36 -3.77
N ILE A 22 -4.72 13.62 -4.18
CA ILE A 22 -4.60 13.94 -5.58
C ILE A 22 -3.23 14.57 -5.84
N VAL A 23 -2.57 14.06 -6.86
CA VAL A 23 -1.25 14.56 -7.22
C VAL A 23 -1.38 15.48 -8.45
N LYS A 24 -0.88 16.70 -8.28
CA LYS A 24 -0.93 17.67 -9.37
C LYS A 24 0.49 18.08 -9.73
N TYR A 25 0.66 18.49 -10.99
CA TYR A 25 1.95 18.91 -11.47
C TYR A 25 1.82 19.67 -12.80
N GLU A 26 2.91 20.32 -13.18
CA GLU A 26 2.92 21.08 -14.42
C GLU A 26 4.13 20.68 -15.28
N GLY A 27 4.04 19.48 -15.85
CA GLY A 27 5.11 18.97 -16.68
C GLY A 27 5.14 17.44 -16.66
N SER A 28 6.35 16.89 -16.66
CA SER A 28 6.52 15.46 -16.65
C SER A 28 5.81 14.86 -15.43
N THR A 29 5.38 13.61 -15.59
CA THR A 29 4.70 12.92 -14.52
C THR A 29 5.69 12.49 -13.44
N PRO A 30 5.25 12.64 -12.16
CA PRO A 30 6.08 12.28 -11.03
C PRO A 30 6.15 10.76 -10.86
N SER A 31 7.09 10.33 -10.04
CA SER A 31 7.27 8.91 -9.79
C SER A 31 6.57 8.52 -8.47
N ARG A 32 6.43 7.22 -8.29
CA ARG A 32 5.78 6.70 -7.10
C ARG A 32 6.64 7.00 -5.86
N ASN A 33 7.94 6.80 -6.01
CA ASN A 33 8.87 7.03 -4.92
C ASN A 33 8.92 8.53 -4.62
N ASP A 34 8.62 9.32 -5.64
CA ASP A 34 8.62 10.76 -5.50
C ASP A 34 7.42 11.20 -4.67
N VAL A 35 6.24 10.76 -5.12
CA VAL A 35 5.01 11.09 -4.42
C VAL A 35 5.05 10.49 -3.01
N ARG A 36 5.57 9.28 -2.92
CA ARG A 36 5.67 8.60 -1.64
C ARG A 36 6.49 9.43 -0.66
N ASN A 37 7.69 9.79 -1.10
CA ASN A 37 8.58 10.59 -0.27
C ASN A 37 7.85 11.85 0.19
N LYS A 38 6.90 12.27 -0.62
CA LYS A 38 6.12 13.46 -0.31
C LYS A 38 5.14 13.14 0.82
N LEU A 39 4.38 12.08 0.62
CA LEU A 39 3.40 11.66 1.62
C LEU A 39 4.13 11.33 2.92
N ALA A 40 5.12 10.45 2.81
CA ALA A 40 5.88 10.04 3.96
C ALA A 40 6.33 11.28 4.74
N ALA A 41 6.63 12.33 4.00
CA ALA A 41 7.06 13.57 4.61
C ALA A 41 5.85 14.29 5.22
N MET A 42 4.73 14.19 4.53
CA MET A 42 3.51 14.81 5.00
C MET A 42 2.97 14.11 6.25
N LEU A 43 2.93 12.79 6.17
CA LEU A 43 2.45 12.00 7.29
C LEU A 43 3.63 11.62 8.19
N ASN A 44 4.79 12.16 7.86
CA ASN A 44 5.99 11.89 8.62
C ASN A 44 6.04 10.41 8.98
N ALA A 45 5.61 9.59 8.03
CA ALA A 45 5.60 8.15 8.23
C ALA A 45 6.73 7.52 7.41
N PRO A 46 7.08 6.26 7.79
CA PRO A 46 8.14 5.54 7.11
C PRO A 46 7.68 5.05 5.74
N LEU A 47 8.47 5.39 4.72
CA LEU A 47 8.15 5.00 3.36
C LEU A 47 7.93 3.48 3.31
N GLU A 48 8.87 2.77 3.91
CA GLU A 48 8.80 1.32 3.95
C GLU A 48 7.39 0.86 4.33
N LEU A 49 6.84 1.52 5.34
CA LEU A 49 5.50 1.20 5.81
C LEU A 49 4.47 1.78 4.85
N LEU A 50 4.88 2.82 4.14
CA LEU A 50 4.01 3.47 3.17
C LEU A 50 4.05 2.70 1.86
N VAL A 51 2.87 2.52 1.28
CA VAL A 51 2.76 1.80 0.02
C VAL A 51 1.74 2.51 -0.88
N ILE A 52 1.86 2.25 -2.17
CA ILE A 52 0.96 2.85 -3.14
C ILE A 52 0.20 1.75 -3.88
N GLN A 53 -1.12 1.86 -3.85
CA GLN A 53 -1.96 0.89 -4.51
C GLN A 53 -1.78 0.96 -6.02
N ARG A 54 -2.03 2.15 -6.57
CA ARG A 54 -1.90 2.37 -7.99
C ARG A 54 -2.31 3.80 -8.35
N ILE A 55 -1.41 4.48 -9.06
CA ILE A 55 -1.68 5.84 -9.47
C ILE A 55 -2.40 5.84 -10.82
N LYS A 56 -3.41 6.69 -10.92
CA LYS A 56 -4.19 6.78 -12.15
C LYS A 56 -3.98 8.17 -12.75
N THR A 57 -3.33 8.18 -13.92
CA THR A 57 -3.07 9.44 -14.61
C THR A 57 -4.06 9.61 -15.77
N GLU A 58 -4.60 10.82 -15.85
CA GLU A 58 -5.56 11.14 -16.90
C GLU A 58 -4.92 12.06 -17.94
N TYR A 59 -5.74 12.55 -18.84
CA TYR A 59 -5.28 13.43 -19.89
C TYR A 59 -6.29 14.56 -20.16
N GLY A 60 -5.94 15.74 -19.69
CA GLY A 60 -6.80 16.90 -19.87
C GLY A 60 -7.04 17.63 -18.54
N MET A 61 -6.46 17.06 -17.49
CA MET A 61 -6.60 17.64 -16.17
C MET A 61 -5.24 17.70 -15.45
N GLN A 62 -4.20 17.35 -16.20
CA GLN A 62 -2.85 17.36 -15.66
C GLN A 62 -2.89 17.08 -14.15
N GLU A 63 -3.26 15.85 -13.82
CA GLU A 63 -3.33 15.45 -12.43
C GLU A 63 -3.38 13.92 -12.33
N SER A 64 -2.78 13.41 -11.25
CA SER A 64 -2.74 11.98 -11.03
C SER A 64 -3.20 11.66 -9.60
N LYS A 65 -4.01 10.62 -9.50
CA LYS A 65 -4.52 10.20 -8.21
C LYS A 65 -4.16 8.73 -7.96
N GLY A 66 -3.87 8.43 -6.71
CA GLY A 66 -3.50 7.08 -6.33
C GLY A 66 -3.68 6.86 -4.82
N TYR A 67 -4.16 5.67 -4.49
CA TYR A 67 -4.37 5.33 -3.09
C TYR A 67 -3.10 4.77 -2.45
N ALA A 68 -2.78 5.31 -1.29
CA ALA A 68 -1.59 4.87 -0.57
C ALA A 68 -2.01 4.07 0.66
N LYS A 69 -1.12 3.20 1.09
CA LYS A 69 -1.39 2.37 2.27
C LYS A 69 -0.32 2.63 3.33
N LEU A 70 -0.76 3.20 4.44
CA LEU A 70 0.15 3.52 5.53
C LEU A 70 0.01 2.45 6.62
N TYR A 71 1.14 1.84 6.95
CA TYR A 71 1.16 0.80 7.97
C TYR A 71 1.94 1.26 9.20
N GLU A 72 1.69 0.57 10.31
CA GLU A 72 2.35 0.90 11.55
C GLU A 72 3.64 0.09 11.70
N ASP A 73 3.60 -1.13 11.18
CA ASP A 73 4.75 -2.02 11.23
C ASP A 73 4.93 -2.70 9.88
N ALA A 74 6.16 -3.13 9.63
CA ALA A 74 6.48 -3.80 8.38
C ALA A 74 6.09 -5.28 8.49
N ASP A 75 6.35 -5.85 9.66
CA ASP A 75 6.04 -7.25 9.90
C ASP A 75 4.59 -7.51 9.49
N ARG A 76 3.70 -6.65 9.98
CA ARG A 76 2.29 -6.79 9.68
C ARG A 76 2.06 -6.77 8.17
N MET A 77 2.64 -5.76 7.53
CA MET A 77 2.51 -5.62 6.08
C MET A 77 2.87 -6.92 5.38
N LYS A 78 3.89 -7.58 5.89
CA LYS A 78 4.33 -8.84 5.31
C LYS A 78 3.21 -9.89 5.45
N GLN A 79 2.85 -10.17 6.69
CA GLN A 79 1.81 -11.13 6.97
C GLN A 79 0.51 -10.74 6.24
N VAL A 80 0.32 -9.43 6.12
CA VAL A 80 -0.87 -8.92 5.46
C VAL A 80 -0.79 -9.23 3.97
N GLU A 81 0.34 -8.87 3.37
CA GLU A 81 0.55 -9.09 1.96
C GLU A 81 0.74 -10.59 1.69
N GLN A 82 0.83 -11.34 2.77
CA GLN A 82 1.02 -12.78 2.68
C GLN A 82 -0.34 -13.50 2.72
N GLU A 83 -1.39 -12.70 2.85
CA GLU A 83 -2.73 -13.24 2.91
C GLU A 83 -3.20 -13.65 1.51
N TYR A 84 -2.82 -12.84 0.53
CA TYR A 84 -3.19 -13.10 -0.84
C TYR A 84 -1.98 -13.58 -1.65
N VAL A 85 -1.04 -14.20 -0.95
CA VAL A 85 0.15 -14.70 -1.59
C VAL A 85 0.00 -16.20 -1.84
N LEU A 86 1.12 -16.90 -1.84
CA LEU A 86 1.12 -18.34 -2.07
C LEU A 86 -0.02 -18.97 -1.28
N LYS A 87 -1.09 -19.31 -2.00
CA LYS A 87 -2.24 -19.92 -1.38
C LYS A 87 -2.53 -21.26 -2.06
N ARG A 88 -3.23 -22.12 -1.34
CA ARG A 88 -3.58 -23.43 -1.87
C ARG A 88 -5.07 -23.70 -1.66
N ASN A 89 -5.53 -24.80 -2.25
CA ASN A 89 -6.93 -25.17 -2.15
C ASN A 89 -7.09 -26.64 -2.56
N ALA A 90 -6.22 -27.48 -1.99
CA ALA A 90 -6.26 -28.90 -2.29
C ALA A 90 -5.56 -29.67 -1.16
N VAL A 91 -6.25 -30.68 -0.65
CA VAL A 91 -5.72 -31.49 0.42
C VAL A 91 -4.83 -32.59 -0.18
N PRO A 92 -3.52 -32.54 0.19
CA PRO A 92 -2.56 -33.51 -0.29
C PRO A 92 -2.74 -34.85 0.42
N GLY A 93 -1.76 -35.72 0.22
CA GLY A 93 -1.79 -37.04 0.84
C GLY A 93 -1.45 -36.96 2.33
N SER A 94 -0.42 -37.70 2.71
CA SER A 94 0.02 -37.72 4.08
C SER A 94 1.02 -38.85 4.30
N GLU A 95 2.18 -38.49 4.82
CA GLU A 95 3.23 -39.46 5.08
C GLU A 95 3.89 -39.20 6.44
N THR A 96 4.11 -40.27 7.17
CA THR A 96 4.73 -40.17 8.48
C THR A 96 5.01 -41.56 9.04
N GLU A 97 6.25 -41.74 9.49
CA GLU A 97 6.66 -43.01 10.06
C GLU A 97 8.11 -42.93 10.54
N GLY A 98 8.53 -43.98 11.23
CA GLY A 98 9.89 -44.04 11.75
C GLY A 98 9.96 -44.97 12.97
N GLU A 99 10.33 -46.21 12.70
CA GLU A 99 10.45 -47.21 13.76
C GLU A 99 11.02 -48.51 13.20
N GLU A 100 11.90 -49.11 13.99
CA GLU A 100 12.53 -50.37 13.58
C GLU A 100 13.18 -51.04 14.79
N ALA A 101 13.31 -52.35 14.68
CA ALA A 101 13.90 -53.13 15.76
C ALA A 101 13.77 -54.63 15.44
N MET A 1 5.86 18.31 -7.22
CA MET A 1 4.43 18.30 -7.54
C MET A 1 3.60 18.72 -6.33
N ASP A 2 2.29 18.71 -6.51
CA ASP A 2 1.37 19.09 -5.45
C ASP A 2 0.56 17.86 -5.02
N ILE A 3 0.29 17.80 -3.72
CA ILE A 3 -0.47 16.69 -3.17
C ILE A 3 -1.57 17.24 -2.26
N LYS A 4 -2.75 16.65 -2.40
CA LYS A 4 -3.90 17.07 -1.61
C LYS A 4 -4.52 15.85 -0.94
N ILE A 5 -4.41 15.81 0.38
CA ILE A 5 -4.94 14.70 1.14
C ILE A 5 -6.47 14.68 1.00
N ILE A 6 -6.96 13.68 0.30
CA ILE A 6 -8.39 13.53 0.09
C ILE A 6 -9.07 13.12 1.40
N LYS A 7 -8.77 11.90 1.82
CA LYS A 7 -9.33 11.38 3.06
C LYS A 7 -8.35 10.38 3.68
N ASP A 8 -8.52 10.16 4.97
CA ASP A 8 -7.65 9.25 5.70
C ASP A 8 -8.52 8.21 6.42
N LYS A 9 -8.46 6.98 5.93
CA LYS A 9 -9.22 5.90 6.51
C LYS A 9 -8.31 5.06 7.41
N LYS A 10 -8.89 4.59 8.50
CA LYS A 10 -8.14 3.78 9.46
C LYS A 10 -8.69 2.35 9.44
N ASN A 11 -7.80 1.41 9.71
CA ASN A 11 -8.18 0.00 9.73
C ASN A 11 -7.24 -0.76 10.66
N PRO A 12 -7.72 -0.94 11.93
CA PRO A 12 -6.94 -1.64 12.94
C PRO A 12 -6.95 -3.15 12.67
N LEU A 13 -7.89 -3.56 11.83
CA LEU A 13 -8.03 -4.97 11.51
C LEU A 13 -6.80 -5.42 10.71
N LEU A 14 -6.59 -4.76 9.58
CA LEU A 14 -5.46 -5.08 8.72
C LEU A 14 -4.20 -4.43 9.28
N ASN A 15 -4.42 -3.45 10.15
CA ASN A 15 -3.30 -2.74 10.77
C ASN A 15 -2.67 -1.80 9.74
N ARG A 16 -3.51 -1.35 8.81
CA ARG A 16 -3.04 -0.45 7.77
C ARG A 16 -3.84 0.85 7.80
N ARG A 17 -3.62 1.66 6.77
CA ARG A 17 -4.31 2.94 6.67
C ARG A 17 -4.50 3.32 5.20
N GLU A 18 -5.76 3.47 4.82
CA GLU A 18 -6.10 3.83 3.46
C GLU A 18 -6.20 5.36 3.32
N LEU A 19 -5.17 5.93 2.73
CA LEU A 19 -5.13 7.38 2.53
C LEU A 19 -5.30 7.69 1.04
N ASP A 20 -6.16 8.66 0.76
CA ASP A 20 -6.43 9.06 -0.61
C ASP A 20 -5.97 10.50 -0.80
N PHE A 21 -5.43 10.77 -1.98
CA PHE A 21 -4.96 12.11 -2.30
C PHE A 21 -4.83 12.29 -3.82
N ILE A 22 -4.70 13.55 -4.22
CA ILE A 22 -4.57 13.87 -5.63
C ILE A 22 -3.22 14.52 -5.88
N VAL A 23 -2.55 14.03 -6.91
CA VAL A 23 -1.23 14.56 -7.26
C VAL A 23 -1.36 15.47 -8.48
N LYS A 24 -0.97 16.72 -8.29
CA LYS A 24 -1.03 17.70 -9.35
C LYS A 24 0.39 18.15 -9.71
N TYR A 25 0.58 18.42 -11.00
CA TYR A 25 1.88 18.87 -11.49
C TYR A 25 1.75 19.51 -12.87
N GLU A 26 2.87 20.04 -13.35
CA GLU A 26 2.90 20.68 -14.64
C GLU A 26 4.16 20.27 -15.41
N GLY A 27 4.17 19.02 -15.84
CA GLY A 27 5.30 18.50 -16.58
C GLY A 27 5.47 16.99 -16.33
N SER A 28 6.72 16.56 -16.37
CA SER A 28 7.03 15.16 -16.15
C SER A 28 6.16 14.60 -15.02
N THR A 29 5.59 13.43 -15.28
CA THR A 29 4.74 12.78 -14.30
C THR A 29 5.55 12.39 -13.06
N PRO A 30 4.88 12.47 -11.88
CA PRO A 30 5.52 12.13 -10.63
C PRO A 30 5.67 10.60 -10.48
N SER A 31 6.77 10.20 -9.86
CA SER A 31 7.03 8.79 -9.66
C SER A 31 6.42 8.33 -8.34
N ARG A 32 6.11 7.04 -8.29
CA ARG A 32 5.51 6.46 -7.09
C ARG A 32 6.39 6.73 -5.87
N ASN A 33 7.70 6.68 -6.10
CA ASN A 33 8.65 6.92 -5.04
C ASN A 33 8.68 8.41 -4.70
N ASP A 34 8.32 9.21 -5.68
CA ASP A 34 8.30 10.65 -5.51
C ASP A 34 7.09 11.04 -4.66
N VAL A 35 5.93 10.51 -5.03
CA VAL A 35 4.71 10.78 -4.31
C VAL A 35 4.81 10.23 -2.89
N ARG A 36 5.35 9.02 -2.81
CA ARG A 36 5.52 8.36 -1.52
C ARG A 36 6.36 9.23 -0.59
N ASN A 37 7.52 9.63 -1.09
CA ASN A 37 8.44 10.46 -0.32
C ASN A 37 7.70 11.73 0.13
N LYS A 38 6.79 12.18 -0.72
CA LYS A 38 6.01 13.37 -0.42
C LYS A 38 5.03 13.07 0.71
N LEU A 39 4.27 12.00 0.51
CA LEU A 39 3.28 11.59 1.51
C LEU A 39 4.00 11.26 2.82
N ALA A 40 4.97 10.37 2.71
CA ALA A 40 5.73 9.96 3.88
C ALA A 40 6.18 11.20 4.65
N ALA A 41 6.52 12.24 3.89
CA ALA A 41 6.98 13.48 4.50
C ALA A 41 5.77 14.23 5.08
N MET A 42 4.65 14.13 4.37
CA MET A 42 3.43 14.80 4.80
C MET A 42 2.89 14.14 6.07
N LEU A 43 2.83 12.82 6.05
CA LEU A 43 2.33 12.08 7.19
C LEU A 43 3.49 11.75 8.13
N ASN A 44 4.65 12.30 7.81
CA ASN A 44 5.83 12.09 8.61
C ASN A 44 5.91 10.61 9.01
N ALA A 45 5.54 9.76 8.07
CA ALA A 45 5.55 8.32 8.31
C ALA A 45 6.71 7.69 7.52
N PRO A 46 7.02 6.42 7.89
CA PRO A 46 8.09 5.70 7.22
C PRO A 46 7.66 5.24 5.83
N LEU A 47 8.41 5.69 4.83
CA LEU A 47 8.12 5.32 3.45
C LEU A 47 7.92 3.80 3.36
N GLU A 48 8.86 3.08 3.94
CA GLU A 48 8.80 1.63 3.93
C GLU A 48 7.39 1.15 4.28
N LEU A 49 6.87 1.69 5.37
CA LEU A 49 5.54 1.33 5.82
C LEU A 49 4.50 1.87 4.83
N LEU A 50 4.89 2.95 4.15
CA LEU A 50 4.01 3.57 3.17
C LEU A 50 4.11 2.81 1.85
N VAL A 51 2.94 2.60 1.24
CA VAL A 51 2.88 1.89 -0.02
C VAL A 51 1.86 2.58 -0.93
N ILE A 52 1.98 2.29 -2.22
CA ILE A 52 1.07 2.87 -3.20
C ILE A 52 0.33 1.74 -3.94
N GLN A 53 -0.99 1.86 -3.96
CA GLN A 53 -1.81 0.87 -4.63
C GLN A 53 -1.65 0.98 -6.15
N ARG A 54 -1.95 2.17 -6.65
CA ARG A 54 -1.83 2.42 -8.08
C ARG A 54 -2.21 3.86 -8.41
N ILE A 55 -1.33 4.53 -9.13
CA ILE A 55 -1.55 5.91 -9.50
C ILE A 55 -2.25 5.96 -10.86
N LYS A 56 -3.18 6.89 -10.99
CA LYS A 56 -3.92 7.06 -12.22
C LYS A 56 -3.76 8.50 -12.73
N THR A 57 -3.05 8.62 -13.83
CA THR A 57 -2.81 9.93 -14.42
C THR A 57 -3.93 10.28 -15.40
N GLU A 58 -4.34 11.54 -15.36
CA GLU A 58 -5.40 12.00 -16.24
C GLU A 58 -4.79 12.64 -17.50
N TYR A 59 -5.68 13.01 -18.42
CA TYR A 59 -5.26 13.62 -19.66
C TYR A 59 -6.05 14.89 -19.94
N GLY A 60 -5.42 16.02 -19.69
CA GLY A 60 -6.04 17.31 -19.91
C GLY A 60 -6.11 18.12 -18.60
N MET A 61 -5.78 17.45 -17.51
CA MET A 61 -5.79 18.10 -16.20
C MET A 61 -4.45 17.91 -15.49
N GLN A 62 -3.52 17.28 -16.19
CA GLN A 62 -2.20 17.04 -15.64
C GLN A 62 -2.30 16.71 -14.14
N GLU A 63 -3.11 15.70 -13.85
CA GLU A 63 -3.29 15.29 -12.46
C GLU A 63 -3.26 13.76 -12.36
N SER A 64 -2.75 13.29 -11.23
CA SER A 64 -2.66 11.86 -10.99
C SER A 64 -3.07 11.53 -9.56
N LYS A 65 -3.87 10.50 -9.42
CA LYS A 65 -4.34 10.07 -8.11
C LYS A 65 -3.91 8.63 -7.85
N GLY A 66 -3.61 8.34 -6.59
CA GLY A 66 -3.19 7.02 -6.21
C GLY A 66 -3.41 6.77 -4.71
N TYR A 67 -4.03 5.64 -4.41
CA TYR A 67 -4.30 5.29 -3.02
C TYR A 67 -3.08 4.66 -2.36
N ALA A 68 -2.62 5.30 -1.30
CA ALA A 68 -1.47 4.81 -0.57
C ALA A 68 -1.93 4.03 0.65
N LYS A 69 -1.06 3.14 1.12
CA LYS A 69 -1.38 2.33 2.29
C LYS A 69 -0.33 2.58 3.37
N LEU A 70 -0.78 3.17 4.47
CA LEU A 70 0.10 3.47 5.58
C LEU A 70 -0.09 2.42 6.68
N TYR A 71 1.00 1.78 7.06
CA TYR A 71 0.96 0.76 8.09
C TYR A 71 1.70 1.23 9.35
N GLU A 72 1.52 0.48 10.42
CA GLU A 72 2.16 0.79 11.68
C GLU A 72 3.45 0.00 11.84
N ASP A 73 3.43 -1.22 11.34
CA ASP A 73 4.59 -2.09 11.41
C ASP A 73 4.78 -2.80 10.07
N ALA A 74 6.01 -3.25 9.85
CA ALA A 74 6.33 -3.96 8.61
C ALA A 74 5.86 -5.40 8.71
N ASP A 75 6.12 -6.00 9.86
CA ASP A 75 5.73 -7.38 10.08
C ASP A 75 4.26 -7.56 9.70
N ARG A 76 3.45 -6.59 10.14
CA ARG A 76 2.03 -6.62 9.86
C ARG A 76 1.79 -6.57 8.35
N MET A 77 2.41 -5.59 7.71
CA MET A 77 2.27 -5.41 6.27
C MET A 77 2.55 -6.72 5.54
N LYS A 78 3.54 -7.45 6.04
CA LYS A 78 3.92 -8.72 5.44
C LYS A 78 2.77 -9.73 5.61
N GLN A 79 2.43 -9.97 6.87
CA GLN A 79 1.36 -10.90 7.18
C GLN A 79 0.07 -10.49 6.45
N VAL A 80 -0.13 -9.19 6.37
CA VAL A 80 -1.30 -8.65 5.71
C VAL A 80 -1.26 -9.00 4.23
N GLU A 81 -0.15 -8.64 3.60
CA GLU A 81 0.04 -8.90 2.19
C GLU A 81 0.21 -10.40 1.95
N GLN A 82 0.30 -11.13 3.04
CA GLN A 82 0.47 -12.58 2.97
C GLN A 82 -0.89 -13.28 3.07
N GLU A 83 -1.92 -12.46 3.23
CA GLU A 83 -3.28 -12.98 3.34
C GLU A 83 -3.77 -13.49 1.98
N TYR A 84 -3.43 -12.72 0.95
CA TYR A 84 -3.84 -13.08 -0.40
C TYR A 84 -2.74 -13.89 -1.10
N VAL A 85 -1.94 -14.56 -0.30
CA VAL A 85 -0.85 -15.38 -0.82
C VAL A 85 -1.07 -16.83 -0.39
N LEU A 86 0.03 -17.44 0.05
CA LEU A 86 -0.02 -18.83 0.49
C LEU A 86 -0.99 -18.96 1.66
N LYS A 87 -2.26 -19.10 1.32
CA LYS A 87 -3.30 -19.22 2.32
C LYS A 87 -3.65 -20.70 2.51
N ARG A 88 -4.25 -21.00 3.65
CA ARG A 88 -4.63 -22.37 3.97
C ARG A 88 -6.03 -22.40 4.59
N ASN A 89 -6.48 -23.61 4.87
CA ASN A 89 -7.80 -23.79 5.46
C ASN A 89 -7.81 -25.08 6.29
N ALA A 90 -6.79 -25.21 7.13
CA ALA A 90 -6.67 -26.37 7.99
C ALA A 90 -5.58 -26.13 9.04
N VAL A 91 -5.88 -26.53 10.25
CA VAL A 91 -4.95 -26.36 11.35
C VAL A 91 -3.56 -26.82 10.91
N PRO A 92 -2.57 -25.90 11.04
CA PRO A 92 -1.20 -26.20 10.65
C PRO A 92 -0.53 -27.11 11.69
N GLY A 93 0.79 -27.13 11.63
CA GLY A 93 1.56 -27.96 12.56
C GLY A 93 1.48 -27.40 13.98
N SER A 94 2.66 -27.24 14.57
CA SER A 94 2.74 -26.73 15.93
C SER A 94 3.94 -25.79 16.05
N GLU A 95 4.66 -25.93 17.16
CA GLU A 95 5.82 -25.11 17.41
C GLU A 95 6.68 -25.73 18.53
N THR A 96 7.97 -25.43 18.47
CA THR A 96 8.89 -25.95 19.47
C THR A 96 10.31 -25.45 19.18
N GLU A 97 10.96 -24.96 20.23
CA GLU A 97 12.32 -24.46 20.09
C GLU A 97 13.19 -24.98 21.24
N GLY A 98 14.33 -25.55 20.86
CA GLY A 98 15.25 -26.09 21.84
C GLY A 98 16.50 -26.66 21.16
N GLU A 99 17.23 -27.47 21.93
CA GLU A 99 18.43 -28.08 21.41
C GLU A 99 18.42 -29.59 21.66
N GLU A 100 19.61 -30.15 21.82
CA GLU A 100 19.75 -31.57 22.06
C GLU A 100 21.02 -31.85 22.86
N ALA A 101 21.06 -33.05 23.43
CA ALA A 101 22.22 -33.46 24.22
C ALA A 101 22.05 -34.92 24.64
N MET A 1 5.86 17.91 -7.38
CA MET A 1 4.44 17.98 -7.68
C MET A 1 3.65 18.42 -6.45
N ASP A 2 2.33 18.48 -6.61
CA ASP A 2 1.45 18.90 -5.53
C ASP A 2 0.63 17.69 -5.07
N ILE A 3 0.39 17.66 -3.76
CA ILE A 3 -0.39 16.58 -3.18
C ILE A 3 -1.47 17.16 -2.26
N LYS A 4 -2.66 16.59 -2.36
CA LYS A 4 -3.77 17.05 -1.56
C LYS A 4 -4.45 15.84 -0.90
N ILE A 5 -4.32 15.77 0.41
CA ILE A 5 -4.91 14.67 1.17
C ILE A 5 -6.43 14.72 1.02
N ILE A 6 -6.96 13.69 0.36
CA ILE A 6 -8.39 13.59 0.14
C ILE A 6 -9.07 13.18 1.44
N LYS A 7 -8.91 11.91 1.77
CA LYS A 7 -9.51 11.37 2.99
C LYS A 7 -8.49 10.47 3.68
N ASP A 8 -8.73 10.24 4.97
CA ASP A 8 -7.85 9.41 5.76
C ASP A 8 -8.68 8.32 6.46
N LYS A 9 -8.51 7.10 5.97
CA LYS A 9 -9.24 5.97 6.53
C LYS A 9 -8.25 5.03 7.24
N LYS A 10 -8.68 4.50 8.37
CA LYS A 10 -7.85 3.60 9.15
C LYS A 10 -8.46 2.20 9.13
N ASN A 11 -7.59 1.20 9.19
CA ASN A 11 -8.02 -0.18 9.17
C ASN A 11 -7.21 -0.98 10.19
N PRO A 12 -7.80 -1.12 11.40
CA PRO A 12 -7.14 -1.86 12.47
C PRO A 12 -7.22 -3.37 12.22
N LEU A 13 -8.11 -3.74 11.32
CA LEU A 13 -8.29 -5.15 10.98
C LEU A 13 -7.01 -5.67 10.32
N LEU A 14 -6.64 -5.01 9.24
CA LEU A 14 -5.44 -5.40 8.50
C LEU A 14 -4.22 -4.75 9.15
N ASN A 15 -4.48 -3.70 9.93
CA ASN A 15 -3.41 -2.99 10.61
C ASN A 15 -2.76 -2.01 9.62
N ARG A 16 -3.57 -1.49 8.73
CA ARG A 16 -3.08 -0.54 7.73
C ARG A 16 -3.89 0.75 7.79
N ARG A 17 -3.60 1.64 6.85
CA ARG A 17 -4.28 2.91 6.78
C ARG A 17 -4.56 3.29 5.31
N GLU A 18 -5.82 3.56 5.04
CA GLU A 18 -6.22 3.94 3.69
C GLU A 18 -6.26 5.46 3.55
N LEU A 19 -5.28 5.97 2.83
CA LEU A 19 -5.19 7.41 2.61
C LEU A 19 -5.35 7.70 1.12
N ASP A 20 -6.17 8.71 0.83
CA ASP A 20 -6.41 9.10 -0.54
C ASP A 20 -5.96 10.55 -0.74
N PHE A 21 -5.44 10.81 -1.94
CA PHE A 21 -4.97 12.15 -2.27
C PHE A 21 -4.85 12.32 -3.78
N ILE A 22 -4.74 13.58 -4.19
CA ILE A 22 -4.62 13.90 -5.60
C ILE A 22 -3.25 14.50 -5.88
N VAL A 23 -2.61 14.01 -6.93
CA VAL A 23 -1.30 14.49 -7.30
C VAL A 23 -1.43 15.43 -8.50
N LYS A 24 -1.02 16.68 -8.27
CA LYS A 24 -1.09 17.68 -9.31
C LYS A 24 0.33 18.12 -9.69
N TYR A 25 0.46 18.61 -10.91
CA TYR A 25 1.75 19.06 -11.40
C TYR A 25 1.61 19.84 -12.71
N GLU A 26 2.73 20.30 -13.22
CA GLU A 26 2.74 21.05 -14.46
C GLU A 26 3.90 20.60 -15.35
N GLY A 27 3.74 19.42 -15.93
CA GLY A 27 4.76 18.88 -16.81
C GLY A 27 4.80 17.34 -16.72
N SER A 28 6.00 16.81 -16.74
CA SER A 28 6.19 15.36 -16.67
C SER A 28 5.46 14.81 -15.45
N THR A 29 5.20 13.52 -15.49
CA THR A 29 4.50 12.85 -14.41
C THR A 29 5.50 12.43 -13.32
N PRO A 30 5.04 12.55 -12.04
CA PRO A 30 5.88 12.18 -10.91
C PRO A 30 5.99 10.67 -10.78
N SER A 31 6.90 10.25 -9.91
CA SER A 31 7.12 8.83 -9.68
C SER A 31 6.54 8.42 -8.33
N ARG A 32 5.99 7.22 -8.29
CA ARG A 32 5.40 6.71 -7.06
C ARG A 32 6.33 6.95 -5.88
N ASN A 33 7.63 6.81 -6.14
CA ASN A 33 8.63 7.02 -5.11
C ASN A 33 8.61 8.48 -4.68
N ASP A 34 8.55 9.36 -5.67
CA ASP A 34 8.53 10.80 -5.40
C ASP A 34 7.30 11.13 -4.55
N VAL A 35 6.15 10.64 -5.00
CA VAL A 35 4.90 10.88 -4.30
C VAL A 35 4.97 10.25 -2.91
N ARG A 36 5.57 9.06 -2.87
CA ARG A 36 5.71 8.35 -1.61
C ARG A 36 6.49 9.19 -0.61
N ASN A 37 7.64 9.67 -1.06
CA ASN A 37 8.50 10.49 -0.21
C ASN A 37 7.74 11.75 0.20
N LYS A 38 6.89 12.22 -0.71
CA LYS A 38 6.10 13.41 -0.46
C LYS A 38 5.11 13.14 0.67
N LEU A 39 4.35 12.07 0.51
CA LEU A 39 3.36 11.69 1.50
C LEU A 39 4.06 11.35 2.81
N ALA A 40 5.04 10.46 2.71
CA ALA A 40 5.79 10.03 3.88
C ALA A 40 6.26 11.27 4.65
N ALA A 41 6.62 12.30 3.89
CA ALA A 41 7.09 13.54 4.48
C ALA A 41 5.90 14.31 5.05
N MET A 42 4.79 14.24 4.33
CA MET A 42 3.57 14.92 4.75
C MET A 42 3.00 14.28 6.00
N LEU A 43 2.91 12.96 5.97
CA LEU A 43 2.38 12.21 7.10
C LEU A 43 3.52 11.89 8.08
N ASN A 44 4.68 12.42 7.77
CA ASN A 44 5.85 12.21 8.61
C ASN A 44 5.93 10.73 8.99
N ALA A 45 5.59 9.88 8.02
CA ALA A 45 5.62 8.45 8.24
C ALA A 45 6.74 7.83 7.39
N PRO A 46 7.08 6.56 7.72
CA PRO A 46 8.12 5.85 7.00
C PRO A 46 7.63 5.40 5.63
N LEU A 47 8.50 5.53 4.65
CA LEU A 47 8.17 5.13 3.29
C LEU A 47 7.89 3.63 3.25
N GLU A 48 8.84 2.88 3.81
CA GLU A 48 8.72 1.43 3.84
C GLU A 48 7.29 1.03 4.26
N LEU A 49 6.84 1.65 5.35
CA LEU A 49 5.51 1.36 5.86
C LEU A 49 4.46 1.90 4.88
N LEU A 50 4.86 2.93 4.14
CA LEU A 50 3.98 3.55 3.18
C LEU A 50 4.00 2.74 1.88
N VAL A 51 2.83 2.57 1.29
CA VAL A 51 2.71 1.82 0.05
C VAL A 51 1.72 2.53 -0.88
N ILE A 52 1.84 2.23 -2.16
CA ILE A 52 0.96 2.83 -3.15
C ILE A 52 0.20 1.72 -3.88
N GLN A 53 -1.12 1.85 -3.87
CA GLN A 53 -1.97 0.87 -4.53
C GLN A 53 -1.80 0.94 -6.05
N ARG A 54 -2.18 2.09 -6.61
CA ARG A 54 -2.07 2.30 -8.03
C ARG A 54 -2.38 3.76 -8.37
N ILE A 55 -1.43 4.39 -9.05
CA ILE A 55 -1.58 5.77 -9.44
C ILE A 55 -2.21 5.84 -10.84
N LYS A 56 -3.12 6.79 -10.99
CA LYS A 56 -3.81 6.97 -12.26
C LYS A 56 -3.64 8.41 -12.73
N THR A 57 -3.00 8.55 -13.88
CA THR A 57 -2.77 9.87 -14.45
C THR A 57 -3.86 10.22 -15.46
N GLU A 58 -4.32 11.47 -15.40
CA GLU A 58 -5.35 11.94 -16.29
C GLU A 58 -4.73 12.56 -17.55
N TYR A 59 -5.59 12.95 -18.47
CA TYR A 59 -5.14 13.56 -19.71
C TYR A 59 -5.88 14.87 -19.97
N GLY A 60 -5.22 15.97 -19.64
CA GLY A 60 -5.80 17.28 -19.83
C GLY A 60 -5.74 18.11 -18.54
N MET A 61 -5.51 17.40 -17.44
CA MET A 61 -5.42 18.06 -16.14
C MET A 61 -4.10 17.75 -15.45
N GLN A 62 -3.24 17.06 -16.19
CA GLN A 62 -1.93 16.70 -15.67
C GLN A 62 -2.03 16.38 -14.18
N GLU A 63 -3.02 15.57 -13.83
CA GLU A 63 -3.23 15.18 -12.45
C GLU A 63 -3.21 13.66 -12.32
N SER A 64 -2.61 13.19 -11.22
CA SER A 64 -2.52 11.77 -10.97
C SER A 64 -3.07 11.46 -9.58
N LYS A 65 -3.88 10.41 -9.51
CA LYS A 65 -4.48 10.00 -8.25
C LYS A 65 -4.07 8.56 -7.95
N GLY A 66 -3.81 8.30 -6.68
CA GLY A 66 -3.41 6.98 -6.24
C GLY A 66 -3.60 6.81 -4.74
N TYR A 67 -4.12 5.64 -4.37
CA TYR A 67 -4.37 5.34 -2.97
C TYR A 67 -3.14 4.71 -2.32
N ALA A 68 -2.68 5.34 -1.25
CA ALA A 68 -1.51 4.85 -0.53
C ALA A 68 -1.97 4.08 0.71
N LYS A 69 -1.12 3.16 1.14
CA LYS A 69 -1.43 2.36 2.31
C LYS A 69 -0.36 2.59 3.39
N LEU A 70 -0.78 3.20 4.48
CA LEU A 70 0.13 3.49 5.58
C LEU A 70 -0.05 2.44 6.67
N TYR A 71 1.05 1.81 7.03
CA TYR A 71 1.03 0.78 8.07
C TYR A 71 1.70 1.28 9.34
N GLU A 72 1.35 0.63 10.45
CA GLU A 72 1.90 0.99 11.74
C GLU A 72 3.22 0.27 11.98
N ASP A 73 3.37 -0.86 11.29
CA ASP A 73 4.58 -1.65 11.42
C ASP A 73 4.85 -2.37 10.10
N ALA A 74 6.10 -2.77 9.92
CA ALA A 74 6.50 -3.46 8.71
C ALA A 74 6.16 -4.95 8.84
N ASP A 75 6.36 -5.47 10.04
CA ASP A 75 6.09 -6.86 10.32
C ASP A 75 4.67 -7.19 9.84
N ARG A 76 3.75 -6.31 10.18
CA ARG A 76 2.35 -6.49 9.80
C ARG A 76 2.21 -6.46 8.28
N MET A 77 2.84 -5.46 7.68
CA MET A 77 2.79 -5.30 6.24
C MET A 77 3.17 -6.60 5.53
N LYS A 78 4.13 -7.31 6.13
CA LYS A 78 4.59 -8.56 5.56
C LYS A 78 3.54 -9.65 5.83
N GLN A 79 3.21 -9.81 7.10
CA GLN A 79 2.23 -10.80 7.51
C GLN A 79 0.94 -10.62 6.71
N VAL A 80 0.68 -9.37 6.34
CA VAL A 80 -0.52 -9.04 5.58
C VAL A 80 -0.30 -9.40 4.11
N GLU A 81 0.94 -9.20 3.67
CA GLU A 81 1.30 -9.49 2.29
C GLU A 81 1.35 -11.00 2.07
N GLN A 82 1.21 -11.74 3.16
CA GLN A 82 1.24 -13.19 3.10
C GLN A 82 -0.16 -13.74 2.86
N GLU A 83 -1.12 -12.84 2.87
CA GLU A 83 -2.52 -13.22 2.66
C GLU A 83 -2.77 -13.52 1.17
N TYR A 84 -2.02 -12.81 0.33
CA TYR A 84 -2.16 -12.98 -1.11
C TYR A 84 -0.89 -13.61 -1.70
N VAL A 85 -0.20 -14.37 -0.86
CA VAL A 85 1.02 -15.04 -1.29
C VAL A 85 0.72 -16.50 -1.58
N LEU A 86 1.74 -17.34 -1.40
CA LEU A 86 1.60 -18.76 -1.64
C LEU A 86 0.36 -19.28 -0.89
N LYS A 87 -0.75 -19.33 -1.62
CA LYS A 87 -2.00 -19.80 -1.03
C LYS A 87 -2.30 -21.20 -1.57
N ARG A 88 -3.09 -21.93 -0.79
CA ARG A 88 -3.46 -23.29 -1.17
C ARG A 88 -4.96 -23.37 -1.44
N ASN A 89 -5.36 -24.46 -2.06
CA ASN A 89 -6.75 -24.68 -2.39
C ASN A 89 -6.98 -26.16 -2.72
N ALA A 90 -6.50 -27.01 -1.82
CA ALA A 90 -6.63 -28.45 -2.00
C ALA A 90 -6.14 -29.16 -0.74
N VAL A 91 -6.98 -30.08 -0.26
CA VAL A 91 -6.64 -30.83 0.93
C VAL A 91 -5.29 -31.51 0.73
N PRO A 92 -4.38 -31.30 1.73
CA PRO A 92 -3.05 -31.87 1.67
C PRO A 92 -3.10 -33.38 1.99
N GLY A 93 -1.93 -33.91 2.29
CA GLY A 93 -1.81 -35.33 2.62
C GLY A 93 -2.55 -35.65 3.92
N SER A 94 -1.81 -36.26 4.84
CA SER A 94 -2.38 -36.63 6.14
C SER A 94 -1.30 -36.56 7.21
N GLU A 95 -1.31 -37.58 8.07
CA GLU A 95 -0.34 -37.65 9.14
C GLU A 95 0.74 -38.69 8.81
N THR A 96 1.50 -39.05 9.85
CA THR A 96 2.56 -40.02 9.68
C THR A 96 3.32 -40.21 10.99
N GLU A 97 3.52 -41.47 11.35
CA GLU A 97 4.23 -41.80 12.57
C GLU A 97 4.36 -43.32 12.72
N GLY A 98 5.38 -43.73 13.46
CA GLY A 98 5.63 -45.14 13.69
C GLY A 98 6.84 -45.61 12.90
N GLU A 99 7.46 -46.67 13.40
CA GLU A 99 8.63 -47.24 12.76
C GLU A 99 8.47 -48.75 12.59
N GLU A 100 9.60 -49.44 12.60
CA GLU A 100 9.60 -50.88 12.44
C GLU A 100 11.04 -51.41 12.39
N ALA A 101 11.14 -52.73 12.40
CA ALA A 101 12.44 -53.38 12.34
C ALA A 101 13.24 -53.02 13.60
N MET A 1 5.90 17.98 -7.18
CA MET A 1 4.48 18.07 -7.50
C MET A 1 3.66 18.51 -6.29
N ASP A 2 2.36 18.61 -6.50
CA ASP A 2 1.46 19.01 -5.43
C ASP A 2 0.59 17.83 -5.02
N ILE A 3 0.24 17.79 -3.74
CA ILE A 3 -0.58 16.72 -3.22
C ILE A 3 -1.66 17.31 -2.33
N LYS A 4 -2.84 16.69 -2.38
CA LYS A 4 -3.97 17.14 -1.58
C LYS A 4 -4.63 15.93 -0.92
N ILE A 5 -4.37 15.79 0.37
CA ILE A 5 -4.93 14.70 1.13
C ILE A 5 -6.46 14.72 1.01
N ILE A 6 -6.99 13.69 0.37
CA ILE A 6 -8.42 13.58 0.17
C ILE A 6 -9.08 13.15 1.48
N LYS A 7 -8.84 11.89 1.84
CA LYS A 7 -9.40 11.34 3.06
C LYS A 7 -8.43 10.33 3.65
N ASP A 8 -8.55 10.12 4.96
CA ASP A 8 -7.69 9.18 5.66
C ASP A 8 -8.55 8.16 6.41
N LYS A 9 -8.52 6.94 5.91
CA LYS A 9 -9.29 5.87 6.53
C LYS A 9 -8.36 5.02 7.41
N LYS A 10 -8.93 4.55 8.51
CA LYS A 10 -8.17 3.73 9.45
C LYS A 10 -8.69 2.30 9.39
N ASN A 11 -7.78 1.36 9.63
CA ASN A 11 -8.13 -0.05 9.61
C ASN A 11 -7.26 -0.81 10.61
N PRO A 12 -7.83 -1.02 11.83
CA PRO A 12 -7.11 -1.72 12.88
C PRO A 12 -7.06 -3.23 12.60
N LEU A 13 -7.92 -3.65 11.69
CA LEU A 13 -7.99 -5.05 11.32
C LEU A 13 -6.70 -5.46 10.61
N LEU A 14 -6.43 -4.78 9.51
CA LEU A 14 -5.23 -5.05 8.73
C LEU A 14 -4.06 -4.28 9.32
N ASN A 15 -4.37 -3.41 10.27
CA ASN A 15 -3.36 -2.61 10.92
C ASN A 15 -2.73 -1.65 9.90
N ARG A 16 -3.52 -1.32 8.89
CA ARG A 16 -3.07 -0.42 7.85
C ARG A 16 -3.87 0.88 7.87
N ARG A 17 -3.68 1.68 6.84
CA ARG A 17 -4.37 2.95 6.74
C ARG A 17 -4.55 3.34 5.26
N GLU A 18 -5.82 3.46 4.87
CA GLU A 18 -6.13 3.83 3.50
C GLU A 18 -6.25 5.35 3.37
N LEU A 19 -5.23 5.94 2.75
CA LEU A 19 -5.20 7.36 2.55
C LEU A 19 -5.36 7.68 1.06
N ASP A 20 -6.23 8.64 0.78
CA ASP A 20 -6.49 9.04 -0.60
C ASP A 20 -6.05 10.50 -0.79
N PHE A 21 -5.48 10.76 -1.95
CA PHE A 21 -5.03 12.11 -2.27
C PHE A 21 -4.91 12.29 -3.79
N ILE A 22 -4.83 13.56 -4.19
CA ILE A 22 -4.70 13.88 -5.60
C ILE A 22 -3.34 14.53 -5.85
N VAL A 23 -2.68 14.07 -6.91
CA VAL A 23 -1.38 14.58 -7.26
C VAL A 23 -1.52 15.54 -8.45
N LYS A 24 -0.95 16.72 -8.28
CA LYS A 24 -1.00 17.74 -9.32
C LYS A 24 0.42 18.20 -9.64
N TYR A 25 0.61 18.61 -10.89
CA TYR A 25 1.90 19.09 -11.34
C TYR A 25 1.78 19.87 -12.64
N GLU A 26 2.90 20.42 -13.09
CA GLU A 26 2.93 21.19 -14.31
C GLU A 26 4.12 20.78 -15.18
N GLY A 27 4.11 19.51 -15.57
CA GLY A 27 5.17 18.98 -16.40
C GLY A 27 5.15 17.45 -16.40
N SER A 28 6.35 16.86 -16.44
CA SER A 28 6.48 15.42 -16.45
C SER A 28 5.65 14.82 -15.31
N THR A 29 5.36 13.53 -15.45
CA THR A 29 4.59 12.82 -14.44
C THR A 29 5.49 12.42 -13.26
N PRO A 30 4.93 12.59 -12.03
CA PRO A 30 5.67 12.25 -10.83
C PRO A 30 5.73 10.73 -10.63
N SER A 31 6.81 10.29 -10.01
CA SER A 31 7.01 8.87 -9.76
C SER A 31 6.39 8.49 -8.41
N ARG A 32 6.11 7.21 -8.26
CA ARG A 32 5.52 6.70 -7.03
C ARG A 32 6.46 6.95 -5.86
N ASN A 33 7.75 6.73 -6.10
CA ASN A 33 8.75 6.92 -5.07
C ASN A 33 8.84 8.41 -4.73
N ASP A 34 8.45 9.23 -5.70
CA ASP A 34 8.48 10.67 -5.52
C ASP A 34 7.28 11.10 -4.66
N VAL A 35 6.12 10.57 -5.01
CA VAL A 35 4.90 10.89 -4.28
C VAL A 35 5.00 10.35 -2.86
N ARG A 36 5.45 9.10 -2.78
CA ARG A 36 5.61 8.44 -1.49
C ARG A 36 6.47 9.30 -0.56
N ASN A 37 7.60 9.73 -1.08
CA ASN A 37 8.52 10.54 -0.31
C ASN A 37 7.80 11.80 0.17
N LYS A 38 6.94 12.31 -0.69
CA LYS A 38 6.17 13.50 -0.37
C LYS A 38 5.19 13.19 0.76
N LEU A 39 4.39 12.16 0.53
CA LEU A 39 3.42 11.75 1.52
C LEU A 39 4.12 11.35 2.82
N ALA A 40 5.09 10.45 2.67
CA ALA A 40 5.85 9.98 3.82
C ALA A 40 6.34 11.19 4.62
N ALA A 41 6.71 12.23 3.91
CA ALA A 41 7.20 13.45 4.54
C ALA A 41 6.02 14.21 5.14
N MET A 42 4.90 14.17 4.43
CA MET A 42 3.70 14.84 4.89
C MET A 42 3.13 14.18 6.14
N LEU A 43 3.05 12.86 6.09
CA LEU A 43 2.53 12.09 7.21
C LEU A 43 3.69 11.71 8.14
N ASN A 44 4.86 12.23 7.81
CA ASN A 44 6.05 11.95 8.59
C ASN A 44 6.08 10.46 8.95
N ALA A 45 5.68 9.64 7.99
CA ALA A 45 5.65 8.20 8.19
C ALA A 45 6.77 7.56 7.37
N PRO A 46 7.07 6.28 7.71
CA PRO A 46 8.12 5.54 7.03
C PRO A 46 7.66 5.11 5.64
N LEU A 47 8.49 5.39 4.66
CA LEU A 47 8.19 5.04 3.28
C LEU A 47 7.87 3.54 3.20
N GLU A 48 8.80 2.75 3.73
CA GLU A 48 8.64 1.30 3.72
C GLU A 48 7.20 0.93 4.10
N LEU A 49 6.77 1.43 5.25
CA LEU A 49 5.43 1.17 5.74
C LEU A 49 4.41 1.73 4.75
N LEU A 50 4.82 2.79 4.07
CA LEU A 50 3.96 3.44 3.09
C LEU A 50 4.04 2.67 1.77
N VAL A 51 2.86 2.49 1.16
CA VAL A 51 2.79 1.77 -0.10
C VAL A 51 1.78 2.48 -1.01
N ILE A 52 1.97 2.29 -2.32
CA ILE A 52 1.10 2.90 -3.29
C ILE A 52 0.27 1.81 -3.97
N GLN A 53 -1.04 1.99 -3.92
CA GLN A 53 -1.96 1.04 -4.52
C GLN A 53 -1.81 1.05 -6.05
N ARG A 54 -2.02 2.22 -6.62
CA ARG A 54 -1.91 2.38 -8.06
C ARG A 54 -2.26 3.81 -8.47
N ILE A 55 -1.29 4.46 -9.11
CA ILE A 55 -1.48 5.82 -9.55
C ILE A 55 -2.20 5.83 -10.91
N LYS A 56 -3.12 6.76 -11.05
CA LYS A 56 -3.88 6.87 -12.28
C LYS A 56 -3.76 8.29 -12.83
N THR A 57 -3.06 8.41 -13.95
CA THR A 57 -2.86 9.70 -14.59
C THR A 57 -3.98 9.99 -15.58
N GLU A 58 -4.45 11.23 -15.54
CA GLU A 58 -5.52 11.64 -16.44
C GLU A 58 -4.95 12.09 -17.79
N TYR A 59 -5.85 12.52 -18.66
CA TYR A 59 -5.45 12.98 -19.98
C TYR A 59 -5.44 14.51 -20.05
N GLY A 60 -4.25 15.05 -20.35
CA GLY A 60 -4.09 16.49 -20.44
C GLY A 60 -4.80 17.20 -19.28
N MET A 61 -4.66 16.61 -18.10
CA MET A 61 -5.27 17.18 -16.92
C MET A 61 -4.22 17.45 -15.84
N GLN A 62 -2.97 17.17 -16.18
CA GLN A 62 -1.87 17.37 -15.26
C GLN A 62 -2.30 17.05 -13.83
N GLU A 63 -2.78 15.83 -13.64
CA GLU A 63 -3.24 15.38 -12.34
C GLU A 63 -3.28 13.86 -12.28
N SER A 64 -2.72 13.32 -11.22
CA SER A 64 -2.69 11.88 -11.02
C SER A 64 -3.15 11.53 -9.61
N LYS A 65 -3.94 10.46 -9.53
CA LYS A 65 -4.46 10.01 -8.26
C LYS A 65 -3.95 8.59 -7.97
N GLY A 66 -3.69 8.34 -6.70
CA GLY A 66 -3.19 7.04 -6.29
C GLY A 66 -3.39 6.83 -4.79
N TYR A 67 -4.00 5.71 -4.45
CA TYR A 67 -4.26 5.37 -3.06
C TYR A 67 -3.01 4.76 -2.41
N ALA A 68 -2.69 5.28 -1.23
CA ALA A 68 -1.53 4.80 -0.50
C ALA A 68 -2.01 4.03 0.75
N LYS A 69 -1.16 3.11 1.20
CA LYS A 69 -1.49 2.32 2.38
C LYS A 69 -0.43 2.57 3.46
N LEU A 70 -0.87 3.20 4.53
CA LEU A 70 0.02 3.50 5.64
C LEU A 70 -0.17 2.46 6.74
N TYR A 71 0.95 1.83 7.11
CA TYR A 71 0.92 0.81 8.14
C TYR A 71 1.64 1.29 9.40
N GLU A 72 1.33 0.63 10.51
CA GLU A 72 1.93 0.99 11.78
C GLU A 72 3.30 0.32 11.92
N ASP A 73 3.42 -0.85 11.33
CA ASP A 73 4.67 -1.60 11.37
C ASP A 73 4.84 -2.39 10.08
N ALA A 74 6.06 -2.83 9.84
CA ALA A 74 6.37 -3.58 8.64
C ALA A 74 5.98 -5.05 8.86
N ASP A 75 6.20 -5.51 10.08
CA ASP A 75 5.88 -6.89 10.43
C ASP A 75 4.40 -7.14 10.13
N ARG A 76 3.57 -6.21 10.57
CA ARG A 76 2.13 -6.32 10.36
C ARG A 76 1.82 -6.47 8.88
N MET A 77 2.39 -5.56 8.09
CA MET A 77 2.18 -5.57 6.66
C MET A 77 2.47 -6.96 6.07
N LYS A 78 3.47 -7.61 6.63
CA LYS A 78 3.85 -8.94 6.18
C LYS A 78 2.71 -9.92 6.46
N GLN A 79 2.41 -10.07 7.75
CA GLN A 79 1.33 -10.96 8.16
C GLN A 79 0.03 -10.59 7.46
N VAL A 80 -0.13 -9.30 7.22
CA VAL A 80 -1.32 -8.81 6.55
C VAL A 80 -1.32 -9.27 5.10
N GLU A 81 -0.22 -9.00 4.43
CA GLU A 81 -0.09 -9.40 3.03
C GLU A 81 0.06 -10.92 2.92
N GLN A 82 0.18 -11.56 4.06
CA GLN A 82 0.34 -13.00 4.11
C GLN A 82 -1.04 -13.67 4.11
N GLU A 83 -2.07 -12.84 4.09
CA GLU A 83 -3.43 -13.35 4.09
C GLU A 83 -3.89 -13.64 2.66
N TYR A 84 -3.35 -12.86 1.74
CA TYR A 84 -3.69 -13.02 0.33
C TYR A 84 -2.46 -13.41 -0.49
N VAL A 85 -1.53 -14.08 0.17
CA VAL A 85 -0.32 -14.52 -0.49
C VAL A 85 -0.47 -15.97 -0.94
N LEU A 86 0.66 -16.64 -1.07
CA LEU A 86 0.66 -18.03 -1.49
C LEU A 86 -0.25 -18.84 -0.56
N LYS A 87 -1.50 -18.97 -0.98
CA LYS A 87 -2.47 -19.72 -0.20
C LYS A 87 -2.56 -21.15 -0.74
N ARG A 88 -3.07 -22.04 0.10
CA ARG A 88 -3.21 -23.43 -0.27
C ARG A 88 -4.41 -24.05 0.43
N ASN A 89 -4.58 -25.35 0.23
CA ASN A 89 -5.68 -26.07 0.85
C ASN A 89 -5.18 -26.81 2.09
N ALA A 90 -4.48 -26.07 2.94
CA ALA A 90 -3.94 -26.63 4.16
C ALA A 90 -2.87 -27.67 3.80
N VAL A 91 -1.67 -27.43 4.31
CA VAL A 91 -0.56 -28.34 4.06
C VAL A 91 -0.72 -29.58 4.93
N PRO A 92 -0.53 -30.76 4.28
CA PRO A 92 -0.65 -32.03 4.98
C PRO A 92 0.58 -32.28 5.86
N GLY A 93 0.67 -33.52 6.34
CA GLY A 93 1.79 -33.90 7.19
C GLY A 93 3.08 -34.02 6.39
N SER A 94 3.59 -35.24 6.31
CA SER A 94 4.81 -35.50 5.57
C SER A 94 5.95 -34.69 6.16
N GLU A 95 6.78 -35.37 6.94
CA GLU A 95 7.92 -34.74 7.58
C GLU A 95 8.73 -35.75 8.38
N THR A 96 10.04 -35.55 8.38
CA THR A 96 10.94 -36.45 9.10
C THR A 96 12.37 -35.92 9.05
N GLU A 97 12.98 -35.86 10.22
CA GLU A 97 14.34 -35.37 10.33
C GLU A 97 14.90 -35.65 11.73
N GLY A 98 16.22 -35.72 11.81
CA GLY A 98 16.88 -35.97 13.08
C GLY A 98 17.67 -37.29 13.02
N GLU A 99 18.88 -37.19 12.50
CA GLU A 99 19.74 -38.36 12.39
C GLU A 99 20.49 -38.59 13.70
N GLU A 100 21.70 -39.12 13.57
CA GLU A 100 22.52 -39.40 14.74
C GLU A 100 23.59 -38.31 14.90
N ALA A 101 24.26 -38.36 16.05
CA ALA A 101 25.30 -37.38 16.34
C ALA A 101 25.97 -37.76 17.66
N MET A 1 5.89 18.07 -7.25
CA MET A 1 4.48 18.19 -7.59
C MET A 1 3.66 18.67 -6.39
N ASP A 2 2.34 18.67 -6.58
CA ASP A 2 1.44 19.08 -5.52
C ASP A 2 0.61 17.88 -5.06
N ILE A 3 0.51 17.75 -3.74
CA ILE A 3 -0.25 16.66 -3.15
C ILE A 3 -1.35 17.23 -2.26
N LYS A 4 -2.54 16.65 -2.38
CA LYS A 4 -3.67 17.08 -1.59
C LYS A 4 -4.34 15.87 -0.94
N ILE A 5 -4.26 15.82 0.38
CA ILE A 5 -4.85 14.73 1.12
C ILE A 5 -6.36 14.77 0.97
N ILE A 6 -6.89 13.71 0.38
CA ILE A 6 -8.34 13.62 0.17
C ILE A 6 -9.00 13.17 1.47
N LYS A 7 -8.78 11.90 1.80
CA LYS A 7 -9.36 11.34 3.00
C LYS A 7 -8.38 10.31 3.60
N ASP A 8 -8.51 10.10 4.90
CA ASP A 8 -7.65 9.15 5.60
C ASP A 8 -8.52 8.15 6.35
N LYS A 9 -8.48 6.91 5.89
CA LYS A 9 -9.26 5.86 6.51
C LYS A 9 -8.32 4.99 7.37
N LYS A 10 -8.87 4.50 8.47
CA LYS A 10 -8.11 3.66 9.37
C LYS A 10 -8.67 2.23 9.34
N ASN A 11 -7.79 1.28 9.55
CA ASN A 11 -8.18 -0.12 9.55
C ASN A 11 -7.25 -0.92 10.46
N PRO A 12 -7.71 -1.11 11.73
CA PRO A 12 -6.92 -1.85 12.70
C PRO A 12 -6.97 -3.35 12.42
N LEU A 13 -7.94 -3.75 11.61
CA LEU A 13 -8.09 -5.14 11.26
C LEU A 13 -6.83 -5.62 10.53
N LEU A 14 -6.54 -4.96 9.41
CA LEU A 14 -5.38 -5.30 8.62
C LEU A 14 -4.14 -4.63 9.22
N ASN A 15 -4.39 -3.60 10.00
CA ASN A 15 -3.31 -2.86 10.64
C ASN A 15 -2.67 -1.90 9.62
N ARG A 16 -3.52 -1.37 8.75
CA ARG A 16 -3.06 -0.45 7.74
C ARG A 16 -3.87 0.85 7.78
N ARG A 17 -3.62 1.69 6.79
CA ARG A 17 -4.32 2.97 6.71
C ARG A 17 -4.51 3.37 5.25
N GLU A 18 -5.78 3.46 4.85
CA GLU A 18 -6.12 3.83 3.50
C GLU A 18 -6.23 5.35 3.37
N LEU A 19 -5.21 5.93 2.74
CA LEU A 19 -5.18 7.38 2.55
C LEU A 19 -5.35 7.70 1.06
N ASP A 20 -6.22 8.67 0.79
CA ASP A 20 -6.47 9.08 -0.58
C ASP A 20 -6.00 10.51 -0.78
N PHE A 21 -5.43 10.76 -1.95
CA PHE A 21 -4.92 12.07 -2.28
C PHE A 21 -4.85 12.27 -3.79
N ILE A 22 -4.60 13.51 -4.19
CA ILE A 22 -4.50 13.84 -5.60
C ILE A 22 -3.14 14.49 -5.87
N VAL A 23 -2.50 14.01 -6.93
CA VAL A 23 -1.20 14.52 -7.30
C VAL A 23 -1.36 15.46 -8.51
N LYS A 24 -0.90 16.69 -8.32
CA LYS A 24 -0.97 17.69 -9.37
C LYS A 24 0.43 18.20 -9.70
N TYR A 25 0.64 18.51 -10.97
CA TYR A 25 1.93 19.00 -11.42
C TYR A 25 1.79 19.73 -12.75
N GLU A 26 2.89 20.35 -13.17
CA GLU A 26 2.91 21.09 -14.42
C GLU A 26 4.16 20.72 -15.23
N GLY A 27 4.29 19.43 -15.49
CA GLY A 27 5.43 18.94 -16.25
C GLY A 27 5.46 17.41 -16.27
N SER A 28 6.66 16.87 -16.20
CA SER A 28 6.84 15.43 -16.20
C SER A 28 5.97 14.79 -15.12
N THR A 29 5.72 13.50 -15.29
CA THR A 29 4.91 12.76 -14.34
C THR A 29 5.77 12.27 -13.17
N PRO A 30 5.22 12.46 -11.94
CA PRO A 30 5.93 12.04 -10.74
C PRO A 30 5.85 10.53 -10.57
N SER A 31 6.91 9.98 -9.98
CA SER A 31 6.97 8.55 -9.75
C SER A 31 6.23 8.18 -8.46
N ARG A 32 6.08 6.89 -8.24
CA ARG A 32 5.40 6.40 -7.06
C ARG A 32 6.24 6.66 -5.81
N ASN A 33 7.56 6.66 -6.01
CA ASN A 33 8.48 6.90 -4.91
C ASN A 33 8.45 8.38 -4.53
N ASP A 34 8.46 9.22 -5.55
CA ASP A 34 8.44 10.65 -5.34
C ASP A 34 7.22 11.02 -4.49
N VAL A 35 6.05 10.64 -4.99
CA VAL A 35 4.80 10.92 -4.31
C VAL A 35 4.86 10.29 -2.91
N ARG A 36 5.50 9.14 -2.84
CA ARG A 36 5.62 8.42 -1.58
C ARG A 36 6.41 9.26 -0.57
N ASN A 37 7.58 9.71 -1.00
CA ASN A 37 8.43 10.52 -0.15
C ASN A 37 7.67 11.79 0.26
N LYS A 38 6.87 12.28 -0.66
CA LYS A 38 6.08 13.48 -0.40
C LYS A 38 5.08 13.20 0.72
N LEU A 39 4.33 12.13 0.54
CA LEU A 39 3.33 11.75 1.53
C LEU A 39 4.03 11.41 2.85
N ALA A 40 5.00 10.51 2.75
CA ALA A 40 5.75 10.11 3.93
C ALA A 40 6.21 11.35 4.70
N ALA A 41 6.55 12.38 3.95
CA ALA A 41 7.00 13.63 4.54
C ALA A 41 5.79 14.38 5.13
N MET A 42 4.68 14.29 4.41
CA MET A 42 3.46 14.95 4.85
C MET A 42 2.89 14.27 6.09
N LEU A 43 2.82 12.94 6.03
CA LEU A 43 2.29 12.17 7.14
C LEU A 43 3.43 11.84 8.11
N ASN A 44 4.60 12.41 7.83
CA ASN A 44 5.76 12.18 8.66
C ASN A 44 5.86 10.70 9.01
N ALA A 45 5.49 9.87 8.04
CA ALA A 45 5.52 8.43 8.24
C ALA A 45 6.65 7.83 7.40
N PRO A 46 7.00 6.57 7.72
CA PRO A 46 8.06 5.86 7.01
C PRO A 46 7.58 5.42 5.62
N LEU A 47 8.48 5.50 4.66
CA LEU A 47 8.17 5.10 3.29
C LEU A 47 7.95 3.60 3.24
N GLU A 48 8.90 2.87 3.82
CA GLU A 48 8.82 1.42 3.84
C GLU A 48 7.42 0.97 4.25
N LEU A 49 6.88 1.65 5.25
CA LEU A 49 5.55 1.33 5.75
C LEU A 49 4.50 1.89 4.77
N LEU A 50 4.89 2.94 4.07
CA LEU A 50 4.00 3.56 3.11
C LEU A 50 4.05 2.80 1.79
N VAL A 51 2.88 2.56 1.22
CA VAL A 51 2.78 1.84 -0.03
C VAL A 51 1.78 2.53 -0.94
N ILE A 52 1.90 2.26 -2.23
CA ILE A 52 1.00 2.86 -3.21
C ILE A 52 0.26 1.75 -3.97
N GLN A 53 -1.06 1.86 -3.95
CA GLN A 53 -1.89 0.88 -4.63
C GLN A 53 -1.69 0.95 -6.14
N ARG A 54 -1.97 2.12 -6.68
CA ARG A 54 -1.82 2.33 -8.11
C ARG A 54 -2.21 3.77 -8.48
N ILE A 55 -1.28 4.46 -9.11
CA ILE A 55 -1.52 5.83 -9.53
C ILE A 55 -2.22 5.85 -10.89
N LYS A 56 -3.14 6.78 -11.05
CA LYS A 56 -3.88 6.91 -12.29
C LYS A 56 -3.73 8.33 -12.82
N THR A 57 -3.09 8.44 -13.98
CA THR A 57 -2.88 9.73 -14.60
C THR A 57 -4.11 10.14 -15.40
N GLU A 58 -4.54 11.38 -15.18
CA GLU A 58 -5.70 11.90 -15.89
C GLU A 58 -5.26 12.77 -17.07
N TYR A 59 -6.23 13.10 -17.90
CA TYR A 59 -5.96 13.93 -19.07
C TYR A 59 -6.87 15.16 -19.10
N GLY A 60 -6.28 16.30 -18.78
CA GLY A 60 -7.02 17.55 -18.77
C GLY A 60 -6.35 18.56 -17.84
N MET A 61 -5.69 18.05 -16.83
CA MET A 61 -5.02 18.90 -15.85
C MET A 61 -3.78 18.20 -15.28
N GLN A 62 -3.23 17.30 -16.08
CA GLN A 62 -2.05 16.56 -15.66
C GLN A 62 -2.12 16.25 -14.15
N GLU A 63 -3.21 15.59 -13.77
CA GLU A 63 -3.41 15.24 -12.37
C GLU A 63 -3.46 13.72 -12.21
N SER A 64 -2.59 13.22 -11.35
CA SER A 64 -2.52 11.79 -11.11
C SER A 64 -2.99 11.48 -9.68
N LYS A 65 -3.88 10.50 -9.58
CA LYS A 65 -4.41 10.11 -8.30
C LYS A 65 -4.01 8.66 -8.00
N GLY A 66 -3.78 8.38 -6.73
CA GLY A 66 -3.40 7.05 -6.31
C GLY A 66 -3.65 6.85 -4.81
N TYR A 67 -4.04 5.63 -4.46
CA TYR A 67 -4.31 5.31 -3.07
C TYR A 67 -3.08 4.68 -2.41
N ALA A 68 -2.66 5.29 -1.32
CA ALA A 68 -1.51 4.81 -0.59
C ALA A 68 -1.98 4.03 0.64
N LYS A 69 -1.09 3.18 1.15
CA LYS A 69 -1.40 2.37 2.31
C LYS A 69 -0.35 2.62 3.40
N LEU A 70 -0.80 3.23 4.49
CA LEU A 70 0.09 3.54 5.59
C LEU A 70 -0.12 2.49 6.70
N TYR A 71 0.97 1.84 7.06
CA TYR A 71 0.93 0.82 8.10
C TYR A 71 1.65 1.29 9.36
N GLU A 72 1.41 0.58 10.45
CA GLU A 72 2.02 0.91 11.73
C GLU A 72 3.37 0.21 11.86
N ASP A 73 3.50 -0.90 11.15
CA ASP A 73 4.74 -1.67 11.18
C ASP A 73 4.86 -2.48 9.90
N ALA A 74 6.08 -2.88 9.60
CA ALA A 74 6.35 -3.67 8.40
C ALA A 74 5.99 -5.14 8.68
N ASP A 75 6.29 -5.57 9.90
CA ASP A 75 6.01 -6.93 10.29
C ASP A 75 4.56 -7.28 9.93
N ARG A 76 3.68 -6.35 10.23
CA ARG A 76 2.26 -6.55 9.94
C ARG A 76 2.04 -6.59 8.43
N MET A 77 2.60 -5.62 7.74
CA MET A 77 2.47 -5.54 6.29
C MET A 77 2.83 -6.87 5.64
N LYS A 78 3.87 -7.49 6.18
CA LYS A 78 4.33 -8.77 5.66
C LYS A 78 3.23 -9.82 5.84
N GLN A 79 2.88 -10.05 7.10
CA GLN A 79 1.85 -11.02 7.42
C GLN A 79 0.55 -10.67 6.70
N VAL A 80 0.36 -9.38 6.46
CA VAL A 80 -0.83 -8.91 5.78
C VAL A 80 -0.74 -9.28 4.30
N GLU A 81 0.39 -8.94 3.71
CA GLU A 81 0.61 -9.23 2.30
C GLU A 81 0.81 -10.73 2.08
N GLN A 82 0.89 -11.44 3.21
CA GLN A 82 1.08 -12.88 3.15
C GLN A 82 -0.27 -13.60 3.19
N GLU A 83 -1.32 -12.80 3.28
CA GLU A 83 -2.68 -13.34 3.32
C GLU A 83 -3.18 -13.64 1.91
N TYR A 84 -2.60 -12.92 0.95
CA TYR A 84 -2.98 -13.10 -0.44
C TYR A 84 -1.80 -13.62 -1.26
N VAL A 85 -0.92 -14.34 -0.58
CA VAL A 85 0.25 -14.90 -1.25
C VAL A 85 -0.06 -16.32 -1.71
N LEU A 86 0.97 -17.14 -1.73
CA LEU A 86 0.83 -18.53 -2.16
C LEU A 86 -0.11 -19.25 -1.18
N LYS A 87 -1.39 -19.25 -1.54
CA LYS A 87 -2.39 -19.90 -0.70
C LYS A 87 -2.79 -21.23 -1.35
N ARG A 88 -3.39 -22.09 -0.54
CA ARG A 88 -3.83 -23.39 -1.01
C ARG A 88 -5.02 -23.88 -0.19
N ASN A 89 -5.59 -24.99 -0.64
CA ASN A 89 -6.73 -25.57 0.05
C ASN A 89 -6.93 -27.01 -0.43
N ALA A 90 -5.84 -27.77 -0.37
CA ALA A 90 -5.88 -29.16 -0.78
C ALA A 90 -4.70 -29.91 -0.16
N VAL A 91 -5.01 -31.06 0.43
CA VAL A 91 -4.00 -31.87 1.07
C VAL A 91 -2.87 -32.15 0.06
N PRO A 92 -1.64 -31.70 0.45
CA PRO A 92 -0.48 -31.90 -0.40
C PRO A 92 0.00 -33.36 -0.36
N GLY A 93 1.22 -33.56 -0.83
CA GLY A 93 1.79 -34.89 -0.85
C GLY A 93 2.18 -35.34 0.56
N SER A 94 3.43 -35.80 0.69
CA SER A 94 3.93 -36.25 1.97
C SER A 94 5.46 -36.20 1.98
N GLU A 95 6.05 -37.27 2.49
CA GLU A 95 7.50 -37.37 2.55
C GLU A 95 7.91 -38.78 2.97
N THR A 96 9.05 -39.21 2.43
CA THR A 96 9.57 -40.54 2.74
C THR A 96 10.85 -40.79 1.95
N GLU A 97 11.86 -41.29 2.66
CA GLU A 97 13.13 -41.59 2.05
C GLU A 97 13.98 -42.47 2.97
N GLY A 98 14.77 -43.33 2.35
CA GLY A 98 15.64 -44.22 3.11
C GLY A 98 15.71 -45.60 2.45
N GLU A 99 16.91 -46.17 2.46
CA GLU A 99 17.12 -47.48 1.88
C GLU A 99 18.55 -47.96 2.14
N GLU A 100 18.67 -49.24 2.43
CA GLU A 100 19.97 -49.82 2.71
C GLU A 100 19.84 -51.33 2.92
N ALA A 101 20.67 -52.07 2.20
CA ALA A 101 20.65 -53.53 2.30
C ALA A 101 21.46 -54.11 1.14
N MET A 1 5.72 18.63 -7.53
CA MET A 1 4.29 18.45 -7.69
C MET A 1 3.54 18.90 -6.43
N ASP A 2 2.22 18.82 -6.50
CA ASP A 2 1.38 19.20 -5.38
C ASP A 2 0.45 18.04 -5.01
N ILE A 3 0.42 17.74 -3.73
CA ILE A 3 -0.42 16.66 -3.23
C ILE A 3 -1.52 17.24 -2.34
N LYS A 4 -2.65 16.56 -2.34
CA LYS A 4 -3.79 16.99 -1.55
C LYS A 4 -4.44 15.77 -0.89
N ILE A 5 -4.38 15.76 0.44
CA ILE A 5 -4.95 14.67 1.20
C ILE A 5 -6.48 14.71 1.08
N ILE A 6 -7.02 13.70 0.41
CA ILE A 6 -8.45 13.61 0.22
C ILE A 6 -9.11 13.18 1.53
N LYS A 7 -8.84 11.94 1.91
CA LYS A 7 -9.41 11.39 3.13
C LYS A 7 -8.42 10.39 3.74
N ASP A 8 -8.61 10.12 5.02
CA ASP A 8 -7.74 9.19 5.72
C ASP A 8 -8.61 8.18 6.49
N LYS A 9 -8.59 6.95 6.00
CA LYS A 9 -9.36 5.88 6.63
C LYS A 9 -8.45 5.08 7.55
N LYS A 10 -9.04 4.62 8.65
CA LYS A 10 -8.30 3.84 9.63
C LYS A 10 -8.65 2.36 9.46
N ASN A 11 -7.62 1.53 9.58
CA ASN A 11 -7.81 0.09 9.44
C ASN A 11 -6.94 -0.63 10.46
N PRO A 12 -7.47 -0.72 11.71
CA PRO A 12 -6.76 -1.38 12.79
C PRO A 12 -6.80 -2.90 12.63
N LEU A 13 -7.77 -3.35 11.85
CA LEU A 13 -7.93 -4.77 11.60
C LEU A 13 -6.67 -5.32 10.93
N LEU A 14 -6.42 -4.81 9.73
CA LEU A 14 -5.26 -5.24 8.97
C LEU A 14 -4.01 -4.54 9.50
N ASN A 15 -4.25 -3.54 10.36
CA ASN A 15 -3.17 -2.78 10.95
C ASN A 15 -2.57 -1.85 9.89
N ARG A 16 -3.43 -1.37 9.02
CA ARG A 16 -3.00 -0.47 7.96
C ARG A 16 -3.83 0.82 7.98
N ARG A 17 -3.64 1.62 6.94
CA ARG A 17 -4.36 2.88 6.83
C ARG A 17 -4.58 3.24 5.36
N GLU A 18 -5.84 3.44 5.00
CA GLU A 18 -6.17 3.79 3.64
C GLU A 18 -6.29 5.32 3.49
N LEU A 19 -5.28 5.88 2.85
CA LEU A 19 -5.25 7.32 2.64
C LEU A 19 -5.40 7.61 1.15
N ASP A 20 -6.26 8.58 0.85
CA ASP A 20 -6.51 8.96 -0.53
C ASP A 20 -6.10 10.42 -0.73
N PHE A 21 -5.47 10.68 -1.87
CA PHE A 21 -5.01 12.02 -2.19
C PHE A 21 -4.91 12.22 -3.70
N ILE A 22 -4.67 13.46 -4.09
CA ILE A 22 -4.55 13.79 -5.50
C ILE A 22 -3.20 14.47 -5.75
N VAL A 23 -2.53 14.01 -6.80
CA VAL A 23 -1.23 14.56 -7.16
C VAL A 23 -1.40 15.49 -8.36
N LYS A 24 -1.03 16.74 -8.15
CA LYS A 24 -1.13 17.74 -9.21
C LYS A 24 0.28 18.20 -9.59
N TYR A 25 0.40 18.68 -10.83
CA TYR A 25 1.67 19.16 -11.33
C TYR A 25 1.51 19.80 -12.71
N GLU A 26 2.56 20.48 -13.13
CA GLU A 26 2.55 21.15 -14.43
C GLU A 26 3.71 20.64 -15.29
N GLY A 27 3.43 19.55 -16.01
CA GLY A 27 4.43 18.96 -16.88
C GLY A 27 5.16 17.80 -16.17
N SER A 28 5.75 16.94 -16.98
CA SER A 28 6.48 15.80 -16.46
C SER A 28 5.54 14.94 -15.59
N THR A 29 5.96 13.69 -15.39
CA THR A 29 5.18 12.77 -14.59
C THR A 29 5.99 12.28 -13.39
N PRO A 30 5.45 12.56 -12.18
CA PRO A 30 6.11 12.15 -10.95
C PRO A 30 5.95 10.65 -10.70
N SER A 31 7.03 10.05 -10.21
CA SER A 31 7.01 8.62 -9.94
C SER A 31 6.38 8.36 -8.57
N ARG A 32 5.99 7.11 -8.36
CA ARG A 32 5.38 6.72 -7.09
C ARG A 32 6.33 7.01 -5.94
N ASN A 33 7.57 6.58 -6.11
CA ASN A 33 8.58 6.78 -5.08
C ASN A 33 8.69 8.27 -4.77
N ASP A 34 8.48 9.08 -5.79
CA ASP A 34 8.55 10.52 -5.65
C ASP A 34 7.35 11.00 -4.84
N VAL A 35 6.17 10.59 -5.29
CA VAL A 35 4.93 10.97 -4.61
C VAL A 35 4.94 10.41 -3.19
N ARG A 36 5.40 9.18 -3.07
CA ARG A 36 5.46 8.52 -1.78
C ARG A 36 6.25 9.38 -0.79
N ASN A 37 7.43 9.79 -1.21
CA ASN A 37 8.28 10.61 -0.37
C ASN A 37 7.53 11.87 0.04
N LYS A 38 6.68 12.33 -0.86
CA LYS A 38 5.88 13.52 -0.61
C LYS A 38 4.89 13.23 0.52
N LEU A 39 4.22 12.09 0.42
CA LEU A 39 3.25 11.70 1.42
C LEU A 39 3.98 11.34 2.71
N ALA A 40 4.95 10.44 2.58
CA ALA A 40 5.72 10.00 3.73
C ALA A 40 6.20 11.23 4.52
N ALA A 41 6.57 12.26 3.77
CA ALA A 41 7.05 13.49 4.38
C ALA A 41 5.86 14.26 4.97
N MET A 42 4.74 14.20 4.25
CA MET A 42 3.55 14.89 4.69
C MET A 42 2.98 14.24 5.96
N LEU A 43 2.89 12.92 5.92
CA LEU A 43 2.37 12.17 7.05
C LEU A 43 3.52 11.84 8.01
N ASN A 44 4.69 12.38 7.68
CA ASN A 44 5.87 12.14 8.50
C ASN A 44 5.95 10.67 8.88
N ALA A 45 5.59 9.82 7.92
CA ALA A 45 5.62 8.39 8.14
C ALA A 45 6.74 7.77 7.29
N PRO A 46 7.07 6.50 7.63
CA PRO A 46 8.12 5.79 6.91
C PRO A 46 7.62 5.32 5.55
N LEU A 47 8.50 5.47 4.55
CA LEU A 47 8.16 5.07 3.20
C LEU A 47 7.94 3.55 3.15
N GLU A 48 8.91 2.84 3.70
CA GLU A 48 8.83 1.38 3.73
C GLU A 48 7.43 0.94 4.17
N LEU A 49 6.92 1.61 5.18
CA LEU A 49 5.61 1.30 5.71
C LEU A 49 4.54 1.82 4.75
N LEU A 50 4.89 2.89 4.05
CA LEU A 50 3.98 3.50 3.08
C LEU A 50 4.04 2.72 1.77
N VAL A 51 2.87 2.52 1.19
CA VAL A 51 2.78 1.80 -0.07
C VAL A 51 1.75 2.49 -0.97
N ILE A 52 1.87 2.21 -2.26
CA ILE A 52 0.96 2.80 -3.24
C ILE A 52 0.21 1.68 -3.97
N GLN A 53 -1.11 1.81 -3.98
CA GLN A 53 -1.94 0.82 -4.65
C GLN A 53 -1.79 0.93 -6.17
N ARG A 54 -2.02 2.13 -6.67
CA ARG A 54 -1.92 2.39 -8.09
C ARG A 54 -2.27 3.84 -8.40
N ILE A 55 -1.37 4.50 -9.12
CA ILE A 55 -1.58 5.89 -9.49
C ILE A 55 -2.23 5.96 -10.87
N LYS A 56 -3.11 6.93 -11.02
CA LYS A 56 -3.81 7.12 -12.28
C LYS A 56 -3.60 8.54 -12.78
N THR A 57 -2.84 8.66 -13.86
CA THR A 57 -2.56 9.96 -14.43
C THR A 57 -3.52 10.26 -15.59
N GLU A 58 -3.97 11.49 -15.64
CA GLU A 58 -4.88 11.92 -16.68
C GLU A 58 -4.18 12.85 -17.67
N TYR A 59 -4.81 13.04 -18.81
CA TYR A 59 -4.25 13.89 -19.85
C TYR A 59 -5.18 15.08 -20.12
N GLY A 60 -4.78 16.23 -19.60
CA GLY A 60 -5.55 17.45 -19.78
C GLY A 60 -5.35 18.41 -18.60
N MET A 61 -4.93 17.84 -17.49
CA MET A 61 -4.69 18.63 -16.29
C MET A 61 -3.46 18.13 -15.53
N GLN A 62 -2.68 17.31 -16.21
CA GLN A 62 -1.48 16.73 -15.61
C GLN A 62 -1.73 16.40 -14.14
N GLU A 63 -2.68 15.51 -13.92
CA GLU A 63 -3.03 15.10 -12.58
C GLU A 63 -2.78 13.60 -12.40
N SER A 64 -2.53 13.21 -11.15
CA SER A 64 -2.28 11.82 -10.84
C SER A 64 -2.83 11.49 -9.45
N LYS A 65 -3.73 10.52 -9.42
CA LYS A 65 -4.34 10.10 -8.17
C LYS A 65 -4.00 8.62 -7.91
N GLY A 66 -3.80 8.31 -6.65
CA GLY A 66 -3.47 6.94 -6.26
C GLY A 66 -3.66 6.75 -4.75
N TYR A 67 -4.13 5.56 -4.39
CA TYR A 67 -4.36 5.23 -3.00
C TYR A 67 -3.09 4.64 -2.37
N ALA A 68 -2.80 5.10 -1.17
CA ALA A 68 -1.62 4.64 -0.45
C ALA A 68 -2.08 3.86 0.80
N LYS A 69 -1.17 3.03 1.30
CA LYS A 69 -1.45 2.24 2.48
C LYS A 69 -0.39 2.52 3.55
N LEU A 70 -0.84 3.13 4.63
CA LEU A 70 0.05 3.46 5.73
C LEU A 70 -0.12 2.43 6.85
N TYR A 71 0.98 1.78 7.20
CA TYR A 71 0.96 0.77 8.24
C TYR A 71 1.72 1.26 9.48
N GLU A 72 1.51 0.54 10.58
CA GLU A 72 2.18 0.89 11.83
C GLU A 72 3.56 0.25 11.88
N ASP A 73 3.63 -0.98 11.41
CA ASP A 73 4.90 -1.71 11.40
C ASP A 73 5.06 -2.40 10.05
N ALA A 74 6.31 -2.79 9.77
CA ALA A 74 6.61 -3.46 8.52
C ALA A 74 6.21 -4.94 8.63
N ASP A 75 6.42 -5.48 9.82
CA ASP A 75 6.08 -6.87 10.05
C ASP A 75 4.62 -7.11 9.69
N ARG A 76 3.78 -6.20 10.14
CA ARG A 76 2.35 -6.30 9.86
C ARG A 76 2.10 -6.39 8.36
N MET A 77 2.71 -5.46 7.63
CA MET A 77 2.58 -5.42 6.19
C MET A 77 2.90 -6.79 5.57
N LYS A 78 3.88 -7.45 6.16
CA LYS A 78 4.30 -8.76 5.68
C LYS A 78 3.17 -9.76 5.91
N GLN A 79 2.78 -9.89 7.17
CA GLN A 79 1.72 -10.81 7.54
C GLN A 79 0.42 -10.45 6.81
N VAL A 80 0.22 -9.15 6.64
CA VAL A 80 -0.96 -8.65 5.97
C VAL A 80 -0.96 -9.14 4.52
N GLU A 81 0.18 -8.96 3.87
CA GLU A 81 0.33 -9.37 2.49
C GLU A 81 0.33 -10.89 2.39
N GLN A 82 0.34 -11.53 3.55
CA GLN A 82 0.34 -12.98 3.61
C GLN A 82 -1.08 -13.53 3.48
N GLU A 83 -2.04 -12.60 3.44
CA GLU A 83 -3.43 -12.96 3.32
C GLU A 83 -3.76 -13.35 1.88
N TYR A 84 -3.08 -12.69 0.95
CA TYR A 84 -3.29 -12.96 -0.46
C TYR A 84 -2.10 -13.70 -1.06
N VAL A 85 -1.43 -14.47 -0.22
CA VAL A 85 -0.27 -15.24 -0.65
C VAL A 85 -0.74 -16.56 -1.25
N LEU A 86 0.10 -17.57 -1.11
CA LEU A 86 -0.20 -18.89 -1.64
C LEU A 86 -1.44 -19.43 -0.93
N LYS A 87 -2.58 -19.21 -1.56
CA LYS A 87 -3.85 -19.67 -1.01
C LYS A 87 -4.23 -21.01 -1.64
N ARG A 88 -5.15 -21.70 -0.99
CA ARG A 88 -5.60 -23.00 -1.48
C ARG A 88 -6.99 -22.88 -2.08
N ASN A 89 -7.40 -23.93 -2.76
CA ASN A 89 -8.71 -23.97 -3.39
C ASN A 89 -9.23 -25.40 -3.41
N ALA A 90 -9.14 -26.04 -2.26
CA ALA A 90 -9.60 -27.41 -2.12
C ALA A 90 -9.82 -27.74 -0.65
N VAL A 91 -11.03 -28.18 -0.34
CA VAL A 91 -11.38 -28.52 1.03
C VAL A 91 -10.75 -29.87 1.38
N PRO A 92 -10.30 -29.98 2.65
CA PRO A 92 -9.69 -31.21 3.13
C PRO A 92 -10.74 -32.30 3.38
N GLY A 93 -10.29 -33.39 3.98
CA GLY A 93 -11.18 -34.49 4.28
C GLY A 93 -11.58 -34.49 5.75
N SER A 94 -10.68 -34.99 6.58
CA SER A 94 -10.94 -35.05 8.01
C SER A 94 -11.97 -36.13 8.31
N GLU A 95 -11.52 -37.14 9.05
CA GLU A 95 -12.40 -38.24 9.41
C GLU A 95 -11.65 -39.24 10.31
N THR A 96 -12.40 -39.84 11.23
CA THR A 96 -11.82 -40.81 12.15
C THR A 96 -12.89 -41.31 13.12
N GLU A 97 -12.92 -42.61 13.29
CA GLU A 97 -13.88 -43.23 14.20
C GLU A 97 -13.66 -44.75 14.25
N GLY A 98 -14.10 -45.34 15.35
CA GLY A 98 -13.96 -46.77 15.54
C GLY A 98 -14.17 -47.15 17.00
N GLU A 99 -14.82 -48.29 17.19
CA GLU A 99 -15.10 -48.79 18.54
C GLU A 99 -15.74 -50.17 18.47
N GLU A 100 -15.31 -51.02 19.39
CA GLU A 100 -15.84 -52.38 19.46
C GLU A 100 -15.79 -52.91 20.88
N ALA A 101 -16.96 -53.20 21.42
CA ALA A 101 -17.06 -53.71 22.78
C ALA A 101 -18.52 -53.73 23.20
N MET A 1 5.65 18.19 -7.01
CA MET A 1 4.24 18.12 -7.35
C MET A 1 3.37 18.69 -6.22
N ASP A 2 2.06 18.67 -6.47
CA ASP A 2 1.12 19.17 -5.48
C ASP A 2 0.22 18.02 -5.01
N ILE A 3 0.42 17.63 -3.77
CA ILE A 3 -0.36 16.56 -3.19
C ILE A 3 -1.43 17.14 -2.25
N LYS A 4 -2.63 16.64 -2.40
CA LYS A 4 -3.75 17.10 -1.58
C LYS A 4 -4.44 15.89 -0.95
N ILE A 5 -4.27 15.77 0.36
CA ILE A 5 -4.86 14.67 1.09
C ILE A 5 -6.39 14.73 0.94
N ILE A 6 -6.93 13.70 0.34
CA ILE A 6 -8.37 13.62 0.12
C ILE A 6 -9.05 13.18 1.42
N LYS A 7 -8.80 11.92 1.78
CA LYS A 7 -9.39 11.37 2.98
C LYS A 7 -8.41 10.35 3.59
N ASP A 8 -8.53 10.18 4.90
CA ASP A 8 -7.68 9.25 5.61
C ASP A 8 -8.54 8.24 6.37
N LYS A 9 -8.47 7.00 5.93
CA LYS A 9 -9.23 5.93 6.55
C LYS A 9 -8.33 5.15 7.49
N LYS A 10 -8.91 4.74 8.62
CA LYS A 10 -8.16 3.98 9.61
C LYS A 10 -8.60 2.52 9.56
N ASN A 11 -7.62 1.63 9.66
CA ASN A 11 -7.89 0.21 9.62
C ASN A 11 -6.90 -0.52 10.54
N PRO A 12 -7.26 -0.53 11.86
CA PRO A 12 -6.43 -1.18 12.85
C PRO A 12 -6.56 -2.70 12.76
N LEU A 13 -7.61 -3.13 12.10
CA LEU A 13 -7.86 -4.56 11.93
C LEU A 13 -6.69 -5.19 11.17
N LEU A 14 -6.52 -4.75 9.93
CA LEU A 14 -5.46 -5.26 9.08
C LEU A 14 -4.12 -4.68 9.56
N ASN A 15 -4.22 -3.59 10.29
CA ASN A 15 -3.03 -2.93 10.81
C ASN A 15 -2.43 -2.04 9.71
N ARG A 16 -3.31 -1.34 9.02
CA ARG A 16 -2.87 -0.46 7.94
C ARG A 16 -3.69 0.84 7.96
N ARG A 17 -3.54 1.61 6.89
CA ARG A 17 -4.24 2.87 6.78
C ARG A 17 -4.46 3.23 5.30
N GLU A 18 -5.72 3.43 4.95
CA GLU A 18 -6.07 3.78 3.59
C GLU A 18 -6.20 5.29 3.44
N LEU A 19 -5.22 5.88 2.77
CA LEU A 19 -5.21 7.32 2.55
C LEU A 19 -5.35 7.61 1.06
N ASP A 20 -6.19 8.57 0.75
CA ASP A 20 -6.43 8.96 -0.63
C ASP A 20 -6.02 10.42 -0.83
N PHE A 21 -5.38 10.68 -1.96
CA PHE A 21 -4.93 12.01 -2.28
C PHE A 21 -4.88 12.23 -3.80
N ILE A 22 -4.63 13.48 -4.17
CA ILE A 22 -4.55 13.82 -5.59
C ILE A 22 -3.18 14.46 -5.87
N VAL A 23 -2.54 13.97 -6.93
CA VAL A 23 -1.24 14.47 -7.31
C VAL A 23 -1.40 15.40 -8.52
N LYS A 24 -0.90 16.62 -8.36
CA LYS A 24 -0.98 17.60 -9.43
C LYS A 24 0.41 18.18 -9.69
N TYR A 25 0.59 18.71 -10.89
CA TYR A 25 1.87 19.30 -11.28
C TYR A 25 1.74 20.06 -12.59
N GLU A 26 2.70 20.94 -12.81
CA GLU A 26 2.71 21.74 -14.04
C GLU A 26 3.74 21.18 -15.02
N GLY A 27 3.52 19.93 -15.41
CA GLY A 27 4.41 19.27 -16.34
C GLY A 27 5.13 18.09 -15.69
N SER A 28 5.73 17.26 -16.53
CA SER A 28 6.45 16.09 -16.04
C SER A 28 5.50 15.20 -15.23
N THR A 29 5.92 13.95 -15.08
CA THR A 29 5.11 12.99 -14.34
C THR A 29 5.92 12.44 -13.16
N PRO A 30 5.41 12.72 -11.93
CA PRO A 30 6.06 12.24 -10.72
C PRO A 30 5.84 10.74 -10.51
N SER A 31 6.89 10.09 -10.04
CA SER A 31 6.83 8.66 -9.80
C SER A 31 6.18 8.39 -8.44
N ARG A 32 5.87 7.11 -8.22
CA ARG A 32 5.24 6.71 -6.96
C ARG A 32 6.19 6.99 -5.79
N ASN A 33 7.47 6.78 -6.04
CA ASN A 33 8.48 7.00 -5.01
C ASN A 33 8.49 8.49 -4.64
N ASP A 34 8.55 9.31 -5.67
CA ASP A 34 8.57 10.75 -5.46
C ASP A 34 7.34 11.17 -4.65
N VAL A 35 6.19 10.65 -5.06
CA VAL A 35 4.95 10.96 -4.40
C VAL A 35 4.97 10.35 -2.99
N ARG A 36 5.53 9.16 -2.90
CA ARG A 36 5.61 8.48 -1.62
C ARG A 36 6.41 9.31 -0.62
N ASN A 37 7.60 9.71 -1.05
CA ASN A 37 8.47 10.51 -0.20
C ASN A 37 7.71 11.75 0.28
N LYS A 38 6.86 12.25 -0.61
CA LYS A 38 6.06 13.43 -0.30
C LYS A 38 5.04 13.08 0.79
N LEU A 39 4.31 12.01 0.54
CA LEU A 39 3.30 11.57 1.49
C LEU A 39 3.97 11.21 2.82
N ALA A 40 4.97 10.35 2.72
CA ALA A 40 5.71 9.92 3.89
C ALA A 40 6.11 11.15 4.72
N ALA A 41 6.46 12.21 3.99
CA ALA A 41 6.88 13.44 4.64
C ALA A 41 5.64 14.16 5.19
N MET A 42 4.56 14.07 4.44
CA MET A 42 3.32 14.71 4.85
C MET A 42 2.73 14.03 6.09
N LEU A 43 2.70 12.70 6.04
CA LEU A 43 2.18 11.92 7.15
C LEU A 43 3.31 11.60 8.13
N ASN A 44 4.47 12.19 7.85
CA ASN A 44 5.64 11.98 8.69
C ASN A 44 5.76 10.49 9.02
N ALA A 45 5.46 9.67 8.03
CA ALA A 45 5.54 8.23 8.21
C ALA A 45 6.67 7.67 7.34
N PRO A 46 7.05 6.40 7.64
CA PRO A 46 8.12 5.74 6.90
C PRO A 46 7.63 5.30 5.51
N LEU A 47 8.51 5.41 4.54
CA LEU A 47 8.19 5.02 3.18
C LEU A 47 7.97 3.51 3.12
N GLU A 48 8.93 2.78 3.66
CA GLU A 48 8.86 1.33 3.68
C GLU A 48 7.47 0.87 4.11
N LEU A 49 6.97 1.52 5.16
CA LEU A 49 5.65 1.20 5.68
C LEU A 49 4.58 1.74 4.73
N LEU A 50 4.95 2.80 4.02
CA LEU A 50 4.03 3.43 3.08
C LEU A 50 4.06 2.65 1.76
N VAL A 51 2.88 2.47 1.20
CA VAL A 51 2.76 1.76 -0.06
C VAL A 51 1.73 2.46 -0.95
N ILE A 52 1.85 2.24 -2.25
CA ILE A 52 0.95 2.84 -3.21
C ILE A 52 0.17 1.74 -3.94
N GLN A 53 -1.15 1.88 -3.92
CA GLN A 53 -2.00 0.91 -4.57
C GLN A 53 -1.83 0.97 -6.09
N ARG A 54 -2.23 2.11 -6.65
CA ARG A 54 -2.12 2.31 -8.08
C ARG A 54 -2.47 3.76 -8.44
N ILE A 55 -1.52 4.42 -9.10
CA ILE A 55 -1.71 5.80 -9.50
C ILE A 55 -2.34 5.84 -10.89
N LYS A 56 -3.21 6.82 -11.08
CA LYS A 56 -3.89 6.97 -12.36
C LYS A 56 -3.66 8.40 -12.87
N THR A 57 -2.97 8.48 -14.00
CA THR A 57 -2.67 9.77 -14.60
C THR A 57 -3.71 10.09 -15.68
N GLU A 58 -4.16 11.34 -15.66
CA GLU A 58 -5.14 11.80 -16.63
C GLU A 58 -4.51 12.77 -17.62
N TYR A 59 -5.26 13.07 -18.67
CA TYR A 59 -4.79 13.99 -19.69
C TYR A 59 -5.72 15.20 -19.83
N GLY A 60 -5.26 16.32 -19.31
CA GLY A 60 -6.03 17.55 -19.38
C GLY A 60 -5.69 18.48 -18.20
N MET A 61 -5.32 17.86 -17.10
CA MET A 61 -4.96 18.61 -15.91
C MET A 61 -3.70 18.05 -15.26
N GLN A 62 -3.00 17.21 -16.02
CA GLN A 62 -1.77 16.60 -15.53
C GLN A 62 -1.91 16.27 -14.04
N GLU A 63 -3.05 15.69 -13.70
CA GLU A 63 -3.31 15.32 -12.32
C GLU A 63 -3.35 13.79 -12.18
N SER A 64 -2.54 13.28 -11.26
CA SER A 64 -2.46 11.86 -11.03
C SER A 64 -2.99 11.53 -9.63
N LYS A 65 -3.88 10.55 -9.59
CA LYS A 65 -4.47 10.13 -8.32
C LYS A 65 -4.11 8.67 -8.06
N GLY A 66 -3.84 8.39 -6.79
CA GLY A 66 -3.49 7.03 -6.39
C GLY A 66 -3.63 6.86 -4.88
N TYR A 67 -4.07 5.67 -4.49
CA TYR A 67 -4.26 5.37 -3.08
C TYR A 67 -2.97 4.82 -2.46
N ALA A 68 -2.77 5.17 -1.20
CA ALA A 68 -1.57 4.73 -0.49
C ALA A 68 -2.00 3.95 0.77
N LYS A 69 -1.12 3.08 1.22
CA LYS A 69 -1.38 2.28 2.39
C LYS A 69 -0.32 2.57 3.45
N LEU A 70 -0.77 3.16 4.55
CA LEU A 70 0.13 3.50 5.64
C LEU A 70 0.01 2.44 6.74
N TYR A 71 1.15 1.86 7.08
CA TYR A 71 1.18 0.84 8.11
C TYR A 71 2.00 1.30 9.32
N GLU A 72 1.74 0.66 10.45
CA GLU A 72 2.45 1.00 11.68
C GLU A 72 3.76 0.23 11.76
N ASP A 73 3.73 -0.97 11.21
CA ASP A 73 4.92 -1.82 11.22
C ASP A 73 5.10 -2.47 9.84
N ALA A 74 6.33 -2.84 9.55
CA ALA A 74 6.64 -3.47 8.28
C ALA A 74 6.28 -4.96 8.35
N ASP A 75 6.41 -5.51 9.54
CA ASP A 75 6.11 -6.92 9.74
C ASP A 75 4.66 -7.19 9.33
N ARG A 76 3.76 -6.40 9.90
CA ARG A 76 2.35 -6.54 9.61
C ARG A 76 2.10 -6.44 8.10
N MET A 77 2.75 -5.45 7.50
CA MET A 77 2.61 -5.23 6.07
C MET A 77 2.87 -6.52 5.29
N LYS A 78 3.81 -7.30 5.80
CA LYS A 78 4.16 -8.55 5.16
C LYS A 78 3.06 -9.59 5.43
N GLN A 79 2.78 -9.79 6.71
CA GLN A 79 1.76 -10.74 7.12
C GLN A 79 0.42 -10.38 6.47
N VAL A 80 0.23 -9.09 6.25
CA VAL A 80 -1.00 -8.61 5.63
C VAL A 80 -1.00 -8.99 4.15
N GLU A 81 0.12 -8.70 3.49
CA GLU A 81 0.25 -9.00 2.08
C GLU A 81 0.39 -10.51 1.87
N GLN A 82 0.49 -11.23 2.98
CA GLN A 82 0.62 -12.67 2.93
C GLN A 82 -0.75 -13.32 2.75
N GLU A 83 -1.77 -12.48 2.71
CA GLU A 83 -3.13 -12.95 2.55
C GLU A 83 -3.47 -13.09 1.06
N TYR A 84 -2.87 -12.22 0.27
CA TYR A 84 -3.10 -12.23 -1.16
C TYR A 84 -1.83 -12.65 -1.91
N VAL A 85 -1.02 -13.44 -1.24
CA VAL A 85 0.22 -13.91 -1.83
C VAL A 85 0.02 -15.32 -2.38
N LEU A 86 1.13 -16.00 -2.62
CA LEU A 86 1.08 -17.36 -3.15
C LEU A 86 -0.06 -18.13 -2.47
N LYS A 87 -1.19 -18.17 -3.15
CA LYS A 87 -2.35 -18.87 -2.63
C LYS A 87 -2.63 -20.11 -3.48
N ARG A 88 -3.44 -21.00 -2.93
CA ARG A 88 -3.79 -22.23 -3.63
C ARG A 88 -5.30 -22.27 -3.91
N ASN A 89 -5.67 -23.17 -4.81
CA ASN A 89 -7.07 -23.31 -5.18
C ASN A 89 -7.34 -24.77 -5.58
N ALA A 90 -6.94 -25.67 -4.70
CA ALA A 90 -7.13 -27.10 -4.95
C ALA A 90 -6.62 -27.89 -3.75
N VAL A 91 -7.51 -28.70 -3.19
CA VAL A 91 -7.18 -29.51 -2.05
C VAL A 91 -5.88 -30.28 -2.33
N PRO A 92 -4.95 -30.23 -1.34
CA PRO A 92 -3.67 -30.91 -1.49
C PRO A 92 -3.84 -32.43 -1.30
N GLY A 93 -3.29 -33.17 -2.23
CA GLY A 93 -3.36 -34.62 -2.18
C GLY A 93 -2.72 -35.16 -0.90
N SER A 94 -1.67 -35.94 -1.08
CA SER A 94 -0.96 -36.52 0.05
C SER A 94 0.03 -37.59 -0.45
N GLU A 95 1.29 -37.34 -0.17
CA GLU A 95 2.34 -38.27 -0.58
C GLU A 95 2.92 -38.99 0.65
N THR A 96 4.05 -39.65 0.43
CA THR A 96 4.70 -40.38 1.49
C THR A 96 6.19 -40.02 1.54
N GLU A 97 7.00 -41.02 1.85
CA GLU A 97 8.44 -40.83 1.94
C GLU A 97 9.14 -42.17 2.20
N GLY A 98 9.84 -42.64 1.19
CA GLY A 98 10.55 -43.89 1.29
C GLY A 98 10.24 -44.81 0.10
N GLU A 99 11.20 -45.67 -0.22
CA GLU A 99 11.04 -46.59 -1.32
C GLU A 99 11.67 -47.95 -0.97
N GLU A 100 12.11 -48.64 -2.01
CA GLU A 100 12.74 -49.94 -1.84
C GLU A 100 13.22 -50.49 -3.18
N ALA A 101 14.30 -51.25 -3.12
CA ALA A 101 14.87 -51.84 -4.31
C ALA A 101 16.27 -52.38 -4.00
N MET A 1 5.84 18.62 -7.31
CA MET A 1 4.41 18.43 -7.52
C MET A 1 3.61 18.89 -6.31
N ASP A 2 2.30 18.80 -6.43
CA ASP A 2 1.41 19.20 -5.35
C ASP A 2 0.48 18.03 -4.99
N ILE A 3 0.40 17.75 -3.70
CA ILE A 3 -0.45 16.67 -3.22
C ILE A 3 -1.54 17.24 -2.32
N LYS A 4 -2.71 16.62 -2.39
CA LYS A 4 -3.84 17.05 -1.59
C LYS A 4 -4.49 15.84 -0.93
N ILE A 5 -4.38 15.79 0.39
CA ILE A 5 -4.94 14.69 1.15
C ILE A 5 -6.46 14.73 1.03
N ILE A 6 -7.00 13.74 0.32
CA ILE A 6 -8.43 13.65 0.12
C ILE A 6 -9.10 13.22 1.42
N LYS A 7 -8.85 11.97 1.80
CA LYS A 7 -9.41 11.43 3.01
C LYS A 7 -8.41 10.45 3.65
N ASP A 8 -8.60 10.21 4.94
CA ASP A 8 -7.72 9.31 5.66
C ASP A 8 -8.57 8.26 6.39
N LYS A 9 -8.45 7.03 5.93
CA LYS A 9 -9.19 5.93 6.52
C LYS A 9 -8.23 5.02 7.30
N LYS A 10 -8.73 4.51 8.41
CA LYS A 10 -7.92 3.63 9.25
C LYS A 10 -8.51 2.22 9.21
N ASN A 11 -7.62 1.24 9.33
CA ASN A 11 -8.03 -0.15 9.30
C ASN A 11 -7.24 -0.93 10.35
N PRO A 12 -7.86 -1.08 11.55
CA PRO A 12 -7.22 -1.79 12.65
C PRO A 12 -7.27 -3.30 12.41
N LEU A 13 -8.13 -3.70 11.47
CA LEU A 13 -8.27 -5.11 11.15
C LEU A 13 -6.99 -5.60 10.46
N LEU A 14 -6.71 -5.01 9.31
CA LEU A 14 -5.54 -5.38 8.54
C LEU A 14 -4.30 -4.72 9.16
N ASN A 15 -4.57 -3.75 10.02
CA ASN A 15 -3.49 -3.02 10.68
C ASN A 15 -2.80 -2.09 9.68
N ARG A 16 -3.62 -1.39 8.92
CA ARG A 16 -3.10 -0.47 7.92
C ARG A 16 -3.88 0.85 7.95
N ARG A 17 -3.59 1.69 6.97
CA ARG A 17 -4.26 2.99 6.88
C ARG A 17 -4.45 3.37 5.41
N GLU A 18 -5.70 3.55 5.04
CA GLU A 18 -6.05 3.92 3.68
C GLU A 18 -6.12 5.44 3.55
N LEU A 19 -5.20 5.98 2.75
CA LEU A 19 -5.16 7.42 2.53
C LEU A 19 -5.34 7.71 1.05
N ASP A 20 -6.20 8.69 0.77
CA ASP A 20 -6.46 9.07 -0.61
C ASP A 20 -6.05 10.53 -0.82
N PHE A 21 -5.44 10.77 -1.97
CA PHE A 21 -5.00 12.12 -2.31
C PHE A 21 -4.87 12.30 -3.82
N ILE A 22 -4.67 13.55 -4.22
CA ILE A 22 -4.54 13.86 -5.64
C ILE A 22 -3.18 14.51 -5.88
N VAL A 23 -2.52 14.04 -6.92
CA VAL A 23 -1.20 14.56 -7.28
C VAL A 23 -1.35 15.52 -8.48
N LYS A 24 -0.92 16.76 -8.25
CA LYS A 24 -1.00 17.77 -9.29
C LYS A 24 0.42 18.24 -9.64
N TYR A 25 0.58 18.67 -10.89
CA TYR A 25 1.87 19.15 -11.35
C TYR A 25 1.71 19.96 -12.64
N GLU A 26 2.81 20.58 -13.05
CA GLU A 26 2.82 21.38 -14.26
C GLU A 26 4.00 21.00 -15.15
N GLY A 27 4.05 19.73 -15.50
CA GLY A 27 5.12 19.23 -16.35
C GLY A 27 5.31 17.72 -16.15
N SER A 28 6.57 17.32 -16.18
CA SER A 28 6.91 15.91 -16.01
C SER A 28 6.04 15.30 -14.90
N THR A 29 5.60 14.08 -15.14
CA THR A 29 4.76 13.38 -14.19
C THR A 29 5.61 12.89 -13.01
N PRO A 30 5.01 12.98 -11.80
CA PRO A 30 5.71 12.55 -10.59
C PRO A 30 5.72 11.03 -10.49
N SER A 31 6.78 10.51 -9.88
CA SER A 31 6.94 9.08 -9.71
C SER A 31 6.32 8.64 -8.39
N ARG A 32 6.16 7.33 -8.26
CA ARG A 32 5.58 6.76 -7.05
C ARG A 32 6.48 7.03 -5.85
N ASN A 33 7.78 6.84 -6.07
CA ASN A 33 8.76 7.06 -5.02
C ASN A 33 8.80 8.55 -4.68
N ASP A 34 8.43 9.37 -5.64
CA ASP A 34 8.42 10.81 -5.45
C ASP A 34 7.21 11.20 -4.60
N VAL A 35 6.06 10.64 -4.97
CA VAL A 35 4.83 10.92 -4.25
C VAL A 35 4.90 10.29 -2.86
N ARG A 36 5.43 9.08 -2.82
CA ARG A 36 5.57 8.36 -1.56
C ARG A 36 6.40 9.18 -0.57
N ASN A 37 7.59 9.56 -1.01
CA ASN A 37 8.48 10.34 -0.18
C ASN A 37 7.77 11.62 0.26
N LYS A 38 7.01 12.18 -0.66
CA LYS A 38 6.27 13.41 -0.36
C LYS A 38 5.25 13.13 0.74
N LEU A 39 4.43 12.11 0.52
CA LEU A 39 3.42 11.74 1.48
C LEU A 39 4.09 11.37 2.81
N ALA A 40 5.04 10.45 2.73
CA ALA A 40 5.76 10.01 3.91
C ALA A 40 6.22 11.23 4.71
N ALA A 41 6.58 12.28 3.97
CA ALA A 41 7.03 13.51 4.60
C ALA A 41 5.82 14.25 5.18
N MET A 42 4.72 14.17 4.46
CA MET A 42 3.49 14.84 4.89
C MET A 42 2.94 14.17 6.16
N LEU A 43 2.89 12.86 6.13
CA LEU A 43 2.38 12.09 7.26
C LEU A 43 3.54 11.72 8.18
N ASN A 44 4.71 12.27 7.87
CA ASN A 44 5.89 12.00 8.66
C ASN A 44 5.95 10.52 9.02
N ALA A 45 5.52 9.70 8.05
CA ALA A 45 5.51 8.26 8.25
C ALA A 45 6.64 7.63 7.44
N PRO A 46 6.95 6.35 7.78
CA PRO A 46 8.00 5.62 7.08
C PRO A 46 7.54 5.17 5.70
N LEU A 47 8.47 5.22 4.75
CA LEU A 47 8.16 4.82 3.39
C LEU A 47 7.92 3.32 3.34
N GLU A 48 8.85 2.57 3.93
CA GLU A 48 8.73 1.13 3.96
C GLU A 48 7.32 0.71 4.34
N LEU A 49 6.73 1.48 5.26
CA LEU A 49 5.38 1.20 5.71
C LEU A 49 4.38 1.81 4.73
N LEU A 50 4.81 2.88 4.09
CA LEU A 50 3.96 3.56 3.13
C LEU A 50 4.05 2.85 1.77
N VAL A 51 2.89 2.48 1.27
CA VAL A 51 2.82 1.78 -0.01
C VAL A 51 1.79 2.47 -0.90
N ILE A 52 1.90 2.20 -2.20
CA ILE A 52 0.98 2.78 -3.17
C ILE A 52 0.22 1.66 -3.87
N GLN A 53 -1.10 1.83 -3.90
CA GLN A 53 -1.96 0.85 -4.55
C GLN A 53 -1.81 0.91 -6.07
N ARG A 54 -2.17 2.07 -6.61
CA ARG A 54 -2.08 2.28 -8.05
C ARG A 54 -2.47 3.71 -8.40
N ILE A 55 -1.56 4.39 -9.09
CA ILE A 55 -1.79 5.77 -9.49
C ILE A 55 -2.45 5.78 -10.87
N LYS A 56 -3.35 6.73 -11.06
CA LYS A 56 -4.05 6.88 -12.32
C LYS A 56 -3.87 8.30 -12.86
N THR A 57 -3.19 8.38 -14.00
CA THR A 57 -2.94 9.67 -14.62
C THR A 57 -4.03 9.99 -15.64
N GLU A 58 -4.53 11.21 -15.56
CA GLU A 58 -5.57 11.65 -16.48
C GLU A 58 -4.97 11.96 -17.85
N TYR A 59 -5.84 12.44 -18.73
CA TYR A 59 -5.41 12.78 -20.08
C TYR A 59 -5.33 14.29 -20.27
N GLY A 60 -4.10 14.77 -20.35
CA GLY A 60 -3.86 16.21 -20.52
C GLY A 60 -4.56 17.01 -19.42
N MET A 61 -4.49 16.48 -18.22
CA MET A 61 -5.10 17.14 -17.07
C MET A 61 -4.07 17.41 -15.97
N GLN A 62 -2.83 17.05 -16.27
CA GLN A 62 -1.75 17.25 -15.32
C GLN A 62 -2.23 16.96 -13.90
N GLU A 63 -2.73 15.75 -13.71
CA GLU A 63 -3.23 15.34 -12.41
C GLU A 63 -3.26 13.82 -12.31
N SER A 64 -2.60 13.31 -11.28
CA SER A 64 -2.55 11.87 -11.06
C SER A 64 -2.99 11.55 -9.63
N LYS A 65 -3.87 10.55 -9.53
CA LYS A 65 -4.38 10.13 -8.24
C LYS A 65 -3.97 8.68 -7.99
N GLY A 66 -3.70 8.39 -6.72
CA GLY A 66 -3.30 7.05 -6.33
C GLY A 66 -3.51 6.83 -4.83
N TYR A 67 -3.99 5.64 -4.50
CA TYR A 67 -4.23 5.29 -3.12
C TYR A 67 -2.99 4.69 -2.46
N ALA A 68 -2.68 5.20 -1.28
CA ALA A 68 -1.52 4.73 -0.54
C ALA A 68 -1.98 3.98 0.71
N LYS A 69 -1.12 3.08 1.17
CA LYS A 69 -1.44 2.29 2.36
C LYS A 69 -0.37 2.55 3.42
N LEU A 70 -0.80 3.20 4.50
CA LEU A 70 0.10 3.51 5.60
C LEU A 70 -0.08 2.48 6.71
N TYR A 71 1.03 1.83 7.06
CA TYR A 71 1.01 0.82 8.10
C TYR A 71 1.68 1.34 9.38
N GLU A 72 1.42 0.64 10.47
CA GLU A 72 1.98 1.01 11.76
C GLU A 72 3.33 0.32 11.96
N ASP A 73 3.40 -0.92 11.49
CA ASP A 73 4.62 -1.70 11.63
C ASP A 73 4.97 -2.32 10.27
N ALA A 74 6.20 -2.78 10.17
CA ALA A 74 6.67 -3.40 8.93
C ALA A 74 6.27 -4.87 8.92
N ASP A 75 6.42 -5.51 10.07
CA ASP A 75 6.06 -6.91 10.20
C ASP A 75 4.63 -7.12 9.72
N ARG A 76 3.74 -6.29 10.26
CA ARG A 76 2.33 -6.38 9.90
C ARG A 76 2.17 -6.27 8.39
N MET A 77 2.75 -5.22 7.83
CA MET A 77 2.68 -4.99 6.40
C MET A 77 3.05 -6.25 5.62
N LYS A 78 4.20 -6.81 5.96
CA LYS A 78 4.68 -8.01 5.31
C LYS A 78 3.61 -9.10 5.41
N GLN A 79 3.17 -9.34 6.64
CA GLN A 79 2.16 -10.35 6.89
C GLN A 79 0.86 -9.99 6.17
N VAL A 80 0.63 -8.69 6.05
CA VAL A 80 -0.56 -8.19 5.39
C VAL A 80 -0.49 -8.51 3.89
N GLU A 81 0.66 -8.19 3.30
CA GLU A 81 0.88 -8.44 1.89
C GLU A 81 1.06 -9.94 1.64
N GLN A 82 1.14 -10.69 2.73
CA GLN A 82 1.32 -12.13 2.65
C GLN A 82 -0.02 -12.81 2.38
N GLU A 83 -1.07 -12.00 2.37
CA GLU A 83 -2.40 -12.52 2.12
C GLU A 83 -2.69 -12.57 0.62
N TYR A 84 -2.08 -11.63 -0.10
CA TYR A 84 -2.26 -11.56 -1.53
C TYR A 84 -1.00 -12.01 -2.27
N VAL A 85 -0.26 -12.89 -1.61
CA VAL A 85 0.98 -13.41 -2.19
C VAL A 85 0.70 -14.77 -2.83
N LEU A 86 1.78 -15.52 -3.03
CA LEU A 86 1.65 -16.83 -3.63
C LEU A 86 0.47 -17.58 -3.02
N LYS A 87 -0.64 -17.53 -3.73
CA LYS A 87 -1.85 -18.20 -3.27
C LYS A 87 -2.16 -19.40 -4.17
N ARG A 88 -3.02 -20.27 -3.67
CA ARG A 88 -3.39 -21.46 -4.42
C ARG A 88 -4.91 -21.59 -4.47
N ASN A 89 -5.37 -22.54 -5.27
CA ASN A 89 -6.79 -22.78 -5.42
C ASN A 89 -7.03 -24.27 -5.71
N ALA A 90 -6.41 -25.10 -4.89
CA ALA A 90 -6.55 -26.54 -5.04
C ALA A 90 -6.19 -27.23 -3.72
N VAL A 91 -7.16 -27.96 -3.19
CA VAL A 91 -6.96 -28.67 -1.94
C VAL A 91 -5.60 -29.35 -1.95
N PRO A 92 -4.89 -29.22 -0.79
CA PRO A 92 -3.56 -29.82 -0.66
C PRO A 92 -3.65 -31.33 -0.49
N GLY A 93 -2.54 -31.93 -0.09
CA GLY A 93 -2.49 -33.36 0.13
C GLY A 93 -3.43 -33.80 1.25
N SER A 94 -2.86 -34.47 2.24
CA SER A 94 -3.64 -34.94 3.37
C SER A 94 -2.79 -34.93 4.63
N GLU A 95 -2.91 -36.00 5.40
CA GLU A 95 -2.16 -36.12 6.64
C GLU A 95 -2.07 -37.60 7.06
N THR A 96 -1.08 -37.88 7.88
CA THR A 96 -0.88 -39.23 8.37
C THR A 96 0.31 -39.30 9.32
N GLU A 97 0.10 -39.94 10.46
CA GLU A 97 1.14 -40.06 11.46
C GLU A 97 1.38 -41.54 11.79
N GLY A 98 1.90 -42.25 10.79
CA GLY A 98 2.19 -43.67 10.96
C GLY A 98 0.95 -44.42 11.43
N GLU A 99 1.16 -45.70 11.75
CA GLU A 99 0.07 -46.53 12.22
C GLU A 99 0.61 -47.90 12.65
N GLU A 100 0.06 -48.40 13.75
CA GLU A 100 0.46 -49.68 14.28
C GLU A 100 -0.59 -50.23 15.25
N ALA A 101 -0.98 -51.47 15.02
CA ALA A 101 -1.98 -52.11 15.86
C ALA A 101 -2.46 -53.39 15.18
N MET A 1 5.65 18.50 -7.15
CA MET A 1 4.23 18.53 -7.44
C MET A 1 3.43 19.00 -6.22
N ASP A 2 2.12 18.97 -6.37
CA ASP A 2 1.24 19.40 -5.30
C ASP A 2 0.36 18.23 -4.86
N ILE A 3 0.42 17.91 -3.58
CA ILE A 3 -0.36 16.81 -3.04
C ILE A 3 -1.50 17.38 -2.17
N LYS A 4 -2.63 16.70 -2.23
CA LYS A 4 -3.80 17.12 -1.46
C LYS A 4 -4.45 15.89 -0.82
N ILE A 5 -4.37 15.84 0.50
CA ILE A 5 -4.96 14.73 1.23
C ILE A 5 -6.47 14.76 1.08
N ILE A 6 -6.98 13.74 0.41
CA ILE A 6 -8.42 13.63 0.18
C ILE A 6 -9.10 13.16 1.46
N LYS A 7 -8.86 11.90 1.81
CA LYS A 7 -9.45 11.33 3.00
C LYS A 7 -8.49 10.28 3.58
N ASP A 8 -8.60 10.09 4.89
CA ASP A 8 -7.75 9.11 5.57
C ASP A 8 -8.64 8.11 6.30
N LYS A 9 -8.57 6.86 5.83
CA LYS A 9 -9.35 5.79 6.44
C LYS A 9 -8.44 4.93 7.31
N LYS A 10 -9.02 4.43 8.39
CA LYS A 10 -8.27 3.59 9.31
C LYS A 10 -8.78 2.15 9.21
N ASN A 11 -7.86 1.21 9.44
CA ASN A 11 -8.20 -0.19 9.37
C ASN A 11 -7.28 -0.98 10.30
N PRO A 12 -7.79 -1.24 11.53
CA PRO A 12 -7.03 -1.97 12.53
C PRO A 12 -7.00 -3.47 12.19
N LEU A 13 -7.90 -3.87 11.31
CA LEU A 13 -7.99 -5.25 10.91
C LEU A 13 -6.72 -5.64 10.15
N LEU A 14 -6.51 -4.98 9.01
CA LEU A 14 -5.34 -5.25 8.19
C LEU A 14 -4.13 -4.54 8.80
N ASN A 15 -4.40 -3.75 9.83
CA ASN A 15 -3.34 -3.02 10.50
C ASN A 15 -2.72 -2.02 9.53
N ARG A 16 -3.55 -1.53 8.63
CA ARG A 16 -3.09 -0.57 7.63
C ARG A 16 -3.94 0.71 7.69
N ARG A 17 -3.67 1.59 6.75
CA ARG A 17 -4.40 2.85 6.68
C ARG A 17 -4.57 3.28 5.22
N GLU A 18 -5.83 3.40 4.81
CA GLU A 18 -6.14 3.81 3.45
C GLU A 18 -6.25 5.33 3.36
N LEU A 19 -5.27 5.92 2.70
CA LEU A 19 -5.23 7.36 2.53
C LEU A 19 -5.40 7.71 1.05
N ASP A 20 -6.27 8.67 0.79
CA ASP A 20 -6.52 9.10 -0.57
C ASP A 20 -6.02 10.53 -0.76
N PHE A 21 -5.39 10.76 -1.90
CA PHE A 21 -4.86 12.08 -2.21
C PHE A 21 -4.78 12.31 -3.72
N ILE A 22 -4.46 13.54 -4.09
CA ILE A 22 -4.37 13.89 -5.50
C ILE A 22 -3.03 14.60 -5.74
N VAL A 23 -2.30 14.11 -6.73
CA VAL A 23 -1.02 14.69 -7.07
C VAL A 23 -1.18 15.55 -8.33
N LYS A 24 -0.95 16.85 -8.13
CA LYS A 24 -1.07 17.79 -9.24
C LYS A 24 0.31 18.38 -9.54
N TYR A 25 0.53 18.67 -10.81
CA TYR A 25 1.79 19.23 -11.25
C TYR A 25 1.64 19.95 -12.60
N GLU A 26 2.60 20.83 -12.87
CA GLU A 26 2.58 21.59 -14.11
C GLU A 26 3.58 21.00 -15.11
N GLY A 27 3.26 19.81 -15.59
CA GLY A 27 4.11 19.13 -16.54
C GLY A 27 4.83 17.95 -15.90
N SER A 28 5.39 17.10 -16.75
CA SER A 28 6.10 15.92 -16.27
C SER A 28 5.19 15.07 -15.40
N THR A 29 5.57 13.81 -15.25
CA THR A 29 4.80 12.88 -14.44
C THR A 29 5.65 12.33 -13.29
N PRO A 30 5.17 12.60 -12.05
CA PRO A 30 5.87 12.15 -10.85
C PRO A 30 5.68 10.65 -10.64
N SER A 31 6.73 10.01 -10.17
CA SER A 31 6.69 8.58 -9.91
C SER A 31 6.07 8.31 -8.54
N ARG A 32 5.89 7.03 -8.26
CA ARG A 32 5.31 6.62 -6.98
C ARG A 32 6.28 6.92 -5.85
N ASN A 33 7.56 6.65 -6.10
CA ASN A 33 8.59 6.88 -5.10
C ASN A 33 8.64 8.37 -4.76
N ASP A 34 8.49 9.18 -5.79
CA ASP A 34 8.51 10.63 -5.61
C ASP A 34 7.29 11.05 -4.80
N VAL A 35 6.13 10.58 -5.24
CA VAL A 35 4.89 10.91 -4.56
C VAL A 35 4.93 10.36 -3.14
N ARG A 36 5.51 9.17 -3.01
CA ARG A 36 5.62 8.53 -1.71
C ARG A 36 6.41 9.41 -0.75
N ASN A 37 7.58 9.85 -1.21
CA ASN A 37 8.42 10.71 -0.41
C ASN A 37 7.63 11.92 0.07
N LYS A 38 6.83 12.46 -0.84
CA LYS A 38 6.01 13.62 -0.53
C LYS A 38 5.04 13.27 0.60
N LEU A 39 4.30 12.18 0.38
CA LEU A 39 3.34 11.73 1.37
C LEU A 39 4.07 11.40 2.69
N ALA A 40 5.08 10.55 2.56
CA ALA A 40 5.86 10.15 3.72
C ALA A 40 6.29 11.39 4.49
N ALA A 41 6.61 12.44 3.75
CA ALA A 41 7.04 13.69 4.35
C ALA A 41 5.82 14.41 4.93
N MET A 42 4.72 14.31 4.21
CA MET A 42 3.48 14.94 4.65
C MET A 42 2.93 14.28 5.91
N LEU A 43 2.90 12.95 5.87
CA LEU A 43 2.40 12.19 7.00
C LEU A 43 3.56 11.86 7.95
N ASN A 44 4.72 12.42 7.61
CA ASN A 44 5.91 12.20 8.42
C ASN A 44 6.00 10.72 8.79
N ALA A 45 5.62 9.88 7.83
CA ALA A 45 5.67 8.44 8.04
C ALA A 45 6.79 7.84 7.20
N PRO A 46 7.17 6.58 7.57
CA PRO A 46 8.22 5.87 6.85
C PRO A 46 7.73 5.38 5.49
N LEU A 47 8.50 5.69 4.46
CA LEU A 47 8.17 5.28 3.11
C LEU A 47 7.92 3.77 3.09
N GLU A 48 8.89 3.04 3.62
CA GLU A 48 8.80 1.59 3.67
C GLU A 48 7.40 1.16 4.11
N LEU A 49 6.97 1.70 5.24
CA LEU A 49 5.67 1.40 5.77
C LEU A 49 4.59 1.90 4.82
N LEU A 50 4.94 2.95 4.09
CA LEU A 50 4.01 3.53 3.13
C LEU A 50 4.05 2.72 1.83
N VAL A 51 2.87 2.51 1.27
CA VAL A 51 2.76 1.77 0.03
C VAL A 51 1.73 2.43 -0.88
N ILE A 52 1.85 2.17 -2.17
CA ILE A 52 0.93 2.74 -3.14
C ILE A 52 0.17 1.61 -3.83
N GLN A 53 -1.14 1.67 -3.73
CA GLN A 53 -1.99 0.67 -4.35
C GLN A 53 -1.87 0.73 -5.87
N ARG A 54 -2.08 1.92 -6.40
CA ARG A 54 -2.00 2.12 -7.85
C ARG A 54 -2.41 3.56 -8.19
N ILE A 55 -1.53 4.21 -8.95
CA ILE A 55 -1.78 5.58 -9.36
C ILE A 55 -2.53 5.58 -10.69
N LYS A 56 -3.43 6.55 -10.83
CA LYS A 56 -4.21 6.66 -12.05
C LYS A 56 -4.04 8.06 -12.63
N THR A 57 -3.41 8.12 -13.79
CA THR A 57 -3.17 9.39 -14.46
C THR A 57 -4.38 9.79 -15.31
N GLU A 58 -4.82 11.02 -15.13
CA GLU A 58 -5.96 11.53 -15.87
C GLU A 58 -5.52 12.03 -17.25
N TYR A 59 -6.46 12.67 -17.93
CA TYR A 59 -6.19 13.19 -19.26
C TYR A 59 -6.24 14.72 -19.27
N GLY A 60 -5.22 15.32 -19.87
CA GLY A 60 -5.14 16.77 -19.95
C GLY A 60 -5.50 17.42 -18.60
N MET A 61 -4.98 16.82 -17.53
CA MET A 61 -5.24 17.32 -16.20
C MET A 61 -3.93 17.68 -15.49
N GLN A 62 -2.83 17.35 -16.14
CA GLN A 62 -1.52 17.63 -15.59
C GLN A 62 -1.47 17.24 -14.10
N GLU A 63 -1.92 16.03 -13.83
CA GLU A 63 -1.94 15.52 -12.47
C GLU A 63 -2.15 14.01 -12.45
N SER A 64 -2.01 13.43 -11.27
CA SER A 64 -2.19 12.00 -11.12
C SER A 64 -2.63 11.68 -9.69
N LYS A 65 -3.45 10.64 -9.58
CA LYS A 65 -3.96 10.22 -8.29
C LYS A 65 -3.51 8.79 -8.00
N GLY A 66 -3.61 8.41 -6.74
CA GLY A 66 -3.22 7.06 -6.33
C GLY A 66 -3.46 6.86 -4.84
N TYR A 67 -3.94 5.67 -4.50
CA TYR A 67 -4.22 5.34 -3.11
C TYR A 67 -3.00 4.73 -2.44
N ALA A 68 -2.66 5.27 -1.28
CA ALA A 68 -1.52 4.79 -0.53
C ALA A 68 -2.01 4.04 0.71
N LYS A 69 -1.17 3.13 1.19
CA LYS A 69 -1.50 2.34 2.36
C LYS A 69 -0.45 2.58 3.45
N LEU A 70 -0.88 3.22 4.52
CA LEU A 70 0.00 3.52 5.64
C LEU A 70 -0.19 2.46 6.73
N TYR A 71 0.92 1.85 7.11
CA TYR A 71 0.90 0.83 8.14
C TYR A 71 1.62 1.31 9.41
N GLU A 72 1.22 0.73 10.53
CA GLU A 72 1.82 1.08 11.81
C GLU A 72 3.20 0.42 11.95
N ASP A 73 3.31 -0.77 11.40
CA ASP A 73 4.55 -1.51 11.45
C ASP A 73 4.79 -2.20 10.11
N ALA A 74 6.02 -2.64 9.92
CA ALA A 74 6.40 -3.33 8.69
C ALA A 74 5.98 -4.79 8.78
N ASP A 75 6.08 -5.33 9.98
CA ASP A 75 5.72 -6.72 10.21
C ASP A 75 4.26 -6.94 9.79
N ARG A 76 3.39 -6.08 10.32
CA ARG A 76 1.98 -6.18 10.01
C ARG A 76 1.76 -6.10 8.49
N MET A 77 2.42 -5.13 7.88
CA MET A 77 2.30 -4.94 6.44
C MET A 77 2.55 -6.25 5.70
N LYS A 78 3.51 -7.01 6.20
CA LYS A 78 3.85 -8.29 5.60
C LYS A 78 2.77 -9.32 5.95
N GLN A 79 2.61 -9.53 7.24
CA GLN A 79 1.62 -10.48 7.73
C GLN A 79 0.29 -10.29 6.99
N VAL A 80 0.06 -9.07 6.56
CA VAL A 80 -1.15 -8.74 5.84
C VAL A 80 -0.96 -9.04 4.35
N GLU A 81 0.23 -8.75 3.87
CA GLU A 81 0.55 -8.99 2.48
C GLU A 81 0.82 -10.47 2.24
N GLN A 82 0.85 -11.23 3.34
CA GLN A 82 1.09 -12.66 3.26
C GLN A 82 -0.12 -13.42 3.79
N GLU A 83 -1.12 -12.67 4.21
CA GLU A 83 -2.34 -13.26 4.74
C GLU A 83 -3.13 -13.94 3.62
N TYR A 84 -2.98 -13.39 2.43
CA TYR A 84 -3.68 -13.93 1.27
C TYR A 84 -2.84 -15.01 0.57
N VAL A 85 -1.97 -15.63 1.35
CA VAL A 85 -1.11 -16.67 0.84
C VAL A 85 -1.45 -18.00 1.52
N LEU A 86 -0.41 -18.74 1.87
CA LEU A 86 -0.58 -20.02 2.53
C LEU A 86 -1.33 -19.82 3.84
N LYS A 87 -2.65 -19.76 3.73
CA LYS A 87 -3.48 -19.57 4.90
C LYS A 87 -3.82 -20.93 5.52
N ARG A 88 -4.78 -20.92 6.43
CA ARG A 88 -5.19 -22.14 7.09
C ARG A 88 -5.59 -23.19 6.07
N ASN A 89 -5.85 -24.40 6.56
CA ASN A 89 -6.24 -25.50 5.70
C ASN A 89 -5.41 -25.45 4.41
N ALA A 90 -4.15 -25.11 4.57
CA ALA A 90 -3.24 -25.02 3.44
C ALA A 90 -2.70 -26.41 3.12
N VAL A 91 -2.71 -26.74 1.83
CA VAL A 91 -2.23 -28.02 1.38
C VAL A 91 -0.79 -28.23 1.87
N PRO A 92 -0.62 -29.26 2.75
CA PRO A 92 0.67 -29.57 3.30
C PRO A 92 1.57 -30.27 2.26
N GLY A 93 2.86 -30.18 2.49
CA GLY A 93 3.83 -30.80 1.59
C GLY A 93 3.77 -32.32 1.70
N SER A 94 4.95 -32.91 1.93
CA SER A 94 5.05 -34.35 2.06
C SER A 94 6.50 -34.79 1.89
N GLU A 95 6.97 -35.53 2.88
CA GLU A 95 8.34 -36.03 2.86
C GLU A 95 8.51 -37.18 3.84
N THR A 96 9.57 -37.95 3.62
CA THR A 96 9.85 -39.09 4.48
C THR A 96 11.15 -39.78 4.04
N GLU A 97 12.01 -40.03 5.02
CA GLU A 97 13.28 -40.67 4.75
C GLU A 97 14.03 -40.94 6.06
N GLY A 98 13.87 -42.16 6.55
CA GLY A 98 14.53 -42.56 7.79
C GLY A 98 14.69 -44.08 7.86
N GLU A 99 15.77 -44.55 7.26
CA GLU A 99 16.06 -45.98 7.24
C GLU A 99 17.57 -46.21 7.25
N GLU A 100 17.97 -47.32 6.64
CA GLU A 100 19.38 -47.67 6.56
C GLU A 100 19.99 -47.75 7.97
N ALA A 101 20.30 -48.97 8.36
CA ALA A 101 20.87 -49.21 9.68
C ALA A 101 21.13 -50.71 9.86
N MET A 1 5.84 17.91 -7.39
CA MET A 1 4.42 18.07 -7.66
C MET A 1 3.67 18.55 -6.42
N ASP A 2 2.36 18.61 -6.55
CA ASP A 2 1.51 19.05 -5.45
C ASP A 2 0.59 17.90 -5.03
N ILE A 3 0.56 17.64 -3.73
CA ILE A 3 -0.27 16.58 -3.20
C ILE A 3 -1.36 17.19 -2.31
N LYS A 4 -2.54 16.58 -2.37
CA LYS A 4 -3.66 17.06 -1.58
C LYS A 4 -4.36 15.87 -0.93
N ILE A 5 -4.20 15.78 0.39
CA ILE A 5 -4.81 14.69 1.14
C ILE A 5 -6.33 14.74 0.98
N ILE A 6 -6.85 13.73 0.30
CA ILE A 6 -8.28 13.64 0.07
C ILE A 6 -8.98 13.24 1.36
N LYS A 7 -8.84 11.96 1.69
CA LYS A 7 -9.45 11.43 2.90
C LYS A 7 -8.46 10.50 3.60
N ASP A 8 -8.72 10.27 4.88
CA ASP A 8 -7.86 9.41 5.68
C ASP A 8 -8.72 8.35 6.38
N LYS A 9 -8.53 7.11 5.95
CA LYS A 9 -9.27 6.01 6.52
C LYS A 9 -8.32 5.11 7.30
N LYS A 10 -8.83 4.59 8.41
CA LYS A 10 -8.03 3.73 9.27
C LYS A 10 -8.62 2.30 9.24
N ASN A 11 -7.74 1.32 9.36
CA ASN A 11 -8.15 -0.06 9.35
C ASN A 11 -7.32 -0.84 10.36
N PRO A 12 -7.87 -0.96 11.59
CA PRO A 12 -7.20 -1.69 12.65
C PRO A 12 -7.28 -3.20 12.43
N LEU A 13 -8.18 -3.59 11.55
CA LEU A 13 -8.37 -5.00 11.24
C LEU A 13 -7.09 -5.55 10.62
N LEU A 14 -6.72 -4.96 9.49
CA LEU A 14 -5.52 -5.38 8.78
C LEU A 14 -4.30 -4.72 9.42
N ASN A 15 -4.56 -3.64 10.14
CA ASN A 15 -3.49 -2.91 10.80
C ASN A 15 -2.82 -1.97 9.81
N ARG A 16 -3.63 -1.45 8.89
CA ARG A 16 -3.13 -0.54 7.88
C ARG A 16 -3.92 0.77 7.90
N ARG A 17 -3.62 1.62 6.94
CA ARG A 17 -4.29 2.91 6.85
C ARG A 17 -4.51 3.28 5.38
N GLU A 18 -5.78 3.55 5.05
CA GLU A 18 -6.14 3.92 3.69
C GLU A 18 -6.20 5.44 3.55
N LEU A 19 -5.24 5.97 2.81
CA LEU A 19 -5.17 7.41 2.60
C LEU A 19 -5.31 7.70 1.11
N ASP A 20 -6.14 8.69 0.81
CA ASP A 20 -6.37 9.08 -0.58
C ASP A 20 -5.91 10.51 -0.78
N PHE A 21 -5.29 10.75 -1.93
CA PHE A 21 -4.79 12.07 -2.26
C PHE A 21 -4.70 12.26 -3.78
N ILE A 22 -4.64 13.52 -4.19
CA ILE A 22 -4.55 13.85 -5.60
C ILE A 22 -3.19 14.49 -5.88
N VAL A 23 -2.57 14.03 -6.96
CA VAL A 23 -1.27 14.54 -7.35
C VAL A 23 -1.45 15.51 -8.52
N LYS A 24 -0.92 16.71 -8.34
CA LYS A 24 -1.00 17.74 -9.36
C LYS A 24 0.39 18.27 -9.66
N TYR A 25 0.61 18.58 -10.93
CA TYR A 25 1.90 19.10 -11.37
C TYR A 25 1.78 19.79 -12.73
N GLU A 26 2.88 20.39 -13.16
CA GLU A 26 2.92 21.08 -14.43
C GLU A 26 4.10 20.59 -15.27
N GLY A 27 3.87 19.50 -15.98
CA GLY A 27 4.92 18.93 -16.83
C GLY A 27 4.94 17.41 -16.70
N SER A 28 6.15 16.87 -16.70
CA SER A 28 6.34 15.43 -16.59
C SER A 28 5.55 14.90 -15.39
N THR A 29 5.29 13.60 -15.43
CA THR A 29 4.54 12.95 -14.36
C THR A 29 5.49 12.56 -13.22
N PRO A 30 4.94 12.65 -11.98
CA PRO A 30 5.72 12.32 -10.80
C PRO A 30 5.89 10.80 -10.66
N SER A 31 6.88 10.40 -9.87
CA SER A 31 7.15 9.00 -9.65
C SER A 31 6.54 8.55 -8.32
N ARG A 32 6.28 7.25 -8.23
CA ARG A 32 5.70 6.68 -7.03
C ARG A 32 6.54 7.05 -5.80
N ASN A 33 7.85 6.89 -5.97
CA ASN A 33 8.78 7.20 -4.89
C ASN A 33 8.66 8.69 -4.53
N ASP A 34 8.52 9.50 -5.57
CA ASP A 34 8.40 10.93 -5.38
C ASP A 34 7.12 11.24 -4.60
N VAL A 35 6.04 10.60 -5.04
CA VAL A 35 4.75 10.79 -4.40
C VAL A 35 4.78 10.17 -3.00
N ARG A 36 5.47 9.04 -2.91
CA ARG A 36 5.59 8.34 -1.65
C ARG A 36 6.36 9.18 -0.63
N ASN A 37 7.54 9.62 -1.05
CA ASN A 37 8.38 10.43 -0.20
C ASN A 37 7.60 11.67 0.24
N LYS A 38 6.81 12.19 -0.69
CA LYS A 38 6.01 13.38 -0.42
C LYS A 38 5.02 13.07 0.71
N LEU A 39 4.28 11.98 0.52
CA LEU A 39 3.29 11.57 1.51
C LEU A 39 4.01 11.26 2.82
N ALA A 40 5.01 10.40 2.74
CA ALA A 40 5.77 10.02 3.92
C ALA A 40 6.18 11.27 4.69
N ALA A 41 6.49 12.32 3.93
CA ALA A 41 6.89 13.58 4.53
C ALA A 41 5.66 14.28 5.10
N MET A 42 4.56 14.17 4.37
CA MET A 42 3.32 14.79 4.79
C MET A 42 2.76 14.12 6.04
N LEU A 43 2.74 12.79 5.99
CA LEU A 43 2.24 12.01 7.12
C LEU A 43 3.38 11.71 8.08
N ASN A 44 4.53 12.30 7.79
CA ASN A 44 5.71 12.11 8.62
C ASN A 44 5.83 10.63 8.99
N ALA A 45 5.50 9.78 8.02
CA ALA A 45 5.56 8.34 8.22
C ALA A 45 6.70 7.77 7.39
N PRO A 46 7.05 6.49 7.70
CA PRO A 46 8.12 5.81 6.98
C PRO A 46 7.65 5.38 5.58
N LEU A 47 8.59 5.32 4.67
CA LEU A 47 8.30 4.93 3.30
C LEU A 47 8.05 3.42 3.25
N GLU A 48 8.98 2.68 3.86
CA GLU A 48 8.88 1.23 3.89
C GLU A 48 7.46 0.80 4.30
N LEU A 49 6.91 1.54 5.24
CA LEU A 49 5.57 1.26 5.72
C LEU A 49 4.54 1.82 4.73
N LEU A 50 4.96 2.87 4.04
CA LEU A 50 4.08 3.51 3.07
C LEU A 50 4.15 2.74 1.74
N VAL A 51 2.98 2.53 1.17
CA VAL A 51 2.89 1.81 -0.09
C VAL A 51 1.87 2.50 -1.00
N ILE A 52 1.96 2.20 -2.28
CA ILE A 52 1.05 2.78 -3.26
C ILE A 52 0.28 1.66 -3.97
N GLN A 53 -1.04 1.79 -3.93
CA GLN A 53 -1.89 0.80 -4.56
C GLN A 53 -1.77 0.88 -6.09
N ARG A 54 -2.08 2.06 -6.61
CA ARG A 54 -2.01 2.28 -8.04
C ARG A 54 -2.36 3.73 -8.38
N ILE A 55 -1.45 4.37 -9.11
CA ILE A 55 -1.65 5.76 -9.50
C ILE A 55 -2.35 5.80 -10.86
N LYS A 56 -3.23 6.78 -11.00
CA LYS A 56 -3.97 6.93 -12.24
C LYS A 56 -3.78 8.37 -12.77
N THR A 57 -3.20 8.46 -13.95
CA THR A 57 -2.95 9.74 -14.57
C THR A 57 -4.10 10.11 -15.53
N GLU A 58 -4.48 11.38 -15.47
CA GLU A 58 -5.55 11.86 -16.33
C GLU A 58 -5.00 12.82 -17.39
N TYR A 59 -5.84 13.10 -18.38
CA TYR A 59 -5.44 13.99 -19.46
C TYR A 59 -6.36 15.21 -19.53
N GLY A 60 -5.84 16.33 -19.04
CA GLY A 60 -6.59 17.57 -19.04
C GLY A 60 -6.02 18.57 -18.03
N MET A 61 -5.58 18.02 -16.91
CA MET A 61 -5.00 18.85 -15.86
C MET A 61 -3.77 18.16 -15.23
N GLN A 62 -3.17 17.29 -16.01
CA GLN A 62 -2.00 16.56 -15.55
C GLN A 62 -2.13 16.23 -14.06
N GLU A 63 -3.24 15.60 -13.72
CA GLU A 63 -3.49 15.23 -12.34
C GLU A 63 -3.47 13.70 -12.19
N SER A 64 -2.65 13.24 -11.24
CA SER A 64 -2.54 11.83 -10.99
C SER A 64 -3.04 11.50 -9.57
N LYS A 65 -3.89 10.48 -9.50
CA LYS A 65 -4.45 10.07 -8.23
C LYS A 65 -4.09 8.61 -7.96
N GLY A 66 -3.76 8.33 -6.72
CA GLY A 66 -3.38 6.98 -6.32
C GLY A 66 -3.54 6.78 -4.81
N TYR A 67 -4.06 5.62 -4.45
CA TYR A 67 -4.26 5.29 -3.06
C TYR A 67 -2.99 4.73 -2.43
N ALA A 68 -2.72 5.18 -1.21
CA ALA A 68 -1.53 4.73 -0.49
C ALA A 68 -1.96 3.97 0.77
N LYS A 69 -1.08 3.09 1.21
CA LYS A 69 -1.35 2.30 2.40
C LYS A 69 -0.28 2.58 3.46
N LEU A 70 -0.73 3.17 4.55
CA LEU A 70 0.18 3.49 5.65
C LEU A 70 0.06 2.44 6.74
N TYR A 71 1.21 1.84 7.06
CA TYR A 71 1.24 0.80 8.09
C TYR A 71 1.95 1.31 9.35
N GLU A 72 1.55 0.75 10.48
CA GLU A 72 2.13 1.14 11.74
C GLU A 72 3.35 0.28 12.05
N ASP A 73 3.31 -0.96 11.56
CA ASP A 73 4.41 -1.88 11.77
C ASP A 73 4.67 -2.66 10.48
N ALA A 74 5.93 -2.78 10.13
CA ALA A 74 6.32 -3.50 8.93
C ALA A 74 5.96 -4.98 9.08
N ASP A 75 6.18 -5.49 10.28
CA ASP A 75 5.88 -6.88 10.57
C ASP A 75 4.46 -7.20 10.09
N ARG A 76 3.53 -6.36 10.52
CA ARG A 76 2.14 -6.54 10.14
C ARG A 76 1.99 -6.57 8.62
N MET A 77 2.52 -5.54 7.99
CA MET A 77 2.46 -5.44 6.54
C MET A 77 2.91 -6.75 5.88
N LYS A 78 4.10 -7.19 6.27
CA LYS A 78 4.66 -8.41 5.72
C LYS A 78 3.66 -9.56 5.95
N GLN A 79 3.24 -9.69 7.20
CA GLN A 79 2.30 -10.74 7.56
C GLN A 79 1.00 -10.59 6.77
N VAL A 80 0.57 -9.34 6.63
CA VAL A 80 -0.65 -9.03 5.90
C VAL A 80 -0.54 -9.60 4.48
N GLU A 81 0.56 -9.26 3.83
CA GLU A 81 0.80 -9.73 2.47
C GLU A 81 1.25 -11.19 2.48
N GLN A 82 1.49 -11.69 3.68
CA GLN A 82 1.93 -13.07 3.85
C GLN A 82 0.75 -14.03 3.69
N GLU A 83 -0.42 -13.45 3.46
CA GLU A 83 -1.63 -14.23 3.30
C GLU A 83 -1.88 -14.50 1.81
N TYR A 84 -1.44 -13.56 0.98
CA TYR A 84 -1.61 -13.69 -0.45
C TYR A 84 -0.43 -14.44 -1.08
N VAL A 85 0.18 -15.30 -0.28
CA VAL A 85 1.31 -16.08 -0.74
C VAL A 85 0.88 -17.54 -0.90
N LEU A 86 1.67 -18.43 -0.32
CA LEU A 86 1.39 -19.85 -0.39
C LEU A 86 -0.12 -20.07 -0.28
N LYS A 87 -0.74 -20.29 -1.42
CA LYS A 87 -2.18 -20.51 -1.47
C LYS A 87 -2.47 -21.72 -2.36
N ARG A 88 -3.53 -22.42 -2.01
CA ARG A 88 -3.93 -23.60 -2.76
C ARG A 88 -5.44 -23.81 -2.67
N ASN A 89 -5.87 -25.00 -3.04
CA ASN A 89 -7.29 -25.33 -3.01
C ASN A 89 -7.56 -26.28 -1.84
N ALA A 90 -7.13 -25.85 -0.66
CA ALA A 90 -7.33 -26.65 0.54
C ALA A 90 -6.47 -27.92 0.45
N VAL A 91 -5.65 -28.12 1.47
CA VAL A 91 -4.77 -29.28 1.52
C VAL A 91 -5.42 -30.36 2.39
N PRO A 92 -5.37 -31.62 1.86
CA PRO A 92 -5.94 -32.74 2.58
C PRO A 92 -5.05 -33.16 3.74
N GLY A 93 -5.32 -34.35 4.25
CA GLY A 93 -4.55 -34.88 5.37
C GLY A 93 -3.20 -35.43 4.90
N SER A 94 -2.91 -36.65 5.33
CA SER A 94 -1.66 -37.30 4.96
C SER A 94 -1.45 -38.55 5.82
N GLU A 95 -1.25 -39.67 5.14
CA GLU A 95 -1.04 -40.93 5.82
C GLU A 95 -0.52 -41.98 4.84
N THR A 96 0.50 -42.71 5.28
CA THR A 96 1.10 -43.74 4.46
C THR A 96 1.44 -44.97 5.31
N GLU A 97 0.92 -44.97 6.52
CA GLU A 97 1.16 -46.08 7.43
C GLU A 97 2.65 -46.22 7.70
N GLY A 98 2.97 -47.08 8.67
CA GLY A 98 4.36 -47.32 9.03
C GLY A 98 4.49 -47.55 10.54
N GLU A 99 5.52 -48.32 10.90
CA GLU A 99 5.77 -48.63 12.30
C GLU A 99 7.27 -48.63 12.57
N GLU A 100 7.66 -49.41 13.57
CA GLU A 100 9.05 -49.52 13.94
C GLU A 100 9.22 -50.49 15.11
N ALA A 101 9.53 -51.74 14.76
CA ALA A 101 9.71 -52.78 15.77
C ALA A 101 10.15 -54.07 15.09
#